data_8J9R
# 
_entry.id   8J9R 
# 
_audit_conform.dict_name       mmcif_pdbx.dic 
_audit_conform.dict_version    5.380 
_audit_conform.dict_location   http://mmcif.pdb.org/dictionaries/ascii/mmcif_pdbx.dic 
# 
loop_
_database_2.database_id 
_database_2.database_code 
_database_2.pdbx_database_accession 
_database_2.pdbx_DOI 
PDB   8J9R         pdb_00008j9r 10.2210/pdb8j9r/pdb 
WWPDB D_1300037486 ?            ?                   
# 
_pdbx_database_status.status_code                     REL 
_pdbx_database_status.status_code_sf                  REL 
_pdbx_database_status.status_code_mr                  ? 
_pdbx_database_status.entry_id                        8J9R 
_pdbx_database_status.recvd_initial_deposition_date   2023-05-04 
_pdbx_database_status.SG_entry                        N 
_pdbx_database_status.deposit_site                    PDBJ 
_pdbx_database_status.process_site                    PDBJ 
_pdbx_database_status.status_code_cs                  ? 
_pdbx_database_status.status_code_nmr_data            ? 
_pdbx_database_status.methods_development_category    ? 
_pdbx_database_status.pdb_format_compatible           Y 
# 
loop_
_audit_author.name 
_audit_author.pdbx_ordinal 
_audit_author.identifier_ORCID 
'Jeong, D.-E.' 1 0009-0000-5636-1137 
'Kim, S.-J.'   2 0000-0003-0293-6972 
'Shin, H.-C.'  3 0000-0001-7878-0367 
# 
loop_
_citation.abstract 
_citation.abstract_id_CAS 
_citation.book_id_ISBN 
_citation.book_publisher 
_citation.book_publisher_city 
_citation.book_title 
_citation.coordinate_linkage 
_citation.country 
_citation.database_id_Medline 
_citation.details 
_citation.id 
_citation.journal_abbrev 
_citation.journal_id_ASTM 
_citation.journal_id_CSD 
_citation.journal_id_ISSN 
_citation.journal_full 
_citation.journal_issue 
_citation.journal_volume 
_citation.language 
_citation.page_first 
_citation.page_last 
_citation.title 
_citation.year 
_citation.database_id_CSD 
_citation.pdbx_database_id_DOI 
_citation.pdbx_database_id_PubMed 
_citation.pdbx_database_id_patent 
_citation.unpublished_flag 
? ? ? ? ? ? ? UK ? ? primary 'Commun Biol'     ? ?    2399-3642 ? ? 6 ? 1214 1214 
'Insights into the recognition mechanism in the UBR box of UBR4 for its specific substrates.' 2023 ? 10.1038/s42003-023-05602-7 
38030679 ? ? 
? ? ? ? ? ? ? ?  ? ? 1       'To Be Published' ? 0353 ?         ? ? ? ? ?    ?    'Crystal structure of UBR box of UBR4 with YIFS' 
?    ? ?                          ?        ? ? 
# 
loop_
_citation_author.citation_id 
_citation_author.name 
_citation_author.ordinal 
_citation_author.identifier_ORCID 
primary 'Jeong, D.E.'  1 ?                   
primary 'Lee, H.S.'    2 ?                   
primary 'Ku, B.'       3 ?                   
primary 'Kim, C.H.'    4 ?                   
primary 'Kim, S.J.'    5 ?                   
primary 'Shin, H.C.'   6 ?                   
1       'Jeong, D.-E.' 7 0009-0000-5636-1137 
1       'Shin, H.-C.'  8 0000-0001-7878-0367 
# 
_cell.angle_alpha                  90.000 
_cell.angle_alpha_esd              ? 
_cell.angle_beta                   90.000 
_cell.angle_beta_esd               ? 
_cell.angle_gamma                  90.000 
_cell.angle_gamma_esd              ? 
_cell.entry_id                     8J9R 
_cell.details                      ? 
_cell.formula_units_Z              ? 
_cell.length_a                     36.580 
_cell.length_a_esd                 ? 
_cell.length_b                     38.280 
_cell.length_b_esd                 ? 
_cell.length_c                     55.400 
_cell.length_c_esd                 ? 
_cell.volume                       77575.645 
_cell.volume_esd                   ? 
_cell.Z_PDB                        4 
_cell.reciprocal_angle_alpha       ? 
_cell.reciprocal_angle_beta        ? 
_cell.reciprocal_angle_gamma       ? 
_cell.reciprocal_angle_alpha_esd   ? 
_cell.reciprocal_angle_beta_esd    ? 
_cell.reciprocal_angle_gamma_esd   ? 
_cell.reciprocal_length_a          ? 
_cell.reciprocal_length_b          ? 
_cell.reciprocal_length_c          ? 
_cell.reciprocal_length_a_esd      ? 
_cell.reciprocal_length_b_esd      ? 
_cell.reciprocal_length_c_esd      ? 
_cell.pdbx_unique_axis             ? 
_cell.pdbx_esd_method              ? 
# 
_symmetry.entry_id                         8J9R 
_symmetry.cell_setting                     ? 
_symmetry.Int_Tables_number                19 
_symmetry.space_group_name_Hall            'P 2ac 2ab' 
_symmetry.space_group_name_H-M             'P 21 21 21' 
_symmetry.pdbx_full_space_group_name_H-M   ? 
# 
loop_
_entity.id 
_entity.type 
_entity.src_method 
_entity.pdbx_description 
_entity.formula_weight 
_entity.pdbx_number_of_molecules 
_entity.pdbx_ec 
_entity.pdbx_mutation 
_entity.pdbx_fragment 
_entity.details 
1 polymer     man 'E3 ubiquitin-protein ligase UBR4' 8422.823 1   2.3.2.27 ? ? ? 
2 non-polymer syn 'ZINC ION'                         65.409   3   ?        ? ? ? 
3 water       nat water                              18.015   102 ?        ? ? ? 
# 
_entity_name_com.entity_id   1 
_entity_name_com.name        
;600 kDa retinoblastoma protein-associated factor,N-recognin-4,RING-type E3 ubiquitin transferase UBR4,Retinoblastoma-associated factor of 600 kDa,RBAF600,p600,Zinc finger UBR1-type protein 1
;
# 
_entity_poly.entity_id                      1 
_entity_poly.type                           'polypeptide(L)' 
_entity_poly.nstd_linkage                   no 
_entity_poly.nstd_monomer                   no 
_entity_poly.pdbx_seq_one_letter_code       YIFSKLCTFTITQKEFMNQHWYHCHTCKMVDGVGVCTVCAKVCHKDHEISYAKYGSFFCDCGAKEDGSCLALVK 
_entity_poly.pdbx_seq_one_letter_code_can   YIFSKLCTFTITQKEFMNQHWYHCHTCKMVDGVGVCTVCAKVCHKDHEISYAKYGSFFCDCGAKEDGSCLALVK 
_entity_poly.pdbx_strand_id                 A 
_entity_poly.pdbx_target_identifier         ? 
# 
loop_
_entity_poly_seq.entity_id 
_entity_poly_seq.num 
_entity_poly_seq.mon_id 
_entity_poly_seq.hetero 
1 1  TYR n 
1 2  ILE n 
1 3  PHE n 
1 4  SER n 
1 5  LYS n 
1 6  LEU n 
1 7  CYS n 
1 8  THR n 
1 9  PHE n 
1 10 THR n 
1 11 ILE n 
1 12 THR n 
1 13 GLN n 
1 14 LYS n 
1 15 GLU n 
1 16 PHE n 
1 17 MET n 
1 18 ASN n 
1 19 GLN n 
1 20 HIS n 
1 21 TRP n 
1 22 TYR n 
1 23 HIS n 
1 24 CYS n 
1 25 HIS n 
1 26 THR n 
1 27 CYS n 
1 28 LYS n 
1 29 MET n 
1 30 VAL n 
1 31 ASP n 
1 32 GLY n 
1 33 VAL n 
1 34 GLY n 
1 35 VAL n 
1 36 CYS n 
1 37 THR n 
1 38 VAL n 
1 39 CYS n 
1 40 ALA n 
1 41 LYS n 
1 42 VAL n 
1 43 CYS n 
1 44 HIS n 
1 45 LYS n 
1 46 ASP n 
1 47 HIS n 
1 48 GLU n 
1 49 ILE n 
1 50 SER n 
1 51 TYR n 
1 52 ALA n 
1 53 LYS n 
1 54 TYR n 
1 55 GLY n 
1 56 SER n 
1 57 PHE n 
1 58 PHE n 
1 59 CYS n 
1 60 ASP n 
1 61 CYS n 
1 62 GLY n 
1 63 ALA n 
1 64 LYS n 
1 65 GLU n 
1 66 ASP n 
1 67 GLY n 
1 68 SER n 
1 69 CYS n 
1 70 LEU n 
1 71 ALA n 
1 72 LEU n 
1 73 VAL n 
1 74 LYS n 
# 
_entity_src_gen.entity_id                          1 
_entity_src_gen.pdbx_src_id                        1 
_entity_src_gen.pdbx_alt_source_flag               sample 
_entity_src_gen.pdbx_seq_type                      'Biological sequence' 
_entity_src_gen.pdbx_beg_seq_num                   1 
_entity_src_gen.pdbx_end_seq_num                   74 
_entity_src_gen.gene_src_common_name               human 
_entity_src_gen.gene_src_genus                     ? 
_entity_src_gen.pdbx_gene_src_gene                 'UBR4, KIAA0462, KIAA1307, RBAF600, ZUBR1' 
_entity_src_gen.gene_src_species                   ? 
_entity_src_gen.gene_src_strain                    ? 
_entity_src_gen.gene_src_tissue                    ? 
_entity_src_gen.gene_src_tissue_fraction           ? 
_entity_src_gen.gene_src_details                   ? 
_entity_src_gen.pdbx_gene_src_fragment             ? 
_entity_src_gen.pdbx_gene_src_scientific_name      'Homo sapiens' 
_entity_src_gen.pdbx_gene_src_ncbi_taxonomy_id     9606 
_entity_src_gen.pdbx_gene_src_variant              ? 
_entity_src_gen.pdbx_gene_src_cell_line            ? 
_entity_src_gen.pdbx_gene_src_atcc                 ? 
_entity_src_gen.pdbx_gene_src_organ                ? 
_entity_src_gen.pdbx_gene_src_organelle            ? 
_entity_src_gen.pdbx_gene_src_cell                 ? 
_entity_src_gen.pdbx_gene_src_cellular_location    ? 
_entity_src_gen.host_org_common_name               ? 
_entity_src_gen.pdbx_host_org_scientific_name      'Escherichia coli' 
_entity_src_gen.pdbx_host_org_ncbi_taxonomy_id     562 
_entity_src_gen.host_org_genus                     ? 
_entity_src_gen.pdbx_host_org_gene                 ? 
_entity_src_gen.pdbx_host_org_organ                ? 
_entity_src_gen.host_org_species                   ? 
_entity_src_gen.pdbx_host_org_tissue               ? 
_entity_src_gen.pdbx_host_org_tissue_fraction      ? 
_entity_src_gen.pdbx_host_org_strain               ? 
_entity_src_gen.pdbx_host_org_variant              ? 
_entity_src_gen.pdbx_host_org_cell_line            ? 
_entity_src_gen.pdbx_host_org_atcc                 ? 
_entity_src_gen.pdbx_host_org_culture_collection   ? 
_entity_src_gen.pdbx_host_org_cell                 ? 
_entity_src_gen.pdbx_host_org_organelle            ? 
_entity_src_gen.pdbx_host_org_cellular_location    ? 
_entity_src_gen.pdbx_host_org_vector_type          ? 
_entity_src_gen.pdbx_host_org_vector               ? 
_entity_src_gen.host_org_details                   ? 
_entity_src_gen.expression_system_id               ? 
_entity_src_gen.plasmid_name                       ? 
_entity_src_gen.plasmid_details                    ? 
_entity_src_gen.pdbx_description                   ? 
# 
_struct_ref.id                         1 
_struct_ref.db_name                    UNP 
_struct_ref.db_code                    UBR4_HUMAN 
_struct_ref.pdbx_db_accession          Q5T4S7 
_struct_ref.pdbx_db_isoform            Q5T4S7-5 
_struct_ref.entity_id                  1 
_struct_ref.pdbx_seq_one_letter_code   KLCTFTITQKEFMNQHWYHCHTCKMVDGVGVCTVCAKVCHKDHEISYAKYGSFFCDCGAKEDGSCLALVK 
_struct_ref.pdbx_align_begin           1660 
# 
_struct_ref_seq.align_id                      1 
_struct_ref_seq.ref_id                        1 
_struct_ref_seq.pdbx_PDB_id_code              8J9R 
_struct_ref_seq.pdbx_strand_id                A 
_struct_ref_seq.seq_align_beg                 5 
_struct_ref_seq.pdbx_seq_align_beg_ins_code   ? 
_struct_ref_seq.seq_align_end                 74 
_struct_ref_seq.pdbx_seq_align_end_ins_code   ? 
_struct_ref_seq.pdbx_db_accession             Q5T4S7 
_struct_ref_seq.db_align_beg                  1660 
_struct_ref_seq.pdbx_db_align_beg_ins_code    ? 
_struct_ref_seq.db_align_end                  1729 
_struct_ref_seq.pdbx_db_align_end_ins_code    ? 
_struct_ref_seq.pdbx_auth_seq_align_beg       1660 
_struct_ref_seq.pdbx_auth_seq_align_end       1729 
# 
loop_
_struct_ref_seq_dif.align_id 
_struct_ref_seq_dif.pdbx_pdb_id_code 
_struct_ref_seq_dif.mon_id 
_struct_ref_seq_dif.pdbx_pdb_strand_id 
_struct_ref_seq_dif.seq_num 
_struct_ref_seq_dif.pdbx_pdb_ins_code 
_struct_ref_seq_dif.pdbx_seq_db_name 
_struct_ref_seq_dif.pdbx_seq_db_accession_code 
_struct_ref_seq_dif.db_mon_id 
_struct_ref_seq_dif.pdbx_seq_db_seq_num 
_struct_ref_seq_dif.details 
_struct_ref_seq_dif.pdbx_auth_seq_num 
_struct_ref_seq_dif.pdbx_ordinal 
1 8J9R TYR A 1 ? UNP Q5T4S7 ? ? linker 1656 1 
1 8J9R ILE A 2 ? UNP Q5T4S7 ? ? linker 1657 2 
1 8J9R PHE A 3 ? UNP Q5T4S7 ? ? linker 1658 3 
1 8J9R SER A 4 ? UNP Q5T4S7 ? ? linker 1659 4 
# 
loop_
_chem_comp.id 
_chem_comp.type 
_chem_comp.mon_nstd_flag 
_chem_comp.name 
_chem_comp.pdbx_synonyms 
_chem_comp.formula 
_chem_comp.formula_weight 
ALA 'L-peptide linking' y ALANINE         ? 'C3 H7 N O2'     89.093  
ASN 'L-peptide linking' y ASPARAGINE      ? 'C4 H8 N2 O3'    132.118 
ASP 'L-peptide linking' y 'ASPARTIC ACID' ? 'C4 H7 N O4'     133.103 
CYS 'L-peptide linking' y CYSTEINE        ? 'C3 H7 N O2 S'   121.158 
GLN 'L-peptide linking' y GLUTAMINE       ? 'C5 H10 N2 O3'   146.144 
GLU 'L-peptide linking' y 'GLUTAMIC ACID' ? 'C5 H9 N O4'     147.129 
GLY 'peptide linking'   y GLYCINE         ? 'C2 H5 N O2'     75.067  
HIS 'L-peptide linking' y HISTIDINE       ? 'C6 H10 N3 O2 1' 156.162 
HOH non-polymer         . WATER           ? 'H2 O'           18.015  
ILE 'L-peptide linking' y ISOLEUCINE      ? 'C6 H13 N O2'    131.173 
LEU 'L-peptide linking' y LEUCINE         ? 'C6 H13 N O2'    131.173 
LYS 'L-peptide linking' y LYSINE          ? 'C6 H15 N2 O2 1' 147.195 
MET 'L-peptide linking' y METHIONINE      ? 'C5 H11 N O2 S'  149.211 
PHE 'L-peptide linking' y PHENYLALANINE   ? 'C9 H11 N O2'    165.189 
SER 'L-peptide linking' y SERINE          ? 'C3 H7 N O3'     105.093 
THR 'L-peptide linking' y THREONINE       ? 'C4 H9 N O3'     119.119 
TRP 'L-peptide linking' y TRYPTOPHAN      ? 'C11 H12 N2 O2'  204.225 
TYR 'L-peptide linking' y TYROSINE        ? 'C9 H11 N O3'    181.189 
VAL 'L-peptide linking' y VALINE          ? 'C5 H11 N O2'    117.146 
ZN  non-polymer         . 'ZINC ION'      ? 'Zn 2'           65.409  
# 
_exptl.absorpt_coefficient_mu     ? 
_exptl.absorpt_correction_T_max   ? 
_exptl.absorpt_correction_T_min   ? 
_exptl.absorpt_correction_type    ? 
_exptl.absorpt_process_details    ? 
_exptl.entry_id                   8J9R 
_exptl.crystals_number            1 
_exptl.details                    ? 
_exptl.method                     'X-RAY DIFFRACTION' 
_exptl.method_details             ? 
# 
_exptl_crystal.colour                       ? 
_exptl_crystal.density_diffrn               ? 
_exptl_crystal.density_Matthews             2.30 
_exptl_crystal.density_method               ? 
_exptl_crystal.density_percent_sol          46.58 
_exptl_crystal.description                  ? 
_exptl_crystal.F_000                        ? 
_exptl_crystal.id                           1 
_exptl_crystal.preparation                  ? 
_exptl_crystal.size_max                     ? 
_exptl_crystal.size_mid                     ? 
_exptl_crystal.size_min                     ? 
_exptl_crystal.size_rad                     ? 
_exptl_crystal.colour_lustre                ? 
_exptl_crystal.colour_modifier              ? 
_exptl_crystal.colour_primary               ? 
_exptl_crystal.density_meas                 ? 
_exptl_crystal.density_meas_esd             ? 
_exptl_crystal.density_meas_gt              ? 
_exptl_crystal.density_meas_lt              ? 
_exptl_crystal.density_meas_temp            ? 
_exptl_crystal.density_meas_temp_esd        ? 
_exptl_crystal.density_meas_temp_gt         ? 
_exptl_crystal.density_meas_temp_lt         ? 
_exptl_crystal.pdbx_crystal_image_url       ? 
_exptl_crystal.pdbx_crystal_image_format    ? 
_exptl_crystal.pdbx_mosaicity               ? 
_exptl_crystal.pdbx_mosaicity_esd           ? 
_exptl_crystal.pdbx_mosaic_method           ? 
_exptl_crystal.pdbx_mosaic_block_size       ? 
_exptl_crystal.pdbx_mosaic_block_size_esd   ? 
# 
_exptl_crystal_grow.apparatus       ? 
_exptl_crystal_grow.atmosphere      ? 
_exptl_crystal_grow.crystal_id      1 
_exptl_crystal_grow.details         ? 
_exptl_crystal_grow.method          'VAPOR DIFFUSION, HANGING DROP' 
_exptl_crystal_grow.method_ref      ? 
_exptl_crystal_grow.pH              ? 
_exptl_crystal_grow.pressure        ? 
_exptl_crystal_grow.pressure_esd    ? 
_exptl_crystal_grow.seeding         ? 
_exptl_crystal_grow.seeding_ref     ? 
_exptl_crystal_grow.temp_details    ? 
_exptl_crystal_grow.temp_esd        ? 
_exptl_crystal_grow.time            ? 
_exptl_crystal_grow.pdbx_details    
'0.1 M Bis-Tris (pH5.6), 29% (w/v) polyethylene glycol 3350 (PEG3350), 0.2 M lithium sulfate monohydrate' 
_exptl_crystal_grow.pdbx_pH_range   ? 
_exptl_crystal_grow.temp            291.15 
# 
_diffrn.ambient_environment              ? 
_diffrn.ambient_temp                     100 
_diffrn.ambient_temp_details             ? 
_diffrn.ambient_temp_esd                 ? 
_diffrn.crystal_id                       1 
_diffrn.crystal_support                  ? 
_diffrn.crystal_treatment                ? 
_diffrn.details                          ? 
_diffrn.id                               1 
_diffrn.ambient_pressure                 ? 
_diffrn.ambient_pressure_esd             ? 
_diffrn.ambient_pressure_gt              ? 
_diffrn.ambient_pressure_lt              ? 
_diffrn.ambient_temp_gt                  ? 
_diffrn.ambient_temp_lt                  ? 
_diffrn.pdbx_serial_crystal_experiment   N 
# 
_diffrn_detector.details                      ? 
_diffrn_detector.detector                     PIXEL 
_diffrn_detector.diffrn_id                    1 
_diffrn_detector.type                         'DECTRIS EIGER X 9M' 
_diffrn_detector.area_resol_mean              ? 
_diffrn_detector.dtime                        ? 
_diffrn_detector.pdbx_frames_total            ? 
_diffrn_detector.pdbx_collection_time_total   ? 
_diffrn_detector.pdbx_collection_date         2023-02-16 
_diffrn_detector.pdbx_frequency               ? 
_diffrn_detector.id                           ? 
_diffrn_detector.number_of_axes               ? 
# 
_diffrn_radiation.collimation                      ? 
_diffrn_radiation.diffrn_id                        1 
_diffrn_radiation.filter_edge                      ? 
_diffrn_radiation.inhomogeneity                    ? 
_diffrn_radiation.monochromator                    ? 
_diffrn_radiation.polarisn_norm                    ? 
_diffrn_radiation.polarisn_ratio                   ? 
_diffrn_radiation.probe                            ? 
_diffrn_radiation.type                             ? 
_diffrn_radiation.xray_symbol                      ? 
_diffrn_radiation.wavelength_id                    1 
_diffrn_radiation.pdbx_monochromatic_or_laue_m_l   M 
_diffrn_radiation.pdbx_wavelength_list             ? 
_diffrn_radiation.pdbx_wavelength                  ? 
_diffrn_radiation.pdbx_diffrn_protocol             'SINGLE WAVELENGTH' 
_diffrn_radiation.pdbx_analyzer                    ? 
_diffrn_radiation.pdbx_scattering_type             x-ray 
# 
_diffrn_radiation_wavelength.id           1 
_diffrn_radiation_wavelength.wavelength   1.282 
_diffrn_radiation_wavelength.wt           1.0 
# 
_diffrn_source.current                     ? 
_diffrn_source.details                     ? 
_diffrn_source.diffrn_id                   1 
_diffrn_source.power                       ? 
_diffrn_source.size                        ? 
_diffrn_source.source                      SYNCHROTRON 
_diffrn_source.target                      ? 
_diffrn_source.type                        'PAL/PLS BEAMLINE 5C (4A)' 
_diffrn_source.voltage                     ? 
_diffrn_source.take-off_angle              ? 
_diffrn_source.pdbx_wavelength_list        1.282 
_diffrn_source.pdbx_wavelength             ? 
_diffrn_source.pdbx_synchrotron_beamline   '5C (4A)' 
_diffrn_source.pdbx_synchrotron_site       PAL/PLS 
# 
_reflns.B_iso_Wilson_estimate                          13.15 
_reflns.entry_id                                       8J9R 
_reflns.data_reduction_details                         ? 
_reflns.data_reduction_method                          ? 
_reflns.d_resolution_high                              1.65 
_reflns.d_resolution_low                               27.70 
_reflns.details                                        ? 
_reflns.limit_h_max                                    ? 
_reflns.limit_h_min                                    ? 
_reflns.limit_k_max                                    ? 
_reflns.limit_k_min                                    ? 
_reflns.limit_l_max                                    ? 
_reflns.limit_l_min                                    ? 
_reflns.number_all                                     ? 
_reflns.number_obs                                     9760 
_reflns.observed_criterion                             ? 
_reflns.observed_criterion_F_max                       ? 
_reflns.observed_criterion_F_min                       ? 
_reflns.observed_criterion_I_max                       ? 
_reflns.observed_criterion_I_min                       ? 
_reflns.observed_criterion_sigma_F                     ? 
_reflns.observed_criterion_sigma_I                     ? 
_reflns.percent_possible_obs                           99.32 
_reflns.R_free_details                                 ? 
_reflns.Rmerge_F_all                                   ? 
_reflns.Rmerge_F_obs                                   ? 
_reflns.Friedel_coverage                               ? 
_reflns.number_gt                                      ? 
_reflns.threshold_expression                           ? 
_reflns.pdbx_redundancy                                12.3 
_reflns.pdbx_netI_over_av_sigmaI                       ? 
_reflns.pdbx_netI_over_sigmaI                          24.84 
_reflns.pdbx_res_netI_over_av_sigmaI_2                 ? 
_reflns.pdbx_res_netI_over_sigmaI_2                    ? 
_reflns.pdbx_chi_squared                               ? 
_reflns.pdbx_scaling_rejects                           ? 
_reflns.pdbx_d_res_high_opt                            ? 
_reflns.pdbx_d_res_low_opt                             ? 
_reflns.pdbx_d_res_opt_method                          ? 
_reflns.phase_calculation_details                      ? 
_reflns.pdbx_Rrim_I_all                                ? 
_reflns.pdbx_Rpim_I_all                                ? 
_reflns.pdbx_d_opt                                     ? 
_reflns.pdbx_number_measured_all                       ? 
_reflns.pdbx_diffrn_id                                 1 
_reflns.pdbx_ordinal                                   1 
_reflns.pdbx_CC_half                                   0.998 
_reflns.pdbx_CC_star                                   ? 
_reflns.pdbx_R_split                                   ? 
_reflns.pdbx_Rmerge_I_obs                              ? 
_reflns.pdbx_Rmerge_I_all                              ? 
_reflns.pdbx_Rsym_value                                ? 
_reflns.pdbx_CC_split_method                           ? 
_reflns.pdbx_aniso_diffraction_limit_axis_1_ortho[1]   ? 
_reflns.pdbx_aniso_diffraction_limit_axis_1_ortho[2]   ? 
_reflns.pdbx_aniso_diffraction_limit_axis_1_ortho[3]   ? 
_reflns.pdbx_aniso_diffraction_limit_axis_2_ortho[1]   ? 
_reflns.pdbx_aniso_diffraction_limit_axis_2_ortho[2]   ? 
_reflns.pdbx_aniso_diffraction_limit_axis_2_ortho[3]   ? 
_reflns.pdbx_aniso_diffraction_limit_axis_3_ortho[1]   ? 
_reflns.pdbx_aniso_diffraction_limit_axis_3_ortho[2]   ? 
_reflns.pdbx_aniso_diffraction_limit_axis_3_ortho[3]   ? 
_reflns.pdbx_aniso_diffraction_limit_1                 ? 
_reflns.pdbx_aniso_diffraction_limit_2                 ? 
_reflns.pdbx_aniso_diffraction_limit_3                 ? 
_reflns.pdbx_aniso_B_tensor_eigenvector_1_ortho[1]     ? 
_reflns.pdbx_aniso_B_tensor_eigenvector_1_ortho[2]     ? 
_reflns.pdbx_aniso_B_tensor_eigenvector_1_ortho[3]     ? 
_reflns.pdbx_aniso_B_tensor_eigenvector_2_ortho[1]     ? 
_reflns.pdbx_aniso_B_tensor_eigenvector_2_ortho[2]     ? 
_reflns.pdbx_aniso_B_tensor_eigenvector_2_ortho[3]     ? 
_reflns.pdbx_aniso_B_tensor_eigenvector_3_ortho[1]     ? 
_reflns.pdbx_aniso_B_tensor_eigenvector_3_ortho[2]     ? 
_reflns.pdbx_aniso_B_tensor_eigenvector_3_ortho[3]     ? 
_reflns.pdbx_aniso_B_tensor_eigenvalue_1               ? 
_reflns.pdbx_aniso_B_tensor_eigenvalue_2               ? 
_reflns.pdbx_aniso_B_tensor_eigenvalue_3               ? 
_reflns.pdbx_orthogonalization_convention              ? 
_reflns.pdbx_percent_possible_ellipsoidal              ? 
_reflns.pdbx_percent_possible_spherical                ? 
_reflns.pdbx_percent_possible_ellipsoidal_anomalous    ? 
_reflns.pdbx_percent_possible_spherical_anomalous      ? 
_reflns.pdbx_redundancy_anomalous                      ? 
_reflns.pdbx_CC_half_anomalous                         ? 
_reflns.pdbx_absDiff_over_sigma_anomalous              ? 
_reflns.pdbx_percent_possible_anomalous                ? 
_reflns.pdbx_observed_signal_threshold                 ? 
_reflns.pdbx_signal_type                               ? 
_reflns.pdbx_signal_details                            ? 
_reflns.pdbx_signal_software_id                        ? 
# 
_reflns_shell.d_res_high                                    1.65 
_reflns_shell.d_res_low                                     1.709 
_reflns_shell.meanI_over_sigI_all                           ? 
_reflns_shell.meanI_over_sigI_obs                           ? 
_reflns_shell.number_measured_all                           ? 
_reflns_shell.number_measured_obs                           ? 
_reflns_shell.number_possible                               ? 
_reflns_shell.number_unique_all                             ? 
_reflns_shell.number_unique_obs                             943 
_reflns_shell.percent_possible_obs                          ? 
_reflns_shell.Rmerge_F_all                                  ? 
_reflns_shell.Rmerge_F_obs                                  ? 
_reflns_shell.meanI_over_sigI_gt                            ? 
_reflns_shell.meanI_over_uI_all                             ? 
_reflns_shell.meanI_over_uI_gt                              ? 
_reflns_shell.number_measured_gt                            ? 
_reflns_shell.number_unique_gt                              ? 
_reflns_shell.percent_possible_gt                           ? 
_reflns_shell.Rmerge_F_gt                                   ? 
_reflns_shell.Rmerge_I_gt                                   ? 
_reflns_shell.pdbx_redundancy                               ? 
_reflns_shell.pdbx_chi_squared                              ? 
_reflns_shell.pdbx_netI_over_sigmaI_all                     ? 
_reflns_shell.pdbx_netI_over_sigmaI_obs                     ? 
_reflns_shell.pdbx_Rrim_I_all                               ? 
_reflns_shell.pdbx_Rpim_I_all                               ? 
_reflns_shell.pdbx_rejects                                  ? 
_reflns_shell.pdbx_ordinal                                  1 
_reflns_shell.pdbx_diffrn_id                                1 
_reflns_shell.pdbx_CC_half                                  0.976 
_reflns_shell.pdbx_CC_star                                  ? 
_reflns_shell.pdbx_R_split                                  ? 
_reflns_shell.percent_possible_all                          ? 
_reflns_shell.Rmerge_I_all                                  ? 
_reflns_shell.Rmerge_I_obs                                  ? 
_reflns_shell.pdbx_Rsym_value                               ? 
_reflns_shell.pdbx_percent_possible_ellipsoidal             ? 
_reflns_shell.pdbx_percent_possible_spherical               ? 
_reflns_shell.pdbx_percent_possible_ellipsoidal_anomalous   ? 
_reflns_shell.pdbx_percent_possible_spherical_anomalous     ? 
_reflns_shell.pdbx_redundancy_anomalous                     ? 
_reflns_shell.pdbx_CC_half_anomalous                        ? 
_reflns_shell.pdbx_absDiff_over_sigma_anomalous             ? 
_reflns_shell.pdbx_percent_possible_anomalous               ? 
# 
_refine.aniso_B[1][1]                            ? 
_refine.aniso_B[1][2]                            ? 
_refine.aniso_B[1][3]                            ? 
_refine.aniso_B[2][2]                            ? 
_refine.aniso_B[2][3]                            ? 
_refine.aniso_B[3][3]                            ? 
_refine.B_iso_max                                ? 
_refine.B_iso_mean                               19.04 
_refine.B_iso_min                                ? 
_refine.correlation_coeff_Fo_to_Fc               ? 
_refine.correlation_coeff_Fo_to_Fc_free          ? 
_refine.details                                  ? 
_refine.diff_density_max                         ? 
_refine.diff_density_max_esd                     ? 
_refine.diff_density_min                         ? 
_refine.diff_density_min_esd                     ? 
_refine.diff_density_rms                         ? 
_refine.diff_density_rms_esd                     ? 
_refine.entry_id                                 8J9R 
_refine.pdbx_refine_id                           'X-RAY DIFFRACTION' 
_refine.ls_abs_structure_details                 ? 
_refine.ls_abs_structure_Flack                   ? 
_refine.ls_abs_structure_Flack_esd               ? 
_refine.ls_abs_structure_Rogers                  ? 
_refine.ls_abs_structure_Rogers_esd              ? 
_refine.ls_d_res_high                            1.65 
_refine.ls_d_res_low                             27.70 
_refine.ls_extinction_coef                       ? 
_refine.ls_extinction_coef_esd                   ? 
_refine.ls_extinction_expression                 ? 
_refine.ls_extinction_method                     ? 
_refine.ls_goodness_of_fit_all                   ? 
_refine.ls_goodness_of_fit_all_esd               ? 
_refine.ls_goodness_of_fit_obs                   ? 
_refine.ls_goodness_of_fit_obs_esd               ? 
_refine.ls_hydrogen_treatment                    ? 
_refine.ls_matrix_type                           ? 
_refine.ls_number_constraints                    ? 
_refine.ls_number_parameters                     ? 
_refine.ls_number_reflns_all                     ? 
_refine.ls_number_reflns_obs                     9760 
_refine.ls_number_reflns_R_free                  489 
_refine.ls_number_reflns_R_work                  9273 
_refine.ls_number_restraints                     ? 
_refine.ls_percent_reflns_obs                    99.35 
_refine.ls_percent_reflns_R_free                 5.01 
_refine.ls_R_factor_all                          ? 
_refine.ls_R_factor_obs                          0.2368 
_refine.ls_R_factor_R_free                       0.2871 
_refine.ls_R_factor_R_free_error                 ? 
_refine.ls_R_factor_R_free_error_details         ? 
_refine.ls_R_factor_R_work                       0.2342 
_refine.ls_R_Fsqd_factor_obs                     ? 
_refine.ls_R_I_factor_obs                        ? 
_refine.ls_redundancy_reflns_all                 ? 
_refine.ls_redundancy_reflns_obs                 ? 
_refine.ls_restrained_S_all                      ? 
_refine.ls_restrained_S_obs                      ? 
_refine.ls_shift_over_esd_max                    ? 
_refine.ls_shift_over_esd_mean                   ? 
_refine.ls_structure_factor_coef                 ? 
_refine.ls_weighting_details                     ? 
_refine.ls_weighting_scheme                      ? 
_refine.ls_wR_factor_all                         ? 
_refine.ls_wR_factor_obs                         ? 
_refine.ls_wR_factor_R_free                      ? 
_refine.ls_wR_factor_R_work                      ? 
_refine.occupancy_max                            ? 
_refine.occupancy_min                            ? 
_refine.solvent_model_details                    'FLAT BULK SOLVENT MODEL' 
_refine.solvent_model_param_bsol                 ? 
_refine.solvent_model_param_ksol                 ? 
_refine.pdbx_R_complete                          ? 
_refine.ls_R_factor_gt                           ? 
_refine.ls_goodness_of_fit_gt                    ? 
_refine.ls_goodness_of_fit_ref                   ? 
_refine.ls_shift_over_su_max                     ? 
_refine.ls_shift_over_su_max_lt                  ? 
_refine.ls_shift_over_su_mean                    ? 
_refine.ls_shift_over_su_mean_lt                 ? 
_refine.pdbx_ls_sigma_I                          ? 
_refine.pdbx_ls_sigma_F                          1.38 
_refine.pdbx_ls_sigma_Fsqd                       ? 
_refine.pdbx_data_cutoff_high_absF               ? 
_refine.pdbx_data_cutoff_high_rms_absF           ? 
_refine.pdbx_data_cutoff_low_absF                ? 
_refine.pdbx_isotropic_thermal_model             ? 
_refine.pdbx_ls_cross_valid_method               'FREE R-VALUE' 
_refine.pdbx_method_to_determine_struct          'MOLECULAR REPLACEMENT' 
_refine.pdbx_starting_model                      AlphaFold 
_refine.pdbx_stereochemistry_target_values       'GeoStd + Monomer Library + CDL v1.2' 
_refine.pdbx_R_Free_selection_details            ? 
_refine.pdbx_stereochem_target_val_spec_case     ? 
_refine.pdbx_overall_ESU_R                       ? 
_refine.pdbx_overall_ESU_R_Free                  ? 
_refine.pdbx_solvent_vdw_probe_radii             1.1100 
_refine.pdbx_solvent_ion_probe_radii             ? 
_refine.pdbx_solvent_shrinkage_radii             0.9000 
_refine.pdbx_real_space_R                        ? 
_refine.pdbx_density_correlation                 ? 
_refine.pdbx_pd_number_of_powder_patterns        ? 
_refine.pdbx_pd_number_of_points                 ? 
_refine.pdbx_pd_meas_number_of_points            ? 
_refine.pdbx_pd_proc_ls_prof_R_factor            ? 
_refine.pdbx_pd_proc_ls_prof_wR_factor           ? 
_refine.pdbx_pd_Marquardt_correlation_coeff      ? 
_refine.pdbx_pd_Fsqrd_R_factor                   ? 
_refine.pdbx_pd_ls_matrix_band_width             ? 
_refine.pdbx_overall_phase_error                 31.1244 
_refine.pdbx_overall_SU_R_free_Cruickshank_DPI   ? 
_refine.pdbx_overall_SU_R_free_Blow_DPI          ? 
_refine.pdbx_overall_SU_R_Blow_DPI               ? 
_refine.pdbx_TLS_residual_ADP_flag               ? 
_refine.pdbx_diffrn_id                           1 
_refine.overall_SU_B                             ? 
_refine.overall_SU_ML                            0.1794 
_refine.overall_SU_R_Cruickshank_DPI             ? 
_refine.overall_SU_R_free                        ? 
_refine.overall_FOM_free_R_set                   ? 
_refine.overall_FOM_work_R_set                   ? 
_refine.pdbx_average_fsc_overall                 ? 
_refine.pdbx_average_fsc_work                    ? 
_refine.pdbx_average_fsc_free                    ? 
# 
_refine_hist.pdbx_refine_id                   'X-RAY DIFFRACTION' 
_refine_hist.cycle_id                         LAST 
_refine_hist.details                          ? 
_refine_hist.d_res_high                       1.65 
_refine_hist.d_res_low                        27.70 
_refine_hist.number_atoms_solvent             102 
_refine_hist.number_atoms_total               672 
_refine_hist.number_reflns_all                ? 
_refine_hist.number_reflns_obs                ? 
_refine_hist.number_reflns_R_free             ? 
_refine_hist.number_reflns_R_work             ? 
_refine_hist.R_factor_all                     ? 
_refine_hist.R_factor_obs                     ? 
_refine_hist.R_factor_R_free                  ? 
_refine_hist.R_factor_R_work                  ? 
_refine_hist.pdbx_number_residues_total       ? 
_refine_hist.pdbx_B_iso_mean_ligand           ? 
_refine_hist.pdbx_B_iso_mean_solvent          ? 
_refine_hist.pdbx_number_atoms_protein        567 
_refine_hist.pdbx_number_atoms_nucleic_acid   0 
_refine_hist.pdbx_number_atoms_ligand         3 
_refine_hist.pdbx_number_atoms_lipid          ? 
_refine_hist.pdbx_number_atoms_carb           ? 
_refine_hist.pdbx_pseudo_atom_details         ? 
# 
loop_
_refine_ls_restr.pdbx_refine_id 
_refine_ls_restr.criterion 
_refine_ls_restr.dev_ideal 
_refine_ls_restr.dev_ideal_target 
_refine_ls_restr.number 
_refine_ls_restr.rejects 
_refine_ls_restr.type 
_refine_ls_restr.weight 
_refine_ls_restr.pdbx_restraint_function 
'X-RAY DIFFRACTION' ? 0.0082 ? 611 ? f_bond_d           ? ? 
'X-RAY DIFFRACTION' ? 0.9943 ? 827 ? f_angle_d          ? ? 
'X-RAY DIFFRACTION' ? 0.0539 ? 87  ? f_chiral_restr     ? ? 
'X-RAY DIFFRACTION' ? 0.0054 ? 104 ? f_plane_restr      ? ? 
'X-RAY DIFFRACTION' ? 7.6409 ? 81  ? f_dihedral_angle_d ? ? 
# 
loop_
_refine_ls_shell.pdbx_refine_id 
_refine_ls_shell.d_res_high 
_refine_ls_shell.d_res_low 
_refine_ls_shell.number_reflns_all 
_refine_ls_shell.number_reflns_obs 
_refine_ls_shell.number_reflns_R_free 
_refine_ls_shell.number_reflns_R_work 
_refine_ls_shell.percent_reflns_obs 
_refine_ls_shell.percent_reflns_R_free 
_refine_ls_shell.R_factor_all 
_refine_ls_shell.R_factor_obs 
_refine_ls_shell.R_factor_R_free_error 
_refine_ls_shell.R_factor_R_work 
_refine_ls_shell.redundancy_reflns_all 
_refine_ls_shell.redundancy_reflns_obs 
_refine_ls_shell.wR_factor_all 
_refine_ls_shell.wR_factor_obs 
_refine_ls_shell.wR_factor_R_free 
_refine_ls_shell.wR_factor_R_work 
_refine_ls_shell.pdbx_R_complete 
_refine_ls_shell.pdbx_total_number_of_bins_used 
_refine_ls_shell.pdbx_phase_error 
_refine_ls_shell.pdbx_fsc_work 
_refine_ls_shell.pdbx_fsc_free 
_refine_ls_shell.R_factor_R_free 
'X-RAY DIFFRACTION' 1.65 1.89  . . 159 3008 98.66 . . . . 0.2291 . . . . . . . . . . . 0.2713 
'X-RAY DIFFRACTION' 1.89 2.38  . . 160 3049 99.38 . . . . 0.2535 . . . . . . . . . . . 0.3065 
'X-RAY DIFFRACTION' 2.38 27.70 . . 170 3216 99.97 . . . . 0.2263 . . . . . . . . . . . 0.2822 
# 
_struct.entry_id                     8J9R 
_struct.title                        'Crystal structure of UBR box of YIFS-UBR4' 
_struct.pdbx_model_details           ? 
_struct.pdbx_formula_weight          ? 
_struct.pdbx_formula_weight_method   ? 
_struct.pdbx_model_type_details      ? 
_struct.pdbx_CASP_flag               N 
# 
_struct_keywords.entry_id        8J9R 
_struct_keywords.text            'E3 ligase, UBR box, LIGASE' 
_struct_keywords.pdbx_keywords   LIGASE 
# 
loop_
_struct_asym.id 
_struct_asym.pdbx_blank_PDB_chainid_flag 
_struct_asym.pdbx_modified 
_struct_asym.entity_id 
_struct_asym.details 
A N N 1 ? 
B N N 2 ? 
C N N 2 ? 
D N N 2 ? 
E N N 3 ? 
# 
loop_
_struct_conf.conf_type_id 
_struct_conf.id 
_struct_conf.pdbx_PDB_helix_id 
_struct_conf.beg_label_comp_id 
_struct_conf.beg_label_asym_id 
_struct_conf.beg_label_seq_id 
_struct_conf.pdbx_beg_PDB_ins_code 
_struct_conf.end_label_comp_id 
_struct_conf.end_label_asym_id 
_struct_conf.end_label_seq_id 
_struct_conf.pdbx_end_PDB_ins_code 
_struct_conf.beg_auth_comp_id 
_struct_conf.beg_auth_asym_id 
_struct_conf.beg_auth_seq_id 
_struct_conf.end_auth_comp_id 
_struct_conf.end_auth_asym_id 
_struct_conf.end_auth_seq_id 
_struct_conf.pdbx_PDB_helix_class 
_struct_conf.details 
_struct_conf.pdbx_PDB_helix_length 
HELX_P HELX_P1 AA1 THR A 8  ? GLN A 13 ? THR A 1663 GLN A 1668 1 ? 6 
HELX_P HELX_P2 AA2 THR A 37 ? VAL A 42 ? THR A 1692 VAL A 1697 1 ? 6 
# 
_struct_conf_type.id          HELX_P 
_struct_conf_type.criteria    ? 
_struct_conf_type.reference   ? 
# 
loop_
_struct_conn.id 
_struct_conn.conn_type_id 
_struct_conn.pdbx_leaving_atom_flag 
_struct_conn.pdbx_PDB_id 
_struct_conn.ptnr1_label_asym_id 
_struct_conn.ptnr1_label_comp_id 
_struct_conn.ptnr1_label_seq_id 
_struct_conn.ptnr1_label_atom_id 
_struct_conn.pdbx_ptnr1_label_alt_id 
_struct_conn.pdbx_ptnr1_PDB_ins_code 
_struct_conn.pdbx_ptnr1_standard_comp_id 
_struct_conn.ptnr1_symmetry 
_struct_conn.ptnr2_label_asym_id 
_struct_conn.ptnr2_label_comp_id 
_struct_conn.ptnr2_label_seq_id 
_struct_conn.ptnr2_label_atom_id 
_struct_conn.pdbx_ptnr2_label_alt_id 
_struct_conn.pdbx_ptnr2_PDB_ins_code 
_struct_conn.ptnr1_auth_asym_id 
_struct_conn.ptnr1_auth_comp_id 
_struct_conn.ptnr1_auth_seq_id 
_struct_conn.ptnr2_auth_asym_id 
_struct_conn.ptnr2_auth_comp_id 
_struct_conn.ptnr2_auth_seq_id 
_struct_conn.ptnr2_symmetry 
_struct_conn.pdbx_ptnr3_label_atom_id 
_struct_conn.pdbx_ptnr3_label_seq_id 
_struct_conn.pdbx_ptnr3_label_comp_id 
_struct_conn.pdbx_ptnr3_label_asym_id 
_struct_conn.pdbx_ptnr3_label_alt_id 
_struct_conn.pdbx_ptnr3_PDB_ins_code 
_struct_conn.details 
_struct_conn.pdbx_dist_value 
_struct_conn.pdbx_value_order 
_struct_conn.pdbx_role 
metalc1  metalc ? ? A CYS 7  SG  ? ? ? 1_555 C ZN . ZN ? ? A CYS 1662 A ZN 1802 1_555 ? ? ? ? ? ? ? 2.307 ? ? 
metalc2  metalc ? ? A CYS 24 SG  ? ? ? 1_555 D ZN . ZN ? ? A CYS 1679 A ZN 1803 1_555 ? ? ? ? ? ? ? 2.275 ? ? 
metalc3  metalc ? ? A CYS 27 SG  ? ? ? 1_555 D ZN . ZN ? ? A CYS 1682 A ZN 1803 1_555 ? ? ? ? ? ? ? 2.191 ? ? 
metalc4  metalc ? ? A CYS 36 SG  ? ? ? 1_555 C ZN . ZN ? ? A CYS 1691 A ZN 1802 1_555 ? ? ? ? ? ? ? 2.294 ? ? 
metalc5  metalc ? ? A CYS 39 SG  ? ? ? 1_555 B ZN . ZN ? ? A CYS 1694 A ZN 1801 1_555 ? ? ? ? ? ? ? 2.341 ? ? 
metalc6  metalc ? ? A CYS 39 SG  ? ? ? 1_555 C ZN . ZN ? ? A CYS 1694 A ZN 1802 1_555 ? ? ? ? ? ? ? 2.311 ? ? 
metalc7  metalc ? ? A CYS 43 SG  ? ? ? 1_555 B ZN . ZN ? ? A CYS 1698 A ZN 1801 1_555 ? ? ? ? ? ? ? 2.285 ? ? 
metalc8  metalc ? ? A HIS 44 ND1 ? ? ? 1_555 D ZN . ZN ? ? A HIS 1699 A ZN 1803 1_555 ? ? ? ? ? ? ? 2.047 ? ? 
metalc9  metalc ? ? A HIS 47 ND1 ? ? ? 1_555 D ZN . ZN ? ? A HIS 1702 A ZN 1803 1_555 ? ? ? ? ? ? ? 2.057 ? ? 
metalc10 metalc ? ? A CYS 59 SG  ? ? ? 1_555 C ZN . ZN ? ? A CYS 1714 A ZN 1802 1_555 ? ? ? ? ? ? ? 2.330 ? ? 
metalc11 metalc ? ? A CYS 61 SG  ? ? ? 1_555 B ZN . ZN ? ? A CYS 1716 A ZN 1801 1_555 ? ? ? ? ? ? ? 2.315 ? ? 
metalc12 metalc ? ? A CYS 69 SG  ? ? ? 1_555 B ZN . ZN ? ? A CYS 1724 A ZN 1801 1_555 ? ? ? ? ? ? ? 2.362 ? ? 
# 
_struct_conn_type.id          metalc 
_struct_conn_type.criteria    ? 
_struct_conn_type.reference   ? 
# 
_struct_sheet.id               AA1 
_struct_sheet.type             ? 
_struct_sheet.number_strands   3 
_struct_sheet.details          ? 
# 
loop_
_struct_sheet_order.sheet_id 
_struct_sheet_order.range_id_1 
_struct_sheet_order.range_id_2 
_struct_sheet_order.offset 
_struct_sheet_order.sense 
AA1 1 2 ? anti-parallel 
AA1 2 3 ? anti-parallel 
# 
loop_
_struct_sheet_range.sheet_id 
_struct_sheet_range.id 
_struct_sheet_range.beg_label_comp_id 
_struct_sheet_range.beg_label_asym_id 
_struct_sheet_range.beg_label_seq_id 
_struct_sheet_range.pdbx_beg_PDB_ins_code 
_struct_sheet_range.end_label_comp_id 
_struct_sheet_range.end_label_asym_id 
_struct_sheet_range.end_label_seq_id 
_struct_sheet_range.pdbx_end_PDB_ins_code 
_struct_sheet_range.beg_auth_comp_id 
_struct_sheet_range.beg_auth_asym_id 
_struct_sheet_range.beg_auth_seq_id 
_struct_sheet_range.end_auth_comp_id 
_struct_sheet_range.end_auth_asym_id 
_struct_sheet_range.end_auth_seq_id 
AA1 1 VAL A 35 ? CYS A 36 ? VAL A 1690 CYS A 1691 
AA1 2 MET A 17 ? CYS A 24 ? MET A 1672 CYS A 1679 
AA1 3 ILE A 49 ? PHE A 57 ? ILE A 1704 PHE A 1712 
# 
loop_
_pdbx_struct_sheet_hbond.sheet_id 
_pdbx_struct_sheet_hbond.range_id_1 
_pdbx_struct_sheet_hbond.range_id_2 
_pdbx_struct_sheet_hbond.range_1_label_atom_id 
_pdbx_struct_sheet_hbond.range_1_label_comp_id 
_pdbx_struct_sheet_hbond.range_1_label_asym_id 
_pdbx_struct_sheet_hbond.range_1_label_seq_id 
_pdbx_struct_sheet_hbond.range_1_PDB_ins_code 
_pdbx_struct_sheet_hbond.range_1_auth_atom_id 
_pdbx_struct_sheet_hbond.range_1_auth_comp_id 
_pdbx_struct_sheet_hbond.range_1_auth_asym_id 
_pdbx_struct_sheet_hbond.range_1_auth_seq_id 
_pdbx_struct_sheet_hbond.range_2_label_atom_id 
_pdbx_struct_sheet_hbond.range_2_label_comp_id 
_pdbx_struct_sheet_hbond.range_2_label_asym_id 
_pdbx_struct_sheet_hbond.range_2_label_seq_id 
_pdbx_struct_sheet_hbond.range_2_PDB_ins_code 
_pdbx_struct_sheet_hbond.range_2_auth_atom_id 
_pdbx_struct_sheet_hbond.range_2_auth_comp_id 
_pdbx_struct_sheet_hbond.range_2_auth_asym_id 
_pdbx_struct_sheet_hbond.range_2_auth_seq_id 
AA1 1 2 O VAL A 35 ? O VAL A 1690 N TYR A 22 ? N TYR A 1677 
AA1 2 3 N HIS A 23 ? N HIS A 1678 O SER A 50 ? O SER A 1705 
# 
_atom_sites.entry_id                    8J9R 
_atom_sites.Cartn_transf_matrix[1][1]   ? 
_atom_sites.Cartn_transf_matrix[1][2]   ? 
_atom_sites.Cartn_transf_matrix[1][3]   ? 
_atom_sites.Cartn_transf_matrix[2][1]   ? 
_atom_sites.Cartn_transf_matrix[2][2]   ? 
_atom_sites.Cartn_transf_matrix[2][3]   ? 
_atom_sites.Cartn_transf_matrix[3][1]   ? 
_atom_sites.Cartn_transf_matrix[3][2]   ? 
_atom_sites.Cartn_transf_matrix[3][3]   ? 
_atom_sites.Cartn_transf_vector[1]      ? 
_atom_sites.Cartn_transf_vector[2]      ? 
_atom_sites.Cartn_transf_vector[3]      ? 
_atom_sites.fract_transf_matrix[1][1]   0.00721266 
_atom_sites.fract_transf_matrix[1][2]   0.01693492 
_atom_sites.fract_transf_matrix[1][3]   -0.02021132 
_atom_sites.fract_transf_matrix[2][1]   0.02385954 
_atom_sites.fract_transf_matrix[2][2]   -0.01062921 
_atom_sites.fract_transf_matrix[2][3]   -0.00039156 
_atom_sites.fract_transf_matrix[3][1]   -0.00559790 
_atom_sites.fract_transf_matrix[3][2]   -0.01211806 
_atom_sites.fract_transf_matrix[3][3]   -0.01215132 
_atom_sites.fract_transf_vector[1]      -0.107440 
_atom_sites.fract_transf_vector[2]      0.246510 
_atom_sites.fract_transf_vector[3]      -0.140745 
_atom_sites.solution_primary            ? 
_atom_sites.solution_secondary          ? 
_atom_sites.solution_hydrogens          ? 
_atom_sites.special_details             ? 
# 
loop_
_atom_type.symbol 
_atom_type.scat_dispersion_real 
_atom_type.scat_dispersion_imag 
_atom_type.scat_Cromer_Mann_a1 
_atom_type.scat_Cromer_Mann_a2 
_atom_type.scat_Cromer_Mann_a3 
_atom_type.scat_Cromer_Mann_a4 
_atom_type.scat_Cromer_Mann_b1 
_atom_type.scat_Cromer_Mann_b2 
_atom_type.scat_Cromer_Mann_b3 
_atom_type.scat_Cromer_Mann_b4 
_atom_type.scat_Cromer_Mann_c 
_atom_type.scat_source 
_atom_type.scat_dispersion_source 
C  ? ? 3.54356  2.42580 ? ? 25.62398 1.50364  ? ? 0.0 
;2-Gaussian fit: Grosse-Kunstleve RW, Sauter NK, Adams PD: Newsletter of the IUCr Commission on Crystallographic Computing 2004, 3, 22-31.
;
? 
H  ? ? 0.51345  0.48472 ? ? 24.73122 6.32584  ? ? 0.0 
;2-Gaussian fit: Grosse-Kunstleve RW, Sauter NK, Adams PD: Newsletter of the IUCr Commission on Crystallographic Computing 2004, 3, 22-31.
;
? 
N  ? ? 4.01032  2.96436 ? ? 19.97189 1.75589  ? ? 0.0 
;2-Gaussian fit: Grosse-Kunstleve RW, Sauter NK, Adams PD: Newsletter of the IUCr Commission on Crystallographic Computing 2004, 3, 22-31.
;
? 
O  ? ? 4.49882  3.47563 ? ? 15.80542 1.70748  ? ? 0.0 
;2-Gaussian fit: Grosse-Kunstleve RW, Sauter NK, Adams PD: Newsletter of the IUCr Commission on Crystallographic Computing 2004, 3, 22-31.
;
? 
S  ? ? 9.55732  6.39887 ? ? 1.23737  29.19336 ? ? 0.0 
;2-Gaussian fit: Grosse-Kunstleve RW, Sauter NK, Adams PD: Newsletter of the IUCr Commission on Crystallographic Computing 2004, 3, 22-31.
;
? 
ZN ? ? 24.64596 5.25405 ? ? 2.14387  29.76375 ? ? 0.0 
;2-Gaussian fit: Grosse-Kunstleve RW, Sauter NK, Adams PD: Newsletter of the IUCr Commission on Crystallographic Computing 2004, 3, 22-31.
;
? 
# 
loop_
_atom_site.group_PDB 
_atom_site.id 
_atom_site.type_symbol 
_atom_site.label_atom_id 
_atom_site.label_alt_id 
_atom_site.label_comp_id 
_atom_site.label_asym_id 
_atom_site.label_entity_id 
_atom_site.label_seq_id 
_atom_site.pdbx_PDB_ins_code 
_atom_site.Cartn_x 
_atom_site.Cartn_y 
_atom_site.Cartn_z 
_atom_site.occupancy 
_atom_site.B_iso_or_equiv 
_atom_site.pdbx_formal_charge 
_atom_site.auth_seq_id 
_atom_site.auth_comp_id 
_atom_site.auth_asym_id 
_atom_site.auth_atom_id 
_atom_site.pdbx_PDB_model_num 
ATOM   1    N  N    . TYR A 1 1  ? 1.16306   3.22605   -16.52749 1.000 11.53771 ? 1656 TYR A N    1 
ATOM   2    C  CA   . TYR A 1 1  ? -0.18549  3.44472   -16.00872 1.000 7.67495  ? 1656 TYR A CA   1 
ATOM   3    C  C    . TYR A 1 1  ? -0.48917  4.95156   -15.99028 1.000 10.46175 ? 1656 TYR A C    1 
ATOM   4    O  O    . TYR A 1 1  ? 0.36693   5.76864   -16.35943 1.000 15.63883 ? 1656 TYR A O    1 
ATOM   5    C  CB   . TYR A 1 1  ? -0.34152  2.81722   -14.62242 1.000 8.88345  ? 1656 TYR A CB   1 
ATOM   6    C  CG   . TYR A 1 1  ? 0.86028   2.92667   -13.69089 1.000 11.53186 ? 1656 TYR A CG   1 
ATOM   7    C  CD1  . TYR A 1 1  ? 1.13580   4.10336   -13.02289 1.000 13.45940 ? 1656 TYR A CD1  1 
ATOM   8    C  CD2  . TYR A 1 1  ? 1.67202   1.83641   -13.45470 1.000 11.65827 ? 1656 TYR A CD2  1 
ATOM   9    C  CE1  . TYR A 1 1  ? 2.21005   4.19874   -12.15619 1.000 18.56926 ? 1656 TYR A CE1  1 
ATOM   10   C  CE2  . TYR A 1 1  ? 2.74199   1.91921   -12.59904 1.000 15.12830 ? 1656 TYR A CE2  1 
ATOM   11   C  CZ   . TYR A 1 1  ? 3.00888   3.10031   -11.95781 1.000 14.10171 ? 1656 TYR A CZ   1 
ATOM   12   O  OH   . TYR A 1 1  ? 4.09109   3.17485   -11.09219 1.000 19.11809 ? 1656 TYR A OH   1 
ATOM   13   H  HA   . TYR A 1 1  ? -0.84220  3.01213   -16.57662 1.000 9.26956  ? 1656 TYR A HA   1 
ATOM   14   H  HB2  . TYR A 1 1  ? -1.08712  3.24978   -14.17759 1.000 10.71976 ? 1656 TYR A HB2  1 
ATOM   15   H  HB3  . TYR A 1 1  ? -0.52718  1.87222   -14.73812 1.000 10.71976 ? 1656 TYR A HB3  1 
ATOM   16   H  HD1  . TYR A 1 1  ? 0.59009   4.84423   -13.15784 1.000 16.21090 ? 1656 TYR A HD1  1 
ATOM   17   H  HD2  . TYR A 1 1  ? 1.49099   1.03097   -13.88293 1.000 14.04954 ? 1656 TYR A HD2  1 
ATOM   18   H  HE1  . TYR A 1 1  ? 2.38864   4.99698   -11.71366 1.000 22.34272 ? 1656 TYR A HE1  1 
ATOM   19   H  HE2  . TYR A 1 1  ? 3.28345   1.17691   -12.45511 1.000 18.21357 ? 1656 TYR A HE2  1 
ATOM   20   H  HH   . TYR A 1 1  ? 4.11161   3.92866   -10.72213 1.000 23.00132 ? 1656 TYR A HH   1 
ATOM   21   N  N    . ILE A 1 2  ? -1.71573  5.29205   -15.58304 1.000 14.57555 ? 1657 ILE A N    1 
ATOM   22   C  CA   . ILE A 1 2  ? -2.15080  6.68862   -15.53106 1.000 14.68065 ? 1657 ILE A CA   1 
ATOM   23   C  C    . ILE A 1 2  ? -1.33179  7.44919   -14.49934 1.000 15.71558 ? 1657 ILE A C    1 
ATOM   24   O  O    . ILE A 1 2  ? -0.76404  6.87113   -13.56144 1.000 15.42682 ? 1657 ILE A O    1 
ATOM   25   C  CB   . ILE A 1 2  ? -3.65166  6.79431   -15.19868 1.000 12.64500 ? 1657 ILE A CB   1 
ATOM   26   C  CG1  . ILE A 1 2  ? -3.92693  6.19744   -13.81039 1.000 15.24430 ? 1657 ILE A CG1  1 
ATOM   27   C  CG2  . ILE A 1 2  ? -4.46682  6.17152   -16.27875 1.000 16.05673 ? 1657 ILE A CG2  1 
ATOM   28   C  CD1  . ILE A 1 2  ? -5.26506  6.61311   -13.22351 1.000 17.55944 ? 1657 ILE A CD1  1 
ATOM   29   H  H    . ILE A 1 2  ? -2.31712  4.73150   -15.33064 1.000 17.55027 ? 1657 ILE A H    1 
ATOM   30   H  HA   . ILE A 1 2  ? -2.00145  7.08537   -16.40352 1.000 17.67640 ? 1657 ILE A HA   1 
ATOM   31   H  HB   . ILE A 1 2  ? -3.91239  7.72777   -15.15890 1.000 15.23362 ? 1657 ILE A HB   1 
ATOM   32   H  HG12 . ILE A 1 2  ? -3.92105  5.22992   -13.87953 1.000 18.35278 ? 1657 ILE A HG12 1 
ATOM   33   H  HG13 . ILE A 1 2  ? -3.23174  6.49071   -13.20080 1.000 18.35278 ? 1657 ILE A HG13 1 
ATOM   34   H  HG21 . ILE A 1 2  ? -5.40547  6.23519   -16.04258 1.000 19.32769 ? 1657 ILE A HG21 1 
ATOM   35   H  HG22 . ILE A 1 2  ? -4.30226  6.64297   -17.11034 1.000 19.32769 ? 1657 ILE A HG22 1 
ATOM   36   H  HG23 . ILE A 1 2  ? -4.21120  5.24029   -16.37026 1.000 19.32769 ? 1657 ILE A HG23 1 
ATOM   37   H  HD11 . ILE A 1 2  ? -5.33298  6.27082   -12.31844 1.000 21.13095 ? 1657 ILE A HD11 1 
ATOM   38   H  HD12 . ILE A 1 2  ? -5.31939  7.58155   -13.21583 1.000 21.13095 ? 1657 ILE A HD12 1 
ATOM   39   H  HD13 . ILE A 1 2  ? -5.97735  6.24617   -13.77023 1.000 21.13095 ? 1657 ILE A HD13 1 
ATOM   40   N  N    . PHE A 1 3  ? -1.32644  8.78199   -14.64402 1.000 14.77094 ? 1658 PHE A N    1 
ATOM   41   C  CA   . PHE A 1 3  ? -0.75957  9.66117   -13.63310 1.000 16.75955 ? 1658 PHE A CA   1 
ATOM   42   C  C    . PHE A 1 3  ? -1.73975  9.82306   -12.48014 1.000 16.53138 ? 1658 PHE A C    1 
ATOM   43   O  O    . PHE A 1 3  ? -2.91294  10.14806  -12.68702 1.000 17.41267 ? 1658 PHE A O    1 
ATOM   44   C  CB   . PHE A 1 3  ? -0.43321  11.04494  -14.18699 1.000 18.86611 ? 1658 PHE A CB   1 
ATOM   45   C  CG   . PHE A 1 3  ? -0.03548  12.03206  -13.11346 1.000 19.39921 ? 1658 PHE A CG   1 
ATOM   46   C  CD1  . PHE A 1 3  ? 1.27989   12.12749  -12.69749 1.000 20.20051 ? 1658 PHE A CD1  1 
ATOM   47   C  CD2  . PHE A 1 3  ? -0.98902  12.83633  -12.50347 1.000 22.99255 ? 1658 PHE A CD2  1 
ATOM   48   C  CE1  . PHE A 1 3  ? 1.64253   13.03202  -11.69782 1.000 30.26273 ? 1658 PHE A CE1  1 
ATOM   49   C  CE2  . PHE A 1 3  ? -0.63543  13.73388  -11.50838 1.000 20.53992 ? 1658 PHE A CE2  1 
ATOM   50   C  CZ   . PHE A 1 3  ? 0.67751   13.82557  -11.10329 1.000 28.14514 ? 1658 PHE A CZ   1 
ATOM   51   H  H    . PHE A 1 3  ? -1.64870  9.19646   -15.32518 1.000 17.78474 ? 1658 PHE A H    1 
ATOM   52   H  HA   . PHE A 1 3  ? 0.06594   9.25771   -13.32224 1.000 20.17107 ? 1658 PHE A HA   1 
ATOM   53   H  HB2  . PHE A 1 3  ? 0.30520   10.96803  -14.81127 1.000 22.69895 ? 1658 PHE A HB2  1 
ATOM   54   H  HB3  . PHE A 1 3  ? -1.21592  11.39516  -14.64045 1.000 22.69895 ? 1658 PHE A HB3  1 
ATOM   55   H  HD1  . PHE A 1 3  ? 1.92759   11.58521  -13.08648 1.000 24.30023 ? 1658 PHE A HD1  1 
ATOM   56   H  HD2  . PHE A 1 3  ? -1.87864  12.77171  -12.76672 1.000 27.65068 ? 1658 PHE A HD2  1 
ATOM   57   H  HE1  . PHE A 1 3  ? 2.53105   13.10108  -11.43200 1.000 36.37489 ? 1658 PHE A HE1  1 
ATOM   58   H  HE2  . PHE A 1 3  ? -1.28328  14.27293  -11.11517 1.000 24.70752 ? 1658 PHE A HE2  1 
ATOM   59   H  HZ   . PHE A 1 3  ? 0.91566   14.42109  -10.42985 1.000 33.83379 ? 1658 PHE A HZ   1 
ATOM   60   N  N    . SER A 1 4  ? -1.24503  9.61365   -11.26583 1.000 16.50819 ? 1659 SER A N    1 
ATOM   61   C  CA   . SER A 1 4  ? -2.01288  9.90932   -10.06678 1.000 13.15232 ? 1659 SER A CA   1 
ATOM   62   C  C    . SER A 1 4  ? -1.05739  10.10737  -8.90451  1.000 19.35124 ? 1659 SER A C    1 
ATOM   63   O  O    . SER A 1 4  ? 0.01607   9.50540   -8.85819  1.000 16.30258 ? 1659 SER A O    1 
ATOM   64   C  CB   . SER A 1 4  ? -3.00465  8.78724   -9.75060  1.000 18.53989 ? 1659 SER A CB   1 
ATOM   65   O  OG   . SER A 1 4  ? -3.57839  8.99744   -8.47791  1.000 17.74265 ? 1659 SER A OG   1 
ATOM   66   H  H    . SER A 1 4  ? -0.46028  9.29833   -11.10980 1.000 19.86945 ? 1659 SER A H    1 
ATOM   67   H  HA   . SER A 1 4  ? -2.50852  10.73294  -10.19677 1.000 15.84241 ? 1659 SER A HA   1 
ATOM   68   H  HB2  . SER A 1 4  ? -3.70614  8.78268   -10.42051 1.000 22.30748 ? 1659 SER A HB2  1 
ATOM   69   H  HB3  . SER A 1 4  ? -2.53720  7.93732   -9.75393  1.000 22.30748 ? 1659 SER A HB3  1 
ATOM   70   H  HG   . SER A 1 4  ? -4.06646  8.34566   -8.27159  1.000 21.35080 ? 1659 SER A HG   1 
ATOM   71   N  N    . LYS A 1 5  ? -1.44915  10.96933  -7.96957  1.000 12.35003 ? 1660 LYS A N    1 
ATOM   72   C  CA   . LYS A 1 5  ? -0.69471  11.13678  -6.73407  1.000 12.10346 ? 1660 LYS A CA   1 
ATOM   73   C  C    . LYS A 1 5  ? -1.31544  10.37138  -5.57868  1.000 15.34102 ? 1660 LYS A C    1 
ATOM   74   O  O    . LYS A 1 5  ? -0.82185  10.45420  -4.45240  1.000 13.03669 ? 1660 LYS A O    1 
ATOM   75   C  CB   . LYS A 1 5  ? -0.59909  12.60970  -6.36608  1.000 18.40602 ? 1660 LYS A CB   1 
ATOM   76   C  CG   . LYS A 1 5  ? 0.29266   13.44440  -7.26022  1.000 17.14361 ? 1660 LYS A CG   1 
ATOM   77   C  CD   . LYS A 1 5  ? 0.41292   14.85397  -6.65192  1.000 33.67622 ? 1660 LYS A CD   1 
ATOM   78   C  CE   . LYS A 1 5  ? 0.84495   15.91798  -7.64657  1.000 43.63730 ? 1660 LYS A CE   1 
ATOM   79   N  NZ   . LYS A 1 5  ? 1.72442   16.93880  -6.99681  1.000 43.83668 ? 1660 LYS A NZ   1 
ATOM   80   H  H    . LYS A 1 5  ? -2.14794  11.46704  -8.02939  1.000 14.87966 ? 1660 LYS A H    1 
ATOM   81   H  HA   . LYS A 1 5  ? 0.20794   10.81014  -6.87352  1.000 14.58377 ? 1660 LYS A HA   1 
ATOM   82   H  HB2  . LYS A 1 5  ? -1.48921  12.99311  -6.40605  1.000 22.14684 ? 1660 LYS A HB2  1 
ATOM   83   H  HB3  . LYS A 1 5  ? -0.24897  12.67724  -5.46399  1.000 22.14684 ? 1660 LYS A HB3  1 
ATOM   84   H  HG2  . LYS A 1 5  ? 1.17538   13.04601  -7.31491  1.000 20.63194 ? 1660 LYS A HG2  1 
ATOM   85   H  HG3  . LYS A 1 5  ? -0.09572  13.51328  -8.14640  1.000 20.63194 ? 1660 LYS A HG3  1 
ATOM   86   H  HD2  . LYS A 1 5  ? -0.45109  15.11563  -6.29705  1.000 40.47108 ? 1660 LYS A HD2  1 
ATOM   87   H  HD3  . LYS A 1 5  ? 1.07110   14.83158  -5.93974  1.000 40.47108 ? 1660 LYS A HD3  1 
ATOM   88   H  HE2  . LYS A 1 5  ? 1.34052   15.50175  -8.36911  1.000 52.42438 ? 1660 LYS A HE2  1 
ATOM   89   H  HE3  . LYS A 1 5  ? 0.06093   16.36807  -7.99818  1.000 52.42438 ? 1660 LYS A HE3  1 
ATOM   90   H  HZ1  . LYS A 1 5  ? 1.53927   17.74826  -7.31712  1.000 52.66364 ? 1660 LYS A HZ1  1 
ATOM   91   H  HZ2  . LYS A 1 5  ? 1.59166   16.93909  -6.11677  1.000 52.66364 ? 1660 LYS A HZ2  1 
ATOM   92   H  HZ3  . LYS A 1 5  ? 2.57922   16.75222  -7.15990  1.000 52.66364 ? 1660 LYS A HZ3  1 
ATOM   93   N  N    . LEU A 1 6  ? -2.38659  9.63581   -5.82912  1.000 11.38210 ? 1661 LEU A N    1 
ATOM   94   C  CA   . LEU A 1 6  ? -3.10436  8.91013   -4.79556  1.000 10.77428 ? 1661 LEU A CA   1 
ATOM   95   C  C    . LEU A 1 6  ? -2.59113  7.48385   -4.65895  1.000 13.21523 ? 1661 LEU A C    1 
ATOM   96   O  O    . LEU A 1 6  ? -1.75296  7.00085   -5.43186  1.000 13.30379 ? 1661 LEU A O    1 
ATOM   97   C  CB   . LEU A 1 6  ? -4.59763  8.86013   -5.10457  1.000 13.96496 ? 1661 LEU A CB   1 
ATOM   98   C  CG   . LEU A 1 6  ? -5.31763  10.20579  -5.21641  1.000 14.65077 ? 1661 LEU A CG   1 
ATOM   99   C  CD1  . LEU A 1 6  ? -6.72876  9.96472   -5.70640  1.000 20.07920 ? 1661 LEU A CD1  1 
ATOM   100  C  CD2  . LEU A 1 6  ? -5.29346  10.92901  -3.87418  1.000 16.39911 ? 1661 LEU A CD2  1 
ATOM   101  H  H    . LEU A 1 6  ? -2.72735  9.53819   -6.61267  1.000 13.71814 ? 1661 LEU A H    1 
ATOM   102  H  HA   . LEU A 1 6  ? -2.96286  9.37898   -3.95826  1.000 12.98876 ? 1661 LEU A HA   1 
ATOM   103  H  HB2  . LEU A 1 6  ? -4.71378  8.40347   -5.95243  1.000 16.81757 ? 1661 LEU A HB2  1 
ATOM   104  H  HB3  . LEU A 1 6  ? -5.03433  8.36127   -4.39652  1.000 16.81757 ? 1661 LEU A HB3  1 
ATOM   105  H  HG   . LEU A 1 6  ? -4.87139  10.78537  -5.85348  1.000 17.64054 ? 1661 LEU A HG   1 
ATOM   106  H  HD11 . LEU A 1 6  ? -7.31445  10.63797  -5.32614  1.000 24.15466 ? 1661 LEU A HD11 1 
ATOM   107  H  HD12 . LEU A 1 6  ? -6.74136  10.02399  -6.67451  1.000 24.15466 ? 1661 LEU A HD12 1 
ATOM   108  H  HD13 . LEU A 1 6  ? -7.01404  9.08124   -5.42535  1.000 24.15466 ? 1661 LEU A HD13 1 
ATOM   109  H  HD21 . LEU A 1 6  ? -5.76732  11.77097  -3.96054  1.000 19.73855 ? 1661 LEU A HD21 1 
ATOM   110  H  HD22 . LEU A 1 6  ? -5.72633  10.37266  -3.20784  1.000 19.73855 ? 1661 LEU A HD22 1 
ATOM   111  H  HD23 . LEU A 1 6  ? -4.37172  11.09273  -3.62023  1.000 19.73855 ? 1661 LEU A HD23 1 
ATOM   112  N  N    . CYS A 1 7  ? -3.12521  6.81563   -3.65373  1.000 16.04490 ? 1662 CYS A N    1 
ATOM   113  C  CA   . CYS A 1 7  ? -2.88699  5.39515   -3.46735  1.000 9.62570  ? 1662 CYS A CA   1 
ATOM   114  C  C    . CYS A 1 7  ? -3.02578  4.65543   -4.78427  1.000 8.68303  ? 1662 CYS A C    1 
ATOM   115  O  O    . CYS A 1 7  ? -3.96789  4.88282   -5.54748  1.000 13.18751 ? 1662 CYS A O    1 
ATOM   116  C  CB   . CYS A 1 7  ? -3.88100  4.84409   -2.44822  1.000 14.29613 ? 1662 CYS A CB   1 
ATOM   117  S  SG   . CYS A 1 7  ? -3.92954  3.05816   -2.28961  1.000 9.82259  ? 1662 CYS A SG   1 
ATOM   118  H  H    . CYS A 1 7  ? -3.63641  7.16469   -3.05672  1.000 19.31350 ? 1662 CYS A H    1 
ATOM   119  H  HA   . CYS A 1 7  ? -1.98829  5.25176   -3.13169  1.000 11.61046 ? 1662 CYS A HA   1 
ATOM   120  H  HB2  . CYS A 1 7  ? -3.65299  5.20376   -1.57670  1.000 17.21498 ? 1662 CYS A HB2  1 
ATOM   121  H  HB3  . CYS A 1 7  ? -4.77051  5.13398   -2.70439  1.000 17.21498 ? 1662 CYS A HB3  1 
ATOM   122  N  N    . THR A 1 8  ? -2.08931  3.74107   -5.04018  1.000 10.89569 ? 1663 THR A N    1 
ATOM   123  C  CA   . THR A 1 8  ? -2.09322  3.02448   -6.31235  1.000 10.67741 ? 1663 THR A CA   1 
ATOM   124  C  C    . THR A 1 8  ? -3.27459  2.07062   -6.46184  1.000 11.51239 ? 1663 THR A C    1 
ATOM   125  O  O    . THR A 1 8  ? -3.50518  1.58037   -7.57330  1.000 13.69616 ? 1663 THR A O    1 
ATOM   126  C  CB   . THR A 1 8  ? -0.78595  2.23802   -6.49797  1.000 9.13547  ? 1663 THR A CB   1 
ATOM   127  O  OG1  . THR A 1 8  ? -0.64889  1.23805   -5.48039  1.000 12.56351 ? 1663 THR A OG1  1 
ATOM   128  C  CG2  . THR A 1 8  ? 0.42761   3.16823   -6.39833  1.000 12.75291 ? 1663 THR A CG2  1 
ATOM   129  H  H    . THR A 1 8  ? -1.45387  3.52255   -4.50346  1.000 13.13445 ? 1663 THR A H    1 
ATOM   130  H  HA   . THR A 1 8  ? -2.14816  3.68587   -7.01979  1.000 12.87252 ? 1663 THR A HA   1 
ATOM   131  H  HB   . THR A 1 8  ? -0.80878  1.82074   -7.37334  1.000 11.02218 ? 1663 THR A HB   1 
ATOM   132  H  HG1  . THR A 1 8  ? -1.25359  0.66068   -5.56167  1.000 15.13583 ? 1663 THR A HG1  1 
ATOM   133  H  HG21 . THR A 1 8  ? 1.23677   2.68329   -6.62419  1.000 15.36311 ? 1663 THR A HG21 1 
ATOM   134  H  HG22 . THR A 1 8  ? 0.32573   3.91328   -7.01104  1.000 15.36311 ? 1663 THR A HG22 1 
ATOM   135  H  HG23 . THR A 1 8  ? 0.50859   3.51232   -5.49503  1.000 15.36311 ? 1663 THR A HG23 1 
ATOM   136  N  N    . PHE A 1 9  ? -4.00391  1.75227   -5.38137  1.000 12.79847 ? 1664 PHE A N    1 
ATOM   137  C  CA   . PHE A 1 9  ? -5.27420  1.05312   -5.55927  1.000 12.36542 ? 1664 PHE A CA   1 
ATOM   138  C  C    . PHE A 1 9  ? -6.17154  1.79784   -6.53516  1.000 15.86008 ? 1664 PHE A C    1 
ATOM   139  O  O    . PHE A 1 9  ? -7.02131  1.18019   -7.18732  1.000 11.44785 ? 1664 PHE A O    1 
ATOM   140  C  CB   . PHE A 1 9  ? -5.99736  0.89932   -4.20453  1.000 12.37032 ? 1664 PHE A CB   1 
ATOM   141  C  CG   . PHE A 1 9  ? -7.19847  -0.01489  -4.25217  1.000 13.44234 ? 1664 PHE A CG   1 
ATOM   142  C  CD1  . PHE A 1 9  ? -7.03205  -1.39187  -4.27843  1.000 17.01321 ? 1664 PHE A CD1  1 
ATOM   143  C  CD2  . PHE A 1 9  ? -8.47039  0.50203   -4.30012  1.000 14.02832 ? 1664 PHE A CD2  1 
ATOM   144  C  CE1  . PHE A 1 9  ? -8.12254  -2.23041  -4.33925  1.000 18.79667 ? 1664 PHE A CE1  1 
ATOM   145  C  CE2  . PHE A 1 9  ? -9.56961  -0.33727  -4.37676  1.000 19.33153 ? 1664 PHE A CE2  1 
ATOM   146  C  CZ   . PHE A 1 9  ? -9.38601  -1.69980  -4.39167  1.000 17.98221 ? 1664 PHE A CZ   1 
ATOM   147  H  H    . PHE A 1 9  ? -3.78964  1.92533   -4.56667  1.000 15.41778 ? 1664 PHE A H    1 
ATOM   148  H  HA   . PHE A 1 9  ? -5.09721  0.16480   -5.90634  1.000 14.89812 ? 1664 PHE A HA   1 
ATOM   149  H  HB2  . PHE A 1 9  ? -5.37324  0.53364   -3.55827  1.000 14.90400 ? 1664 PHE A HB2  1 
ATOM   150  H  HB3  . PHE A 1 9  ? -6.30241  1.77292   -3.91356  1.000 14.90400 ? 1664 PHE A HB3  1 
ATOM   151  H  HD1  . PHE A 1 9  ? -6.17509  -1.75238  -4.25470  1.000 20.47547 ? 1664 PHE A HD1  1 
ATOM   152  H  HD2  . PHE A 1 9  ? -8.59447  1.42352   -4.28095  1.000 16.89361 ? 1664 PHE A HD2  1 
ATOM   153  H  HE1  . PHE A 1 9  ? -8.00274  -3.15264  -4.34476  1.000 22.61562 ? 1664 PHE A HE1  1 
ATOM   154  H  HE2  . PHE A 1 9  ? -10.42764 0.01909   -4.41793  1.000 23.25745 ? 1664 PHE A HE2  1 
ATOM   155  H  HZ   . PHE A 1 9  ? -10.12312 -2.26500  -4.43758  1.000 21.63827 ? 1664 PHE A HZ   1 
ATOM   156  N  N    . THR A 1 10 ? -6.00729  3.12999   -6.62640  1.000 14.82540 ? 1665 THR A N    1 
ATOM   157  C  CA   . THR A 1 10 ? -6.74543  3.93325   -7.59988  1.000 13.50705 ? 1665 THR A CA   1 
ATOM   158  C  C    . THR A 1 10 ? -6.53982  3.40935   -9.01187  1.000 17.45359 ? 1665 THR A C    1 
ATOM   159  O  O    . THR A 1 10 ? -7.46530  3.41371   -9.83899  1.000 13.70191 ? 1665 THR A O    1 
ATOM   160  C  CB   . THR A 1 10 ? -6.29058  5.40179   -7.53300  1.000 16.19257 ? 1665 THR A CB   1 
ATOM   161  O  OG1  . THR A 1 10 ? -6.51540  5.95322   -6.22994  1.000 23.49723 ? 1665 THR A OG1  1 
ATOM   162  C  CG2  . THR A 1 10 ? -7.05313  6.25001   -8.55708  1.000 21.80010 ? 1665 THR A CG2  1 
ATOM   163  H  H    . THR A 1 10 ? -5.47248  3.58846   -6.13307  1.000 17.85010 ? 1665 THR A H    1 
ATOM   164  H  HA   . THR A 1 10 ? -7.68882  3.88731   -7.37895  1.000 16.26807 ? 1665 THR A HA   1 
ATOM   165  H  HB   . THR A 1 10 ? -5.34136  5.43253   -7.73033  1.000 19.49070 ? 1665 THR A HB   1 
ATOM   166  H  HG1  . THR A 1 10 ? -6.10243  5.50396   -5.65270  1.000 28.25630 ? 1665 THR A HG1  1 
ATOM   167  H  HG21 . THR A 1 10 ? -6.79347  7.18108   -8.47583  1.000 26.21974 ? 1665 THR A HG21 1 
ATOM   168  H  HG22 . THR A 1 10 ? -6.85288  5.94463   -9.45572  1.000 26.21974 ? 1665 THR A HG22 1 
ATOM   169  H  HG23 . THR A 1 10 ? -8.00813  6.17508   -8.40462  1.000 26.21974 ? 1665 THR A HG23 1 
ATOM   170  N  N    . ILE A 1 11 ? -5.32886  2.94298   -9.29133  1.000 15.19066 ? 1666 ILE A N    1 
ATOM   171  C  CA   . ILE A 1 11 ? -4.90820  2.47224   -10.59750 1.000 12.70709 ? 1666 ILE A CA   1 
ATOM   172  C  C    . ILE A 1 11 ? -5.26245  1.00388   -10.79683 1.000 14.51971 ? 1666 ILE A C    1 
ATOM   173  O  O    . ILE A 1 11 ? -5.78035  0.60772   -11.84726 1.000 15.03697 ? 1666 ILE A O    1 
ATOM   174  C  CB   . ILE A 1 11 ? -3.38407  2.70500   -10.72433 1.000 14.14768 ? 1666 ILE A CB   1 
ATOM   175  C  CG1  . ILE A 1 11 ? -3.02840  4.18969   -10.59786 1.000 15.69860 ? 1666 ILE A CG1  1 
ATOM   176  C  CG2  . ILE A 1 11 ? -2.86318  2.12059   -12.04718 1.000 13.94777 ? 1666 ILE A CG2  1 
ATOM   177  C  CD1  . ILE A 1 11 ? -1.53262  4.44875   -10.54654 1.000 18.23385 ? 1666 ILE A CD1  1 
ATOM   178  H  H    . ILE A 1 11 ? -4.69994  2.88693   -8.70744  1.000 18.28841 ? 1666 ILE A H    1 
ATOM   179  H  HA   . ILE A 1 11 ? -5.36761  2.97391   -11.28899 1.000 15.30812 ? 1666 ILE A HA   1 
ATOM   180  H  HB   . ILE A 1 11 ? -2.95066  2.24310   -9.98969  1.000 17.03683 ? 1666 ILE A HB   1 
ATOM   181  H  HG12 . ILE A 1 11 ? -3.38656  4.66412   -11.36438 1.000 18.89794 ? 1666 ILE A HG12 1 
ATOM   182  H  HG13 . ILE A 1 11 ? -3.41888  4.53695   -9.78065  1.000 18.89794 ? 1666 ILE A HG13 1 
ATOM   183  H  HG21 . ILE A 1 11 ? -2.92790  1.15338   -12.01231 1.000 16.79694 ? 1666 ILE A HG21 1 
ATOM   184  H  HG22 . ILE A 1 11 ? -3.40263  2.46210   -12.77742 1.000 16.79694 ? 1666 ILE A HG22 1 
ATOM   185  H  HG23 . ILE A 1 11 ? -1.93796  2.38609   -12.16711 1.000 16.79694 ? 1666 ILE A HG23 1 
ATOM   186  H  HD11 . ILE A 1 11 ? -1.38048  5.36940   -10.28168 1.000 21.94024 ? 1666 ILE A HD11 1 
ATOM   187  H  HD12 . ILE A 1 11 ? -1.13002  3.84778   -9.90029  1.000 21.94024 ? 1666 ILE A HD12 1 
ATOM   188  H  HD13 . ILE A 1 11 ? -1.15439  4.29065   -11.42566 1.000 21.94024 ? 1666 ILE A HD13 1 
ATOM   189  N  N    . THR A 1 12 ? -4.96354  0.18095   -9.78684  1.000 14.29313 ? 1667 THR A N    1 
ATOM   190  C  CA   . THR A 1 12 ? -5.02972  -1.26605  -9.90991  1.000 14.09296 ? 1667 THR A CA   1 
ATOM   191  C  C    . THR A 1 12 ? -6.38618  -1.86729  -9.57058  1.000 11.83527 ? 1667 THR A C    1 
ATOM   192  O  O    . THR A 1 12 ? -6.72631  -2.93000  -10.10257 1.000 17.01860 ? 1667 THR A O    1 
ATOM   193  C  CB   . THR A 1 12 ? -4.01694  -1.94815  -8.97559  1.000 17.17591 ? 1667 THR A CB   1 
ATOM   194  O  OG1  . THR A 1 12 ? -4.29774  -1.60146  -7.61031  1.000 13.60953 ? 1667 THR A OG1  1 
ATOM   195  C  CG2  . THR A 1 12 ? -2.58928  -1.58672  -9.30580  1.000 10.54857 ? 1667 THR A CG2  1 
ATOM   196  H  H    . THR A 1 12 ? -4.71559  0.44700   -9.00753  1.000 17.21138 ? 1667 THR A H    1 
ATOM   197  H  HA   . THR A 1 12 ? -4.81605  -1.46040  -10.83591 1.000 16.97117 ? 1667 THR A HA   1 
ATOM   198  H  HB   . THR A 1 12 ? -4.10016  -2.90724  -9.09451  1.000 20.67072 ? 1667 THR A HB   1 
ATOM   199  H  HG1  . THR A 1 12 ? -3.63077  -1.76965  -7.12817  1.000 16.39105 ? 1667 THR A HG1  1 
ATOM   200  H  HG21 . THR A 1 12 ? -1.98278  -2.05013  -8.70719  1.000 12.71790 ? 1667 THR A HG21 1 
ATOM   201  H  HG22 . THR A 1 12 ? -2.38545  -1.84113  -10.21938 1.000 12.71790 ? 1667 THR A HG22 1 
ATOM   202  H  HG23 . THR A 1 12 ? -2.45813  -0.63056  -9.20857  1.000 12.71790 ? 1667 THR A HG23 1 
ATOM   203  N  N    . GLN A 1 13 ? -7.15183  -1.25119  -8.66445  1.000 9.76954  ? 1668 GLN A N    1 
ATOM   204  C  CA   . GLN A 1 13 ? -8.23189  -1.97168  -7.99952  1.000 16.82648 ? 1668 GLN A CA   1 
ATOM   205  C  C    . GLN A 1 13 ? -7.63250  -3.28359  -7.50639  1.000 14.86123 ? 1668 GLN A C    1 
ATOM   206  O  O    . GLN A 1 13 ? -6.48974  -3.28440  -7.05917  1.000 13.49659 ? 1668 GLN A O    1 
ATOM   207  C  CB   . GLN A 1 13 ? -9.42186  -2.13608  -8.93338  1.000 15.84515 ? 1668 GLN A CB   1 
ATOM   208  C  CG   . GLN A 1 13 ? -10.02507 -0.77386  -9.29465  1.000 18.13592 ? 1668 GLN A CG   1 
ATOM   209  C  CD   . GLN A 1 13 ? -10.60468 -0.04818  -8.10006  1.000 23.45936 ? 1668 GLN A CD   1 
ATOM   210  O  OE1  . GLN A 1 13 ? -11.54001 -0.52935  -7.46281  1.000 24.98633 ? 1668 GLN A OE1  1 
ATOM   211  N  NE2  . GLN A 1 13 ? -10.04169 1.11118   -7.77866  1.000 22.45793 ? 1668 GLN A NE2  1 
ATOM   212  H  H    . GLN A 1 13 ? -7.06446  -0.43014  -8.42395  1.000 11.78307 ? 1668 GLN A H    1 
ATOM   213  H  HA   . GLN A 1 13 ? -8.60072  -1.49595  -7.23890  1.000 20.25139 ? 1668 GLN A HA   1 
ATOM   214  H  HB2  . GLN A 1 13 ? -9.13324  -2.57193  -9.75048  1.000 19.07380 ? 1668 GLN A HB2  1 
ATOM   215  H  HB3  . GLN A 1 13 ? -10.10416 -2.66920  -8.49617  1.000 19.07380 ? 1668 GLN A HB3  1 
ATOM   216  H  HG2  . GLN A 1 13 ? -9.33171  -0.21363  -9.67714  1.000 21.82272 ? 1668 GLN A HG2  1 
ATOM   217  H  HG3  . GLN A 1 13 ? -10.73803 -0.90581  -9.93900  1.000 21.82272 ? 1668 GLN A HG3  1 
ATOM   218  H  HE21 . GLN A 1 13 ? -9.38261  1.41221   -8.24190  1.000 27.00914 ? 1668 GLN A HE21 1 
ATOM   219  H  HE22 . GLN A 1 13 ? -10.33626 1.56078   -7.10732  1.000 27.00914 ? 1668 GLN A HE22 1 
ATOM   220  N  N    . LYS A 1 14 ? -8.36775  -4.38912  -7.53352  1.000 18.76472 ? 1669 LYS A N    1 
ATOM   221  C  CA   . LYS A 1 14 ? -7.84046  -5.64602  -7.02489  1.000 13.99791 ? 1669 LYS A CA   1 
ATOM   222  C  C    . LYS A 1 14 ? -7.17175  -6.47997  -8.10219  1.000 17.00380 ? 1669 LYS A C    1 
ATOM   223  O  O    . LYS A 1 14 ? -6.89667  -7.66750  -7.87275  1.000 15.80519 ? 1669 LYS A O    1 
ATOM   224  C  CB   . LYS A 1 14 ? -8.94676  -6.44567  -6.34128  1.000 18.47424 ? 1669 LYS A CB   1 
ATOM   225  C  CG   . LYS A 1 14 ? -9.33382  -5.84914  -5.00949  1.000 18.38903 ? 1669 LYS A CG   1 
ATOM   226  C  CD   . LYS A 1 14 ? -10.31279 -6.72623  -4.22225  1.000 18.63301 ? 1669 LYS A CD   1 
ATOM   227  C  CE   . LYS A 1 14 ? -10.79280 -5.97100  -2.96584  1.000 33.74742 ? 1669 LYS A CE   1 
ATOM   228  N  NZ   . LYS A 1 14 ? -12.16477 -6.34911  -2.50028  1.000 39.69480 ? 1669 LYS A NZ   1 
ATOM   229  H  H    . LYS A 1 14 ? -9.16995  -4.43446  -7.84016  1.000 22.57728 ? 1669 LYS A H    1 
ATOM   230  H  HA   . LYS A 1 14 ? -7.16951  -5.44971  -6.35243  1.000 16.85711 ? 1669 LYS A HA   1 
ATOM   231  H  HB2  . LYS A 1 14 ? -9.73230  -6.45388  -6.91028  1.000 22.22871 ? 1669 LYS A HB2  1 
ATOM   232  H  HB3  . LYS A 1 14 ? -8.63748  -7.35244  -6.18962  1.000 22.22871 ? 1669 LYS A HB3  1 
ATOM   233  H  HG2  . LYS A 1 14 ? -8.53531  -5.73543  -4.47065  1.000 22.12646 ? 1669 LYS A HG2  1 
ATOM   234  H  HG3  . LYS A 1 14 ? -9.75769  -4.98972  -5.15993  1.000 22.12646 ? 1669 LYS A HG3  1 
ATOM   235  H  HD2  . LYS A 1 14 ? -11.08258 -6.93552  -4.77407  1.000 22.41924 ? 1669 LYS A HD2  1 
ATOM   236  H  HD3  . LYS A 1 14 ? -9.87089  -7.54411  -3.94533  1.000 22.41924 ? 1669 LYS A HD3  1 
ATOM   237  H  HE2  . LYS A 1 14 ? -10.17665 -6.15519  -2.23966  1.000 40.55652 ? 1669 LYS A HE2  1 
ATOM   238  H  HE3  . LYS A 1 14 ? -10.80174 -5.02075  -3.16038  1.000 40.55652 ? 1669 LYS A HE3  1 
ATOM   239  H  HZ1  . LYS A 1 14 ? -12.39655 -5.85122  -1.79993  1.000 47.69338 ? 1669 LYS A HZ1  1 
ATOM   240  H  HZ2  . LYS A 1 14 ? -12.75448 -6.22003  -3.15426  1.000 47.69338 ? 1669 LYS A HZ2  1 
ATOM   241  H  HZ3  . LYS A 1 14 ? -12.18003 -7.20668  -2.26271  1.000 47.69338 ? 1669 LYS A HZ3  1 
ATOM   242  N  N    . GLU A 1 15 ? -6.93007  -5.89943  -9.27453  1.000 19.35178 ? 1670 GLU A N    1 
ATOM   243  C  CA   . GLU A 1 15 ? -5.94898  -6.44231  -10.19818 1.000 13.56019 ? 1670 GLU A CA   1 
ATOM   244  C  C    . GLU A 1 15 ? -4.56567  -5.99488  -9.73908  1.000 10.97941 ? 1670 GLU A C    1 
ATOM   245  O  O    . GLU A 1 15 ? -4.42083  -5.24956  -8.76959  1.000 18.47952 ? 1670 GLU A O    1 
ATOM   246  C  CB   . GLU A 1 15 ? -6.22471  -5.98884  -11.62576 1.000 14.06623 ? 1670 GLU A CB   1 
ATOM   247  C  CG   . GLU A 1 15 ? -7.45754  -6.60309  -12.23088 1.000 16.69018 ? 1670 GLU A CG   1 
ATOM   248  C  CD   . GLU A 1 15 ? -7.47879  -8.12979  -12.13620 1.000 25.86080 ? 1670 GLU A CD   1 
ATOM   249  O  OE1  . GLU A 1 15 ? -8.56711  -8.68476  -11.88420 1.000 42.03454 ? 1670 GLU A OE1  1 
ATOM   250  O  OE2  . GLU A 1 15 ? -6.42155  -8.77288  -12.31198 1.000 27.43422 ? 1670 GLU A OE2  1 
ATOM   251  H  H    . GLU A 1 15 ? -7.32394  -5.18853  -9.55576  1.000 23.28175 ? 1670 GLU A H    1 
ATOM   252  H  HA   . GLU A 1 15 ? -6.00382  -7.41075  -10.19399 1.000 16.33185 ? 1670 GLU A HA   1 
ATOM   253  H  HB2  . GLU A 1 15 ? -6.34146  -5.02590  -11.62973 1.000 16.93910 ? 1670 GLU A HB2  1 
ATOM   254  H  HB3  . GLU A 1 15 ? -5.46865  -6.23366  -12.18194 1.000 16.93910 ? 1670 GLU A HB3  1 
ATOM   255  H  HG2  . GLU A 1 15 ? -8.23833  -6.26470  -11.76530 1.000 20.08784 ? 1670 GLU A HG2  1 
ATOM   256  H  HG3  . GLU A 1 15 ? -7.50060  -6.36205  -13.16947 1.000 20.08784 ? 1670 GLU A HG3  1 
ATOM   257  N  N    . PHE A 1 16 ? -3.53164  -6.43252  -10.44636 1.000 18.95965 ? 1671 PHE A N    1 
ATOM   258  C  CA   . PHE A 1 16 ? -2.16443  -6.30641  -9.96516  1.000 17.97719 ? 1671 PHE A CA   1 
ATOM   259  C  C    . PHE A 1 16 ? -1.30781  -5.51287  -10.93516 1.000 31.60021 ? 1671 PHE A C    1 
ATOM   260  O  O    . PHE A 1 16 ? -1.56153  -5.47210  -12.14391 1.000 33.03469 ? 1671 PHE A O    1 
ATOM   261  C  CB   . PHE A 1 16 ? -1.54084  -7.69858  -9.73417  1.000 19.37220 ? 1671 PHE A CB   1 
ATOM   262  C  CG   . PHE A 1 16 ? -2.36238  -8.57227  -8.83969  1.000 20.92069 ? 1671 PHE A CG   1 
ATOM   263  C  CD1  . PHE A 1 16 ? -3.43347  -9.29493  -9.34834  1.000 17.67649 ? 1671 PHE A CD1  1 
ATOM   264  C  CD2  . PHE A 1 16 ? -2.10499  -8.63323  -7.48298  1.000 21.27132 ? 1671 PHE A CD2  1 
ATOM   265  C  CE1  . PHE A 1 16 ? -4.22594  -10.07470 -8.51933  1.000 21.05282 ? 1671 PHE A CE1  1 
ATOM   266  C  CE2  . PHE A 1 16 ? -2.88410  -9.39272  -6.64836  1.000 19.06853 ? 1671 PHE A CE2  1 
ATOM   267  C  CZ   . PHE A 1 16 ? -3.95608  -10.13117 -7.16489  1.000 21.58220 ? 1671 PHE A CZ   1 
ATOM   268  H  H    . PHE A 1 16 ? -3.59867  -6.81001  -11.21618 1.000 22.81119 ? 1671 PHE A H    1 
ATOM   269  H  HA   . PHE A 1 16 ? -2.16855  -5.81657  -9.12794  1.000 21.63225 ? 1671 PHE A HA   1 
ATOM   270  H  HB2  . PHE A 1 16 ? -1.45064  -8.14790  -10.58908 1.000 23.30626 ? 1671 PHE A HB2  1 
ATOM   271  H  HB3  . PHE A 1 16 ? -0.66885  -7.58779  -9.32396  1.000 23.30626 ? 1671 PHE A HB3  1 
ATOM   272  H  HD1  . PHE A 1 16 ? -3.62216  -9.25546  -10.25815 1.000 21.27141 ? 1671 PHE A HD1  1 
ATOM   273  H  HD2  . PHE A 1 16 ? -1.39191  -8.15138  -7.13050  1.000 25.58520 ? 1671 PHE A HD2  1 
ATOM   274  H  HE1  . PHE A 1 16 ? -4.93692  -10.55824 -8.87370  1.000 25.32301 ? 1671 PHE A HE1  1 
ATOM   275  H  HE2  . PHE A 1 16 ? -2.70017  -9.41748  -5.73707  1.000 22.94185 ? 1671 PHE A HE2  1 
ATOM   276  H  HZ   . PHE A 1 16 ? -4.48081  -10.65399 -6.60256  1.000 25.95826 ? 1671 PHE A HZ   1 
ATOM   277  N  N    . MET A 1 17 ? -0.28739  -4.86414  -10.38625 1.000 16.95382 ? 1672 MET A N    1 
ATOM   278  C  CA   . MET A 1 17 ? 0.75757   -4.32353  -11.22899 1.000 21.27654 ? 1672 MET A CA   1 
ATOM   279  C  C    . MET A 1 17 ? 2.05971   -4.29279  -10.44177 1.000 13.87613 ? 1672 MET A C    1 
ATOM   280  O  O    . MET A 1 17 ? 2.06678   -4.28068  -9.21673  1.000 13.32364 ? 1672 MET A O    1 
ATOM   281  C  CB   . MET A 1 17 ? 0.41230   -2.93601  -11.72636 1.000 21.45694 ? 1672 MET A CB   1 
ATOM   282  C  CG   . MET A 1 17 ? 0.89932   -1.86392  -10.82210 1.000 17.62171 ? 1672 MET A CG   1 
ATOM   283  S  SD   . MET A 1 17 ? 0.26978   -0.33260  -11.44486 1.000 31.49173 ? 1672 MET A SD   1 
ATOM   284  C  CE   . MET A 1 17 ? 0.18496   0.58256   -9.98032  1.000 9.92797  ? 1672 MET A CE   1 
ATOM   285  H  H    . MET A 1 17 ? -0.18387  -4.72901  -9.54326  1.000 20.40421 ? 1672 MET A H    1 
ATOM   286  H  HA   . MET A 1 17 ? 0.86772   -4.89970  -12.00153 1.000 25.59146 ? 1672 MET A HA   1 
ATOM   287  H  HB2  . MET A 1 17 ? 0.81892   -2.80248  -12.59683 1.000 25.80795 ? 1672 MET A HB2  1 
ATOM   288  H  HB3  . MET A 1 17 ? -0.55198  -2.85615  -11.79485 1.000 25.80795 ? 1672 MET A HB3  1 
ATOM   289  H  HG2  . MET A 1 17 ? 0.56970   -2.00673  -9.92107  1.000 21.20567 ? 1672 MET A HG2  1 
ATOM   290  H  HG3  . MET A 1 17 ? 1.86897   -1.83835  -10.82048 1.000 21.20567 ? 1672 MET A HG3  1 
ATOM   291  H  HE1  . MET A 1 17 ? -0.30042  1.40515   -10.14961 1.000 11.97318 ? 1672 MET A HE1  1 
ATOM   292  H  HE2  . MET A 1 17 ? -0.27660  0.05876   -9.30690  1.000 11.97318 ? 1672 MET A HE2  1 
ATOM   293  H  HE3  . MET A 1 17 ? 1.08540   0.78523   -9.68197  1.000 11.97318 ? 1672 MET A HE3  1 
ATOM   294  N  N    . ASN A 1 18 ? 3.14152   -4.23363  -11.20288 1.000 19.63295 ? 1673 ASN A N    1 
ATOM   295  C  CA   . ASN A 1 18 ? 4.47662   -4.11567  -10.63830 1.000 20.77321 ? 1673 ASN A CA   1 
ATOM   296  C  C    . ASN A 1 18 ? 4.64588   -2.76714  -9.93201  1.000 17.09657 ? 1673 ASN A C    1 
ATOM   297  O  O    . ASN A 1 18 ? 4.45439   -1.70625  -10.52615 1.000 17.92352 ? 1673 ASN A O    1 
ATOM   298  C  CB   . ASN A 1 18 ? 5.50506   -4.24645  -11.75734 1.000 17.12591 ? 1673 ASN A CB   1 
ATOM   299  C  CG   . ASN A 1 18 ? 5.64777   -5.67933  -12.26087 1.000 33.23698 ? 1673 ASN A CG   1 
ATOM   300  O  OD1  . ASN A 1 18 ? 5.72182   -5.91486  -13.47098 1.000 34.92090 ? 1673 ASN A OD1  1 
ATOM   301  N  ND2  . ASN A 1 18 ? 5.71857   -6.63085  -11.34339 1.000 35.10642 ? 1673 ASN A ND2  1 
ATOM   302  H  H    . ASN A 1 18 ? 3.13056   -4.26015  -12.06240 1.000 23.61916 ? 1673 ASN A H    1 
ATOM   303  H  HA   . ASN A 1 18 ? 4.61910   -4.81770  -9.98427  1.000 24.98747 ? 1673 ASN A HA   1 
ATOM   304  H  HB2  . ASN A 1 18 ? 5.23189   -3.69147  -12.50450 1.000 20.61071 ? 1673 ASN A HB2  1 
ATOM   305  H  HB3  . ASN A 1 18 ? 6.36999   -3.95658  -11.42755 1.000 20.61071 ? 1673 ASN A HB3  1 
ATOM   306  H  HD21 . ASN A 1 18 ? 5.68364   -6.42679  -10.50869 1.000 42.18732 ? 1673 ASN A HD21 1 
ATOM   307  H  HD22 . ASN A 1 18 ? 5.79951   -7.45311  -11.58202 1.000 42.18732 ? 1673 ASN A HD22 1 
ATOM   308  N  N    . GLN A 1 19 ? 5.05693   -2.83056  -8.66353  1.000 12.96893 ? 1674 GLN A N    1 
ATOM   309  C  CA   . GLN A 1 19 ? 5.30026   -1.62206  -7.88928  1.000 15.05446 ? 1674 GLN A CA   1 
ATOM   310  C  C    . GLN A 1 19 ? 6.11773   -1.95884  -6.65296  1.000 12.73427 ? 1674 GLN A C    1 
ATOM   311  O  O    . GLN A 1 19 ? 6.17753   -3.10435  -6.20455  1.000 11.67202 ? 1674 GLN A O    1 
ATOM   312  C  CB   . GLN A 1 19 ? 3.98337   -0.95427  -7.45883  1.000 10.27025 ? 1674 GLN A CB   1 
ATOM   313  C  CG   . GLN A 1 19 ? 3.11539   -1.84173  -6.56627  1.000 10.46762 ? 1674 GLN A CG   1 
ATOM   314  C  CD   . GLN A 1 19 ? 1.70561   -1.28014  -6.35541  1.000 7.59697  ? 1674 GLN A CD   1 
ATOM   315  O  OE1  . GLN A 1 19 ? 0.69731   -1.88188  -6.77821  1.000 13.88700 ? 1674 GLN A OE1  1 
ATOM   316  N  NE2  . GLN A 1 19 ? 1.62867   -0.14813  -5.70848  1.000 8.46638  ? 1674 GLN A NE2  1 
ATOM   317  H  H    . GLN A 1 19 ? 5.20052   -3.56145  -8.23369  1.000 15.62234 ? 1674 GLN A H    1 
ATOM   318  H  HA   . GLN A 1 19 ? 5.81177   -1.00868  -8.43975  1.000 18.12497 ? 1674 GLN A HA   1 
ATOM   319  H  HB2  . GLN A 1 19 ? 4.18941   -0.14567  -6.96424  1.000 12.38392 ? 1674 GLN A HB2  1 
ATOM   320  H  HB3  . GLN A 1 19 ? 3.46910   -0.73616  -8.25183  1.000 12.38392 ? 1674 GLN A HB3  1 
ATOM   321  H  HG2  . GLN A 1 19 ? 3.03062   -2.71601  -6.97781  1.000 12.62076 ? 1674 GLN A HG2  1 
ATOM   322  H  HG3  . GLN A 1 19 ? 3.53779   -1.92382  -5.69694  1.000 12.62076 ? 1674 GLN A HG3  1 
ATOM   323  H  HE21 . GLN A 1 19 ? 2.34503   0.23689   -5.42886  1.000 10.21928 ? 1674 GLN A HE21 1 
ATOM   324  H  HE22 . GLN A 1 19 ? 0.86164   0.21223   -5.56213  1.000 10.21928 ? 1674 GLN A HE22 1 
ATOM   325  N  N    . HIS A 1 20 ? 6.74384   -0.92411  -6.11304  1.000 10.56636 ? 1675 HIS A N    1 
ATOM   326  C  CA   . HIS A 1 20 ? 7.37938   -1.00822  -4.80577  1.000 15.13289 ? 1675 HIS A CA   1 
ATOM   327  C  C    . HIS A 1 20 ? 6.34404   -0.97430  -3.68987  1.000 12.90237 ? 1675 HIS A C    1 
ATOM   328  O  O    . HIS A 1 20 ? 5.45694   -0.11542  -3.66285  1.000 15.41666 ? 1675 HIS A O    1 
ATOM   329  C  CB   . HIS A 1 20 ? 8.34215   0.16046   -4.58850  1.000 9.20480  ? 1675 HIS A CB   1 
ATOM   330  C  CG   . HIS A 1 20 ? 9.45785   0.22467   -5.57854  1.000 7.97631  ? 1675 HIS A CG   1 
ATOM   331  N  ND1  . HIS A 1 20 ? 10.53448  -0.63882  -5.55518  1.000 16.02334 ? 1675 HIS A ND1  1 
ATOM   332  C  CD2  . HIS A 1 20 ? 9.67106   1.05976   -6.62150  1.000 15.85371 ? 1675 HIS A CD2  1 
ATOM   333  C  CE1  . HIS A 1 20 ? 11.35029  -0.34449  -6.55014  1.000 13.96591 ? 1675 HIS A CE1  1 
ATOM   334  N  NE2  . HIS A 1 20 ? 10.85539  0.68878   -7.20720  1.000 18.37233 ? 1675 HIS A NE2  1 
ATOM   335  H  H    . HIS A 1 20 ? 6.81669   -0.15262  -6.48598  1.000 12.73924 ? 1675 HIS A H    1 
ATOM   336  H  HA   . HIS A 1 20 ? 7.87161   -1.84323  -4.76857  1.000 18.21909 ? 1675 HIS A HA   1 
ATOM   337  H  HB2  . HIS A 1 20 ? 7.84319   0.98977   -4.65303  1.000 11.10538 ? 1675 HIS A HB2  1 
ATOM   338  H  HB3  . HIS A 1 20 ? 8.73609   0.07812   -3.70593  1.000 11.10538 ? 1675 HIS A HB3  1 
ATOM   339  H  HD2  . HIS A 1 20 ? 9.11734   1.75642   -6.89156  1.000 19.08407 ? 1675 HIS A HD2  1 
ATOM   340  H  HE1  . HIS A 1 20 ? 12.14079  -0.78986  -6.75422  1.000 16.81871 ? 1675 HIS A HE1  1 
ATOM   341  H  HE2  . HIS A 1 20 ? 11.21614  1.06707   -7.89009  1.000 22.10642 ? 1675 HIS A HE2  1 
ATOM   342  N  N    . TRP A 1 21 ? 6.50772   -1.84896  -2.71187  1.000 10.80791 ? 1676 TRP A N    1 
ATOM   343  C  CA   . TRP A 1 21 ? 5.56134   -1.83707  -1.61486  1.000 12.90930 ? 1676 TRP A CA   1 
ATOM   344  C  C    . TRP A 1 21 ? 6.21610   -2.20739  -0.29626  1.000 12.40550 ? 1676 TRP A C    1 
ATOM   345  O  O    . TRP A 1 21 ? 7.36788   -2.64866  -0.23968  1.000 11.80488 ? 1676 TRP A O    1 
ATOM   346  C  CB   . TRP A 1 21 ? 4.37858   -2.75836  -1.91460  1.000 10.10184 ? 1676 TRP A CB   1 
ATOM   347  C  CG   . TRP A 1 21 ? 4.66786   -4.22510  -2.20477  1.000 8.93290  ? 1676 TRP A CG   1 
ATOM   348  C  CD1  . TRP A 1 21 ? 5.03513   -4.76886  -3.39398  1.000 11.69561 ? 1676 TRP A CD1  1 
ATOM   349  C  CD2  . TRP A 1 21 ? 4.51354   -5.31989  -1.29522  1.000 8.51799  ? 1676 TRP A CD2  1 
ATOM   350  N  NE1  . TRP A 1 21 ? 5.12702   -6.12922  -3.29064  1.000 11.85443 ? 1676 TRP A NE1  1 
ATOM   351  C  CE2  . TRP A 1 21 ? 4.82335   -6.49707  -2.00239  1.000 12.64726 ? 1676 TRP A CE2  1 
ATOM   352  C  CE3  . TRP A 1 21 ? 4.13557   -5.41935  0.04313   1.000 9.84617  ? 1676 TRP A CE3  1 
ATOM   353  C  CZ2  . TRP A 1 21 ? 4.77285   -7.76523  -1.41216  1.000 10.35288 ? 1676 TRP A CZ2  1 
ATOM   354  C  CZ3  . TRP A 1 21 ? 4.09738   -6.69237  0.64402   1.000 12.64206 ? 1676 TRP A CZ3  1 
ATOM   355  C  CH2  . TRP A 1 21 ? 4.42512   -7.84264  -0.08953  1.000 13.79922 ? 1676 TRP A CH2  1 
ATOM   356  H  H    . TRP A 1 21 ? 7.13462   -2.43572  -2.66385  1.000 13.02911 ? 1676 TRP A H    1 
ATOM   357  H  HA   . TRP A 1 21 ? 5.25067   -0.92460  -1.50633  1.000 15.55077 ? 1676 TRP A HA   1 
ATOM   358  H  HB2  . TRP A 1 21 ? 3.78742   -2.73916  -1.14580  1.000 12.18182 ? 1676 TRP A HB2  1 
ATOM   359  H  HB3  . TRP A 1 21 ? 3.92072   -2.40658  -2.69404  1.000 12.18182 ? 1676 TRP A HB3  1 
ATOM   360  H  HD1  . TRP A 1 21 ? 5.20091   -4.28382  -4.16996  1.000 14.09435 ? 1676 TRP A HD1  1 
ATOM   361  H  HE1  . TRP A 1 21 ? 5.33998   -6.66636  -3.92761  1.000 14.28493 ? 1676 TRP A HE1  1 
ATOM   362  H  HE3  . TRP A 1 21 ? 3.91278   -4.65897  0.53005   1.000 11.87502 ? 1676 TRP A HE3  1 
ATOM   363  H  HZ2  . TRP A 1 21 ? 4.96913   -8.53081  -1.90231  1.000 12.48308 ? 1676 TRP A HZ2  1 
ATOM   364  H  HZ3  . TRP A 1 21 ? 3.85205   -6.77158  1.53757   1.000 15.23009 ? 1676 TRP A HZ3  1 
ATOM   365  H  HH2  . TRP A 1 21 ? 4.40592   -8.67253  0.32977   1.000 16.61868 ? 1676 TRP A HH2  1 
ATOM   366  N  N    . TYR A 1 22 ? 5.45383   -1.96840  0.77889   1.000 11.59764 ? 1677 TYR A N    1 
ATOM   367  C  CA   . TYR A 1 22 ? 5.95286   -1.93310  2.14597   1.000 11.73812 ? 1677 TYR A CA   1 
ATOM   368  C  C    . TYR A 1 22 ? 5.11915   -2.79835  3.07481   1.000 10.44367 ? 1677 TYR A C    1 
ATOM   369  O  O    . TYR A 1 22 ? 3.91292   -2.99166  2.89413   1.000 11.79388 ? 1677 TYR A O    1 
ATOM   370  C  CB   . TYR A 1 22 ? 5.99189   -0.46697  2.65364   1.000 8.92311  ? 1677 TYR A CB   1 
ATOM   371  C  CG   . TYR A 1 22 ? 6.89488   0.37844   1.79507   1.000 10.33472 ? 1677 TYR A CG   1 
ATOM   372  C  CD1  . TYR A 1 22 ? 6.46630   0.85787   0.56741   1.000 10.23804 ? 1677 TYR A CD1  1 
ATOM   373  C  CD2  . TYR A 1 22 ? 8.21080   0.63686   2.16839   1.000 10.45770 ? 1677 TYR A CD2  1 
ATOM   374  C  CE1  . TYR A 1 22 ? 7.30035   1.58812   -0.25614  1.000 11.49293 ? 1677 TYR A CE1  1 
ATOM   375  C  CE2  . TYR A 1 22 ? 9.04508   1.37175   1.34714   1.000 10.86918 ? 1677 TYR A CE2  1 
ATOM   376  C  CZ   . TYR A 1 22 ? 8.58836   1.83916   0.13480   1.000 12.67456 ? 1677 TYR A CZ   1 
ATOM   377  O  OH   . TYR A 1 22 ? 9.43597   2.56480   -0.68067  1.000 14.45107 ? 1677 TYR A OH   1 
ATOM   378  H  H    . TYR A 1 22 ? 4.60835   -1.81802  0.73264   1.000 13.97679 ? 1677 TYR A H    1 
ATOM   379  H  HA   . TYR A 1 22 ? 6.84564   -2.31137  2.17366   1.000 14.14536 ? 1677 TYR A HA   1 
ATOM   380  H  HB2  . TYR A 1 22 ? 5.09809   -0.09134  2.62290   1.000 10.76735 ? 1677 TYR A HB2  1 
ATOM   381  H  HB3  . TYR A 1 22 ? 6.32789   -0.44974  3.56342   1.000 10.76735 ? 1677 TYR A HB3  1 
ATOM   382  H  HD1  . TYR A 1 22 ? 5.59551   0.68349   0.29135   1.000 12.34526 ? 1677 TYR A HD1  1 
ATOM   383  H  HD2  . TYR A 1 22 ? 8.53182   0.31180   2.97845   1.000 12.60886 ? 1677 TYR A HD2  1 
ATOM   384  H  HE1  . TYR A 1 22 ? 6.98880   1.90773   -1.07204  1.000 13.85114 ? 1677 TYR A HE1  1 
ATOM   385  H  HE2  . TYR A 1 22 ? 9.91768   1.55118   1.61410   1.000 13.10263 ? 1677 TYR A HE2  1 
ATOM   386  H  HH   . TYR A 1 22 ? 9.16641   2.53350   -1.47562  1.000 17.40090 ? 1677 TYR A HH   1 
ATOM   387  N  N    . HIS A 1 23 ? 5.80047   -3.34250  4.07134   1.000 9.51383  ? 1678 HIS A N    1 
ATOM   388  C  CA   . HIS A 1 23 ? 5.13966   -3.93599  5.21597   1.000 14.39078 ? 1678 HIS A CA   1 
ATOM   389  C  C    . HIS A 1 23 ? 4.92323   -2.89531  6.29741   1.000 16.32194 ? 1678 HIS A C    1 
ATOM   390  O  O    . HIS A 1 23 ? 5.69104   -1.93948  6.43046   1.000 14.29605 ? 1678 HIS A O    1 
ATOM   391  C  CB   . HIS A 1 23 ? 5.97567   -5.07231  5.77774   1.000 10.37701 ? 1678 HIS A CB   1 
ATOM   392  C  CG   . HIS A 1 23 ? 6.09679   -6.22805  4.84981   1.000 12.93016 ? 1678 HIS A CG   1 
ATOM   393  N  ND1  . HIS A 1 23 ? 7.30018   -6.82761  4.55491   1.000 13.68090 ? 1678 HIS A ND1  1 
ATOM   394  C  CD2  . HIS A 1 23 ? 5.15821   -6.88059  4.12516   1.000 15.01683 ? 1678 HIS A CD2  1 
ATOM   395  C  CE1  . HIS A 1 23 ? 7.08965   -7.82950  3.71978   1.000 15.18990 ? 1678 HIS A CE1  1 
ATOM   396  N  NE2  . HIS A 1 23 ? 5.80068   -7.87133  3.43344   1.000 14.95534 ? 1678 HIS A NE2  1 
ATOM   397  H  H    . HIS A 1 23 ? 6.65896   -3.37974  4.10617   1.000 11.47621 ? 1678 HIS A H    1 
ATOM   398  H  HA   . HIS A 1 23 ? 4.27718   -4.28699  4.94424   1.000 17.32856 ? 1678 HIS A HA   1 
ATOM   399  H  HB2  . HIS A 1 23 ? 6.86930   -4.74298  5.96176   1.000 12.51204 ? 1678 HIS A HB2  1 
ATOM   400  H  HB3  . HIS A 1 23 ? 5.56384   -5.38955  6.59668   1.000 12.51204 ? 1678 HIS A HB3  1 
ATOM   401  H  HD2  . HIS A 1 23 ? 4.24798   -6.69130  4.10172   1.000 18.07981 ? 1678 HIS A HD2  1 
ATOM   402  H  HE1  . HIS A 1 23 ? 7.73899   -8.40751  3.38940   1.000 18.28749 ? 1678 HIS A HE1  1 
ATOM   403  H  HE2  . HIS A 1 23 ? 5.42580   -8.43087  2.89866   1.000 18.00602 ? 1678 HIS A HE2  1 
ATOM   404  N  N    . CYS A 1 24 ? 3.86077   -3.07692  7.06944   1.000 12.27957 ? 1679 CYS A N    1 
ATOM   405  C  CA   . CYS A 1 24 ? 3.65587   -2.26925  8.26558   1.000 16.11020 ? 1679 CYS A CA   1 
ATOM   406  C  C    . CYS A 1 24 ? 3.52630   -3.19406  9.46911   1.000 12.74619 ? 1679 CYS A C    1 
ATOM   407  O  O    . CYS A 1 24 ? 2.49198   -3.84217  9.66091   1.000 13.80927 ? 1679 CYS A O    1 
ATOM   408  C  CB   . CYS A 1 24 ? 2.44398   -1.36147  8.17239   1.000 16.50637 ? 1679 CYS A CB   1 
ATOM   409  S  SG   . CYS A 1 24 ? 2.41769   -0.30334  9.66471   1.000 13.39162 ? 1679 CYS A SG   1 
ATOM   410  H  H    . CYS A 1 24 ? 3.24614   -3.66006  6.92188   1.000 14.79510 ? 1679 CYS A H    1 
ATOM   411  H  HA   . CYS A 1 24 ? 4.44334   -1.71181  8.36596   1.000 19.39185 ? 1679 CYS A HA   1 
ATOM   412  H  HB2  . CYS A 1 24 ? 2.50624   -0.80114  7.38305   1.000 19.86726 ? 1679 CYS A HB2  1 
ATOM   413  H  HB3  . CYS A 1 24 ? 1.63178   -1.89079  8.14027   1.000 19.86726 ? 1679 CYS A HB3  1 
ATOM   414  N  N    A HIS A 1 25 ? 4.55331   -3.22415  10.30536  0.538 15.51344 ? 1680 HIS A N    1 
ATOM   415  N  N    B HIS A 1 25 ? 4.60257   -3.26373  10.26135  0.462 15.50243 ? 1680 HIS A N    1 
ATOM   416  C  CA   A HIS A 1 25 ? 4.49183   -4.09407  11.47143  0.538 17.28343 ? 1680 HIS A CA   1 
ATOM   417  C  CA   B HIS A 1 25 ? 4.57550   -4.02560  11.50819  0.462 17.25752 ? 1680 HIS A CA   1 
ATOM   418  C  C    A HIS A 1 25 ? 3.55056   -3.53579  12.53097  0.538 15.09475 ? 1680 HIS A C    1 
ATOM   419  C  C    B HIS A 1 25 ? 3.45312   -3.53825  12.41017  0.462 15.05776 ? 1680 HIS A C    1 
ATOM   420  O  O    A HIS A 1 25 ? 2.97011   -4.31081  13.30457  0.538 15.82849 ? 1680 HIS A O    1 
ATOM   421  O  O    B HIS A 1 25 ? 2.67588   -4.33561  12.95262  0.462 16.14167 ? 1680 HIS A O    1 
ATOM   422  C  CB   A HIS A 1 25 ? 5.91548   -4.31384  11.97046  0.538 19.82221 ? 1680 HIS A CB   1 
ATOM   423  C  CB   B HIS A 1 25 ? 5.93150   -3.90349  12.21473  0.462 18.14730 ? 1680 HIS A CB   1 
ATOM   424  C  CG   A HIS A 1 25 ? 6.84803   -4.76927  10.88595  0.538 16.15718 ? 1680 HIS A CG   1 
ATOM   425  C  CG   B HIS A 1 25 ? 5.95735   -4.46584  13.60596  0.462 15.67541 ? 1680 HIS A CG   1 
ATOM   426  N  ND1  A HIS A 1 25 ? 7.11621   -6.10018  10.64708  0.538 17.71407 ? 1680 HIS A ND1  1 
ATOM   427  N  ND1  B HIS A 1 25 ? 6.02472   -5.81934  13.86103  0.462 17.80959 ? 1680 HIS A ND1  1 
ATOM   428  C  CD2  A HIS A 1 25 ? 7.54041   -4.07317  9.94917   0.538 16.29189 ? 1680 HIS A CD2  1 
ATOM   429  C  CD2  B HIS A 1 25 ? 5.94864   -3.85583  14.81534  0.462 17.01040 ? 1680 HIS A CD2  1 
ATOM   430  C  CE1  A HIS A 1 25 ? 7.94876   -6.20475  9.62704   0.538 15.59997 ? 1680 HIS A CE1  1 
ATOM   431  C  CE1  B HIS A 1 25 ? 6.04931   -6.01913  15.16518  0.462 15.20386 ? 1680 HIS A CE1  1 
ATOM   432  N  NE2  A HIS A 1 25 ? 8.22810   -4.98977  9.19130   0.538 21.15962 ? 1680 HIS A NE2  1 
ATOM   433  N  NE2  B HIS A 1 25 ? 6.00609   -4.84403  15.76858  0.462 15.60459 ? 1680 HIS A NE2  1 
ATOM   434  H  H    A HIS A 1 25 ? 5.27630   -2.76550  10.22462  0.538 18.67574 ? 1680 HIS A H    1 
ATOM   435  H  H    B HIS A 1 25 ? 5.35507   -2.88048  10.09869  0.462 18.66253 ? 1680 HIS A H    1 
ATOM   436  H  HA   A HIS A 1 25 ? 4.13161   -4.96658  11.24812  0.538 20.79973 ? 1680 HIS A HA   1 
ATOM   437  H  HA   B HIS A 1 25 ? 4.41992   -4.96234  11.31021  0.462 20.76864 ? 1680 HIS A HA   1 
ATOM   438  N  N    . THR A 1 26 ? 3.32141   -2.21684  12.53055  1.000 17.20594 ? 1681 THR A N    1 
ATOM   439  C  CA   . THR A 1 26 ? 2.37368   -1.63867  13.47094  1.000 17.88955 ? 1681 THR A CA   1 
ATOM   440  C  C    . THR A 1 26 ? 0.97677   -2.13494  13.16708  1.000 15.92579 ? 1681 THR A C    1 
ATOM   441  O  O    . THR A 1 26 ? 0.22192   -2.51003  14.06878  1.000 17.57212 ? 1681 THR A O    1 
ATOM   442  C  CB   . THR A 1 26 ? 2.42261   -0.11227  13.40061  1.000 19.39240 ? 1681 THR A CB   1 
ATOM   443  O  OG1  . THR A 1 26 ? 3.76232   0.34201   13.68182  1.000 16.44905 ? 1681 THR A OG1  1 
ATOM   444  C  CG2  . THR A 1 26 ? 1.43004   0.48673   14.38026  1.000 20.52412 ? 1681 THR A CG2  1 
ATOM   445  H  H    . THR A 1 26 ? 3.69893   -1.65273  12.00248  1.000 20.70675 ? 1681 THR A H    1 
ATOM   446  H  HA   . THR A 1 26 ? 2.61372   -1.89805  14.37426  1.000 21.52708 ? 1681 THR A HA   1 
ATOM   447  H  HB   . THR A 1 26 ? 2.17881   0.19241   12.51256  1.000 23.33049 ? 1681 THR A HB   1 
ATOM   448  H  HG1  . THR A 1 26 ? 3.76956   1.17715   13.77172  1.000 19.79848 ? 1681 THR A HG1  1 
ATOM   449  H  HG21 . THR A 1 26 ? 1.72736   1.36762   14.65688  1.000 24.68857 ? 1681 THR A HG21 1 
ATOM   450  H  HG22 . THR A 1 26 ? 0.55810   0.56552   13.96263  1.000 24.68857 ? 1681 THR A HG22 1 
ATOM   451  H  HG23 . THR A 1 26 ? 1.35380   -0.08019  15.16364  1.000 24.68857 ? 1681 THR A HG23 1 
ATOM   452  N  N    . CYS A 1 27 ? 0.61950   -2.16465  11.89273  1.000 14.48854 ? 1682 CYS A N    1 
ATOM   453  C  CA   . CYS A 1 27 ? -0.69917  -2.60560  11.46911  1.000 14.50039 ? 1682 CYS A CA   1 
ATOM   454  C  C    . CYS A 1 27 ? -0.74471  -4.09971  11.17753  1.000 13.37222 ? 1682 CYS A C    1 
ATOM   455  O  O    . CYS A 1 27 ? -1.76698  -4.58166  10.68464  1.000 14.57449 ? 1682 CYS A O    1 
ATOM   456  C  CB   . CYS A 1 27 ? -1.10788  -1.83422  10.21285  1.000 17.05636 ? 1682 CYS A CB   1 
ATOM   457  S  SG   . CYS A 1 27 ? -1.27219  -0.03773  10.46302  1.000 16.27027 ? 1682 CYS A SG   1 
ATOM   458  H  H    . CYS A 1 27 ? 1.13222   -1.93018  11.24330  1.000 17.44587 ? 1682 CYS A H    1 
ATOM   459  H  HA   . CYS A 1 27 ? -1.34221  -2.41668  12.17033  1.000 17.46009 ? 1682 CYS A HA   1 
ATOM   460  H  HB2  . CYS A 1 27 ? -0.43486  -1.97615  9.52890   1.000 20.52725 ? 1682 CYS A HB2  1 
ATOM   461  H  HB3  . CYS A 1 27 ? -1.96589  -2.16906  9.90856   1.000 20.52725 ? 1682 CYS A HB3  1 
ATOM   462  N  N    . LYS A 1 28 ? 0.34489   -4.83526  11.42006  1.000 16.55975 ? 1683 LYS A N    1 
ATOM   463  C  CA   . LYS A 1 28 ? 0.37698   -6.28777  11.20606  1.000 12.27598 ? 1683 LYS A CA   1 
ATOM   464  C  C    . LYS A 1 28 ? 0.05730   -6.63243  9.74925   1.000 16.18231 ? 1683 LYS A C    1 
ATOM   465  O  O    . LYS A 1 28 ? -0.59952  -7.64002  9.44757   1.000 15.97008 ? 1683 LYS A O    1 
ATOM   466  C  CB   . LYS A 1 28 ? -0.57128  -7.00967  12.16930  1.000 18.60040 ? 1683 LYS A CB   1 
ATOM   467  C  CG   . LYS A 1 28 ? -0.20940  -6.83553  13.65312  1.000 16.18612 ? 1683 LYS A CG   1 
ATOM   468  C  CD   . LYS A 1 28 ? -1.19114  -7.58599  14.54530  1.000 30.54861 ? 1683 LYS A CD   1 
ATOM   469  C  CE   . LYS A 1 28 ? -0.95185  -7.25732  16.02204  1.000 44.45850 ? 1683 LYS A CE   1 
ATOM   470  N  NZ   . LYS A 1 28 ? -2.01299  -7.79622  16.93191  1.000 49.60454 ? 1683 LYS A NZ   1 
ATOM   471  H  H    . LYS A 1 28 ? 1.08684   -4.51331  11.71238  1.000 19.93132 ? 1683 LYS A H    1 
ATOM   472  H  HA   . LYS A 1 28 ? 1.27435   -6.60825  11.38747  1.000 14.79079 ? 1683 LYS A HA   1 
ATOM   473  H  HB2  . LYS A 1 28 ? -1.46772  -6.66179  12.04166  1.000 22.38009 ? 1683 LYS A HB2  1 
ATOM   474  H  HB3  . LYS A 1 28 ? -0.55237  -7.95892  11.97064  1.000 22.38009 ? 1683 LYS A HB3  1 
ATOM   475  H  HG2  . LYS A 1 28 ? 0.68064   -7.18683  13.81230  1.000 19.48296 ? 1683 LYS A HG2  1 
ATOM   476  H  HG3  . LYS A 1 28 ? -0.24100  -5.89428  13.88538  1.000 19.48296 ? 1683 LYS A HG3  1 
ATOM   477  H  HD2  . LYS A 1 28 ? -2.09789  -7.32841  14.31646  1.000 36.71795 ? 1683 LYS A HD2  1 
ATOM   478  H  HD3  . LYS A 1 28 ? -1.07612  -8.54106  14.42078  1.000 36.71795 ? 1683 LYS A HD3  1 
ATOM   479  H  HE2  . LYS A 1 28 ? -0.10377  -7.64071  16.29532  1.000 53.40982 ? 1683 LYS A HE2  1 
ATOM   480  H  HE3  . LYS A 1 28 ? -0.93020  -6.29353  16.12941  1.000 53.40982 ? 1683 LYS A HE3  1 
ATOM   481  H  HZ1  . LYS A 1 28 ? -1.84057  -7.56186  17.77301  1.000 59.58507 ? 1683 LYS A HZ1  1 
ATOM   482  H  HZ2  . LYS A 1 28 ? -2.80793  -7.47100  16.69863  1.000 59.58507 ? 1683 LYS A HZ2  1 
ATOM   483  H  HZ3  . LYS A 1 28 ? -2.03734  -8.68430  16.87872  1.000 59.58507 ? 1683 LYS A HZ3  1 
ATOM   484  N  N    . MET A 1 29 ? 0.54054   -5.77948  8.84702   1.000 16.32830 ? 1684 MET A N    1 
ATOM   485  C  CA   . MET A 1 29 ? 0.47527   -5.96189  7.40193   1.000 13.59024 ? 1684 MET A CA   1 
ATOM   486  C  C    . MET A 1 29 ? 1.83426   -6.49225  6.95745   1.000 17.64104 ? 1684 MET A C    1 
ATOM   487  O  O    . MET A 1 29 ? 2.74255   -5.73767  6.60348   1.000 14.78923 ? 1684 MET A O    1 
ATOM   488  C  CB   . MET A 1 29 ? 0.09601   -4.64968  6.73972   1.000 14.41933 ? 1684 MET A CB   1 
ATOM   489  C  CG   . MET A 1 29 ? -1.27043  -4.16570  7.17046   1.000 12.22471 ? 1684 MET A CG   1 
ATOM   490  S  SD   . MET A 1 29 ? -1.80277  -2.57084  6.55495   1.000 17.58948 ? 1684 MET A SD   1 
ATOM   491  C  CE   . MET A 1 29 ? -2.37519  -3.04148  4.91632   1.000 20.44700 ? 1684 MET A CE   1 
ATOM   492  H  H    . MET A 1 29 ? 0.93339   -5.04537  9.06234   1.000 19.65358 ? 1684 MET A H    1 
ATOM   493  H  HA   . MET A 1 29 ? -0.19924  -6.61755  7.16519   1.000 16.36791 ? 1684 MET A HA   1 
ATOM   494  H  HB2  . MET A 1 29 ? 0.74697   -3.97223  6.98099   1.000 17.36282 ? 1684 MET A HB2  1 
ATOM   495  H  HB3  . MET A 1 29 ? 0.08463   -4.77106  5.77741   1.000 17.36282 ? 1684 MET A HB3  1 
ATOM   496  H  HG2  . MET A 1 29 ? -1.92580  -4.81543  6.87171   1.000 14.72927 ? 1684 MET A HG2  1 
ATOM   497  H  HG3  . MET A 1 29 ? -1.27639  -4.10965  8.13882   1.000 14.72927 ? 1684 MET A HG3  1 
ATOM   498  H  HE1  . MET A 1 29 ? -2.74285  -2.26048  4.47385   1.000 24.59601 ? 1684 MET A HE1  1 
ATOM   499  H  HE2  . MET A 1 29 ? -1.62559  -3.38778  4.40734   1.000 24.59601 ? 1684 MET A HE2  1 
ATOM   500  H  HE3  . MET A 1 29 ? -3.05868  -3.72408  5.00454   1.000 24.59601 ? 1684 MET A HE3  1 
ATOM   501  N  N    . VAL A 1 30 ? 1.96214   -7.81616  6.97563   1.000 17.30550 ? 1685 VAL A N    1 
ATOM   502  C  CA   . VAL A 1 30 ? 3.21540   -8.49453  6.73140   1.000 15.63572 ? 1685 VAL A CA   1 
ATOM   503  C  C    . VAL A 1 30 ? 3.00234   -9.61670  5.71780   1.000 17.48011 ? 1685 VAL A C    1 
ATOM   504  O  O    . VAL A 1 30 ? 1.89533   -9.85700  5.23662   1.000 12.80168 ? 1685 VAL A O    1 
ATOM   505  C  CB   . VAL A 1 30 ? 3.83047   -9.02897  8.04353   1.000 20.38961 ? 1685 VAL A CB   1 
ATOM   506  C  CG1  . VAL A 1 30 ? 4.22396   -7.85326  8.95083   1.000 18.90769 ? 1685 VAL A CG1  1 
ATOM   507  C  CG2  . VAL A 1 30 ? 2.84247   -9.91687  8.77289   1.000 18.14594 ? 1685 VAL A CG2  1 
ATOM   508  H  H    . VAL A 1 30 ? 1.31009   -8.35429  7.13329   1.000 20.82622 ? 1685 VAL A H    1 
ATOM   509  H  HA   . VAL A 1 30 ? 3.83765   -7.86919  6.32809   1.000 18.82249 ? 1685 VAL A HA   1 
ATOM   510  H  HB   . VAL A 1 30 ? 4.61918   -9.55137  7.82920   1.000 24.52715 ? 1685 VAL A HB   1 
ATOM   511  H  HG11 . VAL A 1 30 ? 4.62453   -8.20126  9.76283   1.000 22.74885 ? 1685 VAL A HG11 1 
ATOM   512  H  HG12 . VAL A 1 30 ? 4.86111   -7.29198  8.48192   1.000 22.74885 ? 1685 VAL A HG12 1 
ATOM   513  H  HG13 . VAL A 1 30 ? 3.42886   -7.34150  9.16725   1.000 22.74885 ? 1685 VAL A HG13 1 
ATOM   514  H  HG21 . VAL A 1 30 ? 3.23787   -10.20896 9.60910   1.000 21.83475 ? 1685 VAL A HG21 1 
ATOM   515  H  HG22 . VAL A 1 30 ? 2.03336   -9.41142  8.94834   1.000 21.83475 ? 1685 VAL A HG22 1 
ATOM   516  H  HG23 . VAL A 1 30 ? 2.63847   -10.68533 8.21723   1.000 21.83475 ? 1685 VAL A HG23 1 
ATOM   517  N  N    A ASP A 1 31 ? 4.08986   -10.30947 5.39392   0.361 16.19732 ? 1686 ASP A N    1 
ATOM   518  N  N    B ASP A 1 31 ? 4.09709   -10.29590 5.38036   0.639 16.16615 ? 1686 ASP A N    1 
ATOM   519  C  CA   A ASP A 1 31 ? 4.06964   -11.43438 4.45799   0.361 16.46223 ? 1686 ASP A CA   1 
ATOM   520  C  CA   B ASP A 1 31 ? 4.09835   -11.41600 4.43708   0.639 16.44374 ? 1686 ASP A CA   1 
ATOM   521  C  C    A ASP A 1 31 ? 3.55443   -10.91995 3.12020   0.361 16.19413 ? 1686 ASP A C    1 
ATOM   522  C  C    B ASP A 1 31 ? 3.55855   -10.91494 3.10398   0.639 16.22953 ? 1686 ASP A C    1 
ATOM   523  O  O    A ASP A 1 31 ? 4.19340   -10.03062 2.53126   0.361 13.81031 ? 1686 ASP A O    1 
ATOM   524  O  O    B ASP A 1 31 ? 4.18872   -10.03220 2.49501   0.639 13.71240 ? 1686 ASP A O    1 
ATOM   525  C  CB   A ASP A 1 31 ? 3.25793   -12.58142 5.06420   0.361 16.21663 ? 1686 ASP A CB   1 
ATOM   526  C  CB   B ASP A 1 31 ? 3.33807   -12.58804 5.06600   0.639 16.17120 ? 1686 ASP A CB   1 
ATOM   527  C  CG   A ASP A 1 31 ? 3.61880   -12.86843 6.50506   0.361 19.33863 ? 1686 ASP A CG   1 
ATOM   528  C  CG   B ASP A 1 31 ? 4.11043   -13.25957 6.19708   0.639 18.70693 ? 1686 ASP A CG   1 
ATOM   529  O  OD1  A ASP A 1 31 ? 4.80042   -12.72298 6.88139   0.361 21.86507 ? 1686 ASP A OD1  1 
ATOM   530  O  OD1  B ASP A 1 31 ? 5.23038   -13.75307 5.96184   0.639 19.71902 ? 1686 ASP A OD1  1 
ATOM   531  O  OD2  A ASP A 1 31 ? 2.71149   -13.26654 7.26308   0.361 16.25530 ? 1686 ASP A OD2  1 
ATOM   532  O  OD2  B ASP A 1 31 ? 3.58519   -13.30008 7.32790   0.639 23.55459 ? 1686 ASP A OD2  1 
ATOM   533  H  H    A ASP A 1 31 ? 4.87207   -10.14379 5.71064   0.361 19.49640 ? 1686 ASP A H    1 
ATOM   534  H  H    B ASP A 1 31 ? 4.87821   -10.12127 5.69493   0.639 19.45899 ? 1686 ASP A H    1 
ATOM   535  H  HA   A ASP A 1 31 ? 4.98296   -11.73561 4.33150   0.361 19.81429 ? 1686 ASP A HA   1 
ATOM   536  H  HA   B ASP A 1 31 ? 5.01626   -11.69066 4.28572   0.639 19.79210 ? 1686 ASP A HA   1 
ATOM   537  H  HB2  A ASP A 1 31 ? 2.31613   -12.35139 5.03270   0.361 19.51957 ? 1686 ASP A HB2  1 
ATOM   538  H  HB2  B ASP A 1 31 ? 2.49971   -12.26178 5.42879   0.639 19.46506 ? 1686 ASP A HB2  1 
ATOM   539  H  HB3  A ASP A 1 31 ? 3.41992   -13.38768 4.54981   0.361 19.51957 ? 1686 ASP A HB3  1 
ATOM   540  H  HB3  B ASP A 1 31 ? 3.16674   -13.25549 4.38332   0.639 19.46506 ? 1686 ASP A HB3  1 
ATOM   541  N  N    . GLY A 1 32 ? 2.43256   -11.41562 2.60651   1.000 11.48081 ? 1687 GLY A N    1 
ATOM   542  C  CA   . GLY A 1 32 ? 1.91707   -10.97654 1.32487   1.000 13.72639 ? 1687 GLY A CA   1 
ATOM   543  C  C    . GLY A 1 32 ? 1.02020   -9.76122  1.34959   1.000 12.34816 ? 1687 GLY A C    1 
ATOM   544  O  O    . GLY A 1 32 ? 0.51532   -9.36576  0.29248   1.000 11.25430 ? 1687 GLY A O    1 
ATOM   545  H  H    . GLY A 1 32 ? 1.94982   -12.01191 2.99508   1.000 13.83659 ? 1687 GLY A H    1 
ATOM   546  H  HA2  . GLY A 1 32 ? 2.66891   -10.77096 0.74747   1.000 16.53129 ? 1687 GLY A HA2  1 
ATOM   547  H  HA3  . GLY A 1 32 ? 1.40885   -11.70466 0.93440   1.000 16.53129 ? 1687 GLY A HA3  1 
ATOM   548  N  N    . VAL A 1 33 ? 0.78883   -9.17733  2.53571   1.000 12.76602 ? 1688 VAL A N    1 
ATOM   549  C  CA   . VAL A 1 33 ? -0.05776  -8.00601  2.72790   1.000 11.94727 ? 1688 VAL A CA   1 
ATOM   550  C  C    . VAL A 1 33 ? 0.84985   -6.80170  2.92501   1.000 11.54778 ? 1688 VAL A C    1 
ATOM   551  O  O    . VAL A 1 33 ? 1.85526   -6.88347  3.64436   1.000 13.13057 ? 1688 VAL A O    1 
ATOM   552  C  CB   . VAL A 1 33 ? -0.98228  -8.20390  3.94430   1.000 10.58388 ? 1688 VAL A CB   1 
ATOM   553  C  CG1  . VAL A 1 33 ? -1.83900  -6.96646  4.19970   1.000 14.78300 ? 1688 VAL A CG1  1 
ATOM   554  C  CG2  . VAL A 1 33 ? -1.86679  -9.46850  3.75662   1.000 14.13344 ? 1688 VAL A CG2  1 
ATOM   555  H  H    . VAL A 1 33 ? 1.13018   -9.46012  3.27268   1.000 15.37885 ? 1688 VAL A H    1 
ATOM   556  H  HA   . VAL A 1 33 ? -0.60942  -7.85864  1.94377   1.000 14.39634 ? 1688 VAL A HA   1 
ATOM   557  H  HB   . VAL A 1 33 ? -0.42976  -8.33674  4.73043   1.000 12.76027 ? 1688 VAL A HB   1 
ATOM   558  H  HG11 . VAL A 1 33 ? -2.38308  -7.11639  4.98862   1.000 17.79921 ? 1688 VAL A HG11 1 
ATOM   559  H  HG12 . VAL A 1 33 ? -1.25727  -6.20292  4.33928   1.000 17.79921 ? 1688 VAL A HG12 1 
ATOM   560  H  HG13 . VAL A 1 33 ? -2.40835  -6.81213  3.42967   1.000 17.79921 ? 1688 VAL A HG13 1 
ATOM   561  H  HG21 . VAL A 1 33 ? -2.52271  -9.50387  4.47034   1.000 17.01975 ? 1688 VAL A HG21 1 
ATOM   562  H  HG22 . VAL A 1 33 ? -2.31483  -9.41588  2.89790   1.000 17.01975 ? 1688 VAL A HG22 1 
ATOM   563  H  HG23 . VAL A 1 33 ? -1.30184  -10.25640 3.78721   1.000 17.01975 ? 1688 VAL A HG23 1 
ATOM   564  N  N    . GLY A 1 34 ? 0.49838   -5.67711  2.30832   1.000 9.44182  ? 1689 GLY A N    1 
ATOM   565  C  CA   . GLY A 1 34 ? 1.32051   -4.48971  2.46576   1.000 10.37033 ? 1689 GLY A CA   1 
ATOM   566  C  C    . GLY A 1 34 ? 0.66135   -3.25349  1.88771   1.000 10.11602 ? 1689 GLY A C    1 
ATOM   567  O  O    . GLY A 1 34 ? -0.54042  -3.23973  1.59110   1.000 13.67935 ? 1689 GLY A O    1 
ATOM   568  H  H    . GLY A 1 34 ? -0.19356  -5.58032  1.80686   1.000 11.38980 ? 1689 GLY A H    1 
ATOM   569  H  HA2  . GLY A 1 34 ? 1.48565   -4.33536  3.40905   1.000 12.50401 ? 1689 GLY A HA2  1 
ATOM   570  H  HA3  . GLY A 1 34 ? 2.16864   -4.62333  2.01441   1.000 12.50401 ? 1689 GLY A HA3  1 
ATOM   571  N  N    . VAL A 1 35 ? 1.48332   -2.21702  1.71518   1.000 11.32355 ? 1690 VAL A N    1 
ATOM   572  C  CA   . VAL A 1 35 ? 1.02102   -0.89065  1.33000   1.000 13.90492 ? 1690 VAL A CA   1 
ATOM   573  C  C    . VAL A 1 35 ? 1.91074   -0.28121  0.25655   1.000 15.42977 ? 1690 VAL A C    1 
ATOM   574  O  O    . VAL A 1 35 ? 3.10795   -0.55789  0.16859   1.000 10.60721 ? 1690 VAL A O    1 
ATOM   575  C  CB   . VAL A 1 35 ? 0.91890   0.04947   2.55387   1.000 11.61189 ? 1690 VAL A CB   1 
ATOM   576  C  CG1  . VAL A 1 35 ? 0.07420   -0.59124  3.62814   1.000 11.03189 ? 1690 VAL A CG1  1 
ATOM   577  C  CG2  . VAL A 1 35 ? 2.30443   0.44463   3.11086   1.000 13.75574 ? 1690 VAL A CG2  1 
ATOM   578  H  H    . VAL A 1 35 ? 2.33580   -2.26234  1.81919   1.000 13.64788 ? 1690 VAL A H    1 
ATOM   579  H  HA   . VAL A 1 35 ? 0.14476   -0.99117  0.92629   1.000 16.74553 ? 1690 VAL A HA   1 
ATOM   580  H  HB   . VAL A 1 35 ? 0.49369   0.87157   2.26359   1.000 13.99389 ? 1690 VAL A HB   1 
ATOM   581  H  HG11 . VAL A 1 35 ? -0.14270  0.07520   4.29875   1.000 13.29788 ? 1690 VAL A HG11 1 
ATOM   582  H  HG12 . VAL A 1 35 ? -0.73978  -0.93421  3.22725   1.000 13.29788 ? 1690 VAL A HG12 1 
ATOM   583  H  HG13 . VAL A 1 35 ? 0.57487   -1.31687  4.03273   1.000 13.29788 ? 1690 VAL A HG13 1 
ATOM   584  H  HG21 . VAL A 1 35 ? 2.19541   0.79647   4.00820   1.000 16.56650 ? 1690 VAL A HG21 1 
ATOM   585  H  HG22 . VAL A 1 35 ? 2.87274   -0.34120  3.13046   1.000 16.56650 ? 1690 VAL A HG22 1 
ATOM   586  H  HG23 . VAL A 1 35 ? 2.69489   1.12097   2.53555   1.000 16.56650 ? 1690 VAL A HG23 1 
ATOM   587  N  N    . CYS A 1 36 ? 1.28907   0.53069   -0.59519  1.000 8.97804  ? 1691 CYS A N    1 
ATOM   588  C  CA   . CYS A 1 36 ? 1.96592   1.23832   -1.65914  1.000 4.40022  ? 1691 CYS A CA   1 
ATOM   589  C  C    . CYS A 1 36 ? 2.79777   2.40043   -1.12701  1.000 9.73796  ? 1691 CYS A C    1 
ATOM   590  O  O    . CYS A 1 36 ? 2.75326   2.75433   0.06134   1.000 11.18870 ? 1691 CYS A O    1 
ATOM   591  C  CB   . CYS A 1 36 ? 0.97271   1.78120   -2.67437  1.000 11.72159 ? 1691 CYS A CB   1 
ATOM   592  S  SG   . CYS A 1 36 ? 0.00549   3.22744   -2.11867  1.000 9.57521  ? 1691 CYS A SG   1 
ATOM   593  H  H    . CYS A 1 36 ? 0.44433   0.69028   -0.57196  1.000 10.83327 ? 1691 CYS A H    1 
ATOM   594  H  HA   . CYS A 1 36 ? 2.55792   0.60468   -2.09380  1.000 5.33988  ? 1691 CYS A HA   1 
ATOM   595  H  HB2  . CYS A 1 36 ? 1.46148   2.04698   -3.46896  1.000 14.12552 ? 1691 CYS A HB2  1 
ATOM   596  H  HB3  . CYS A 1 36 ? 0.34229   1.07707   -2.89269  1.000 14.12552 ? 1691 CYS A HB3  1 
ATOM   597  N  N    A THR A 1 37 ? 3.55214   3.00751   -2.04374  0.481 11.47753 ? 1692 THR A N    1 
ATOM   598  N  N    B THR A 1 37 ? 3.57165   2.99447   -2.03705  0.519 11.47357 ? 1692 THR A N    1 
ATOM   599  C  CA   A THR A 1 37 ? 4.50745   4.04857   -1.66646  0.481 9.91167  ? 1692 THR A CA   1 
ATOM   600  C  CA   B THR A 1 37 ? 4.50875   4.04854   -1.65006  0.519 9.88814  ? 1692 THR A CA   1 
ATOM   601  C  C    A THR A 1 37 ? 3.80990   5.27512   -1.09205  0.481 14.91325 ? 1692 THR A C    1 
ATOM   602  C  C    B THR A 1 37 ? 3.78812   5.25170   -1.05676  0.519 14.91015 ? 1692 THR A C    1 
ATOM   603  O  O    A THR A 1 37 ? 4.34406   5.93050   -0.18703  0.481 16.05193 ? 1692 THR A O    1 
ATOM   604  O  O    B THR A 1 37 ? 4.28631   5.87145   -0.10646  0.519 16.12380 ? 1692 THR A O    1 
ATOM   605  C  CB   A THR A 1 37 ? 5.35365   4.44249   -2.87692  0.481 12.04284 ? 1692 THR A CB   1 
ATOM   606  C  CB   B THR A 1 37 ? 5.33741   4.49221   -2.85377  0.519 12.02506 ? 1692 THR A CB   1 
ATOM   607  O  OG1  A THR A 1 37 ? 6.04160   3.29138   -3.38246  0.481 13.60366 ? 1692 THR A OG1  1 
ATOM   608  O  OG1  B THR A 1 37 ? 4.46089   4.81303   -3.93691  0.519 10.53907 ? 1692 THR A OG1  1 
ATOM   609  C  CG2  A THR A 1 37 ? 6.38526   5.50690   -2.49229  0.481 11.58580 ? 1692 THR A CG2  1 
ATOM   610  C  CG2  B THR A 1 37 ? 6.31976   3.40671   -3.28820  0.519 13.41451 ? 1692 THR A CG2  1 
ATOM   611  H  H    A THR A 1 37 ? 3.53088   2.83668   -2.88634  0.481 13.83265 ? 1692 THR A H    1 
ATOM   612  H  H    B THR A 1 37 ? 3.57379   2.80795   -2.87658  0.519 13.82790 ? 1692 THR A H    1 
ATOM   613  H  HA   A THR A 1 37 ? 5.09388   3.69131   -0.98136  0.481 11.95363 ? 1692 THR A HA   1 
ATOM   614  H  HA   B THR A 1 37 ? 5.10628   3.68440   -0.97831  0.519 11.92538 ? 1692 THR A HA   1 
ATOM   615  H  HB   A THR A 1 37 ? 4.77423   4.80579   -3.56479  0.481 14.51102 ? 1692 THR A HB   1 
ATOM   616  H  HB   B THR A 1 37 ? 5.85914   5.27328   -2.61166  0.519 14.48968 ? 1692 THR A HB   1 
ATOM   617  H  HG1  A THR A 1 37 ? 5.49550   2.66852   -3.52178  0.481 16.38401 ? 1692 THR A HG1  1 
ATOM   618  H  HG1  B THR A 1 37 ? 4.08655   5.55141   -3.79453  0.519 12.70650 ? 1692 THR A HG1  1 
ATOM   619  H  HG21 A THR A 1 37 ? 7.08404   5.54958   -3.16369  0.481 13.96258 ? 1692 THR A HG21 1 
ATOM   620  H  HG21 B THR A 1 37 ? 6.75713   3.66634   -4.11415  0.519 16.15703 ? 1692 THR A HG21 1 
ATOM   621  H  HG22 A THR A 1 37 ? 5.95766   6.37514   -2.42732  0.481 13.96258 ? 1692 THR A HG22 1 
ATOM   622  H  HG22 B THR A 1 37 ? 6.99362   3.27555   -2.60291  0.519 16.15703 ? 1692 THR A HG22 1 
ATOM   623  H  HG23 A THR A 1 37 ? 6.78453   5.28776   -1.63587  0.481 13.96258 ? 1692 THR A HG23 1 
ATOM   624  H  HG23 B THR A 1 37 ? 5.84879   2.57078   -3.43066  0.519 16.15703 ? 1692 THR A HG23 1 
ATOM   625  N  N    . VAL A 1 38 ? 2.63272   5.62050   -1.62378  1.000 11.52347 ? 1693 VAL A N    1 
ATOM   626  C  CA   . VAL A 1 38 ? 1.88237   6.76105   -1.08494  1.000 13.01319 ? 1693 VAL A CA   1 
ATOM   627  C  C    . VAL A 1 38 ? 1.37296   6.44812   0.32280   1.000 17.53802 ? 1693 VAL A C    1 
ATOM   628  O  O    . VAL A 1 38 ? 1.54511   7.23363   1.24864   1.000 14.63996 ? 1693 VAL A O    1 
ATOM   629  C  CB   . VAL A 1 38 ? 0.72213   7.15117   -2.02824  1.000 12.28329 ? 1693 VAL A CB   1 
ATOM   630  C  CG1  . VAL A 1 38 ? -0.04428  8.34558   -1.46352  1.000 22.69910 ? 1693 VAL A CG1  1 
ATOM   631  C  CG2  . VAL A 1 38 ? 1.22462   7.41588   -3.42369  1.000 28.27494 ? 1693 VAL A CG2  1 
ATOM   632  H  H    . VAL A 1 38 ? 2.27312   5.23539   -2.30348  1.000 13.88779 ? 1693 VAL A H    1 
ATOM   633  H  HA   . VAL A 1 38 ? 2.48582   7.51832   -1.02764  1.000 15.67545 ? 1693 VAL A HA   1 
ATOM   634  H  HB   . VAL A 1 38 ? 0.10154   6.40821   -2.08959  1.000 14.79957 ? 1693 VAL A HB   1 
ATOM   635  H  HG11 . VAL A 1 38 ? -0.68045  8.65500   -2.12719  1.000 27.29854 ? 1693 VAL A HG11 1 
ATOM   636  H  HG12 . VAL A 1 38 ? -0.51242  8.06920   -0.66018  1.000 27.29854 ? 1693 VAL A HG12 1 
ATOM   637  H  HG13 . VAL A 1 38 ? 0.58463   9.05340   -1.25291  1.000 27.29854 ? 1693 VAL A HG13 1 
ATOM   638  H  HG21 . VAL A 1 38 ? 0.58141   7.97171   -3.89083  1.000 33.98955 ? 1693 VAL A HG21 1 
ATOM   639  H  HG22 . VAL A 1 38 ? 2.07901   7.87206   -3.37046  1.000 33.98955 ? 1693 VAL A HG22 1 
ATOM   640  H  HG23 . VAL A 1 38 ? 1.32945   6.57031   -3.88730  1.000 33.98955 ? 1693 VAL A HG23 1 
ATOM   641  N  N    . CYS A 1 39 ? 0.73464   5.28860   0.48436   1.000 8.37832  ? 1694 CYS A N    1 
ATOM   642  C  CA   . CYS A 1 39 ? 0.20932   4.90090   1.79338   1.000 10.38217 ? 1694 CYS A CA   1 
ATOM   643  C  C    . CYS A 1 39 ? 1.31139   4.73880   2.81985   1.000 12.92767 ? 1694 CYS A C    1 
ATOM   644  O  O    . CYS A 1 39 ? 1.12395   5.07112   4.00234   1.000 12.97013 ? 1694 CYS A O    1 
ATOM   645  C  CB   . CYS A 1 39 ? -0.60664  3.62564   1.62056   1.000 17.29818 ? 1694 CYS A CB   1 
ATOM   646  S  SG   . CYS A 1 39 ? -2.12951  3.91189   0.73323   1.000 8.59661  ? 1694 CYS A SG   1 
ATOM   647  H  H    . CYS A 1 39 ? 0.59354   4.71432   -0.14006  1.000 10.11361 ? 1694 CYS A H    1 
ATOM   648  H  HA   . CYS A 1 39 ? -0.37364  5.59506   2.13860   1.000 12.51822 ? 1694 CYS A HA   1 
ATOM   649  H  HB2  . CYS A 1 39 ? -0.08307  2.97883   1.12216   1.000 20.81743 ? 1694 CYS A HB2  1 
ATOM   650  H  HB3  . CYS A 1 39 ? -0.82843  3.26969   2.49520   1.000 20.81743 ? 1694 CYS A HB3  1 
ATOM   651  N  N    . ALA A 1 40 ? 2.46290   4.22840   2.43209   1.000 11.74544 ? 1695 ALA A N    1 
ATOM   652  C  CA   . ALA A 1 40 ? 3.55487   4.16535   3.38692   1.000 9.73358  ? 1695 ALA A CA   1 
ATOM   653  C  C    . ALA A 1 40 ? 3.87360   5.54417   3.94703   1.000 15.30826 ? 1695 ALA A C    1 
ATOM   654  O  O    . ALA A 1 40 ? 4.20675   5.67472   5.12647   1.000 17.05673 ? 1695 ALA A O    1 
ATOM   655  C  CB   . ALA A 1 40 ? 4.77027   3.53192   2.72396   1.000 19.28405 ? 1695 ALA A CB   1 
ATOM   656  H  H    . ALA A 1 40 ? 2.63586   3.92066   1.64788   1.000 14.15415 ? 1695 ALA A H    1 
ATOM   657  H  HA   . ALA A 1 40 ? 3.30261   3.60424   4.13686   1.000 11.73991 ? 1695 ALA A HA   1 
ATOM   658  H  HB1  . ALA A 1 40 ? 5.49407   3.48740   3.36820   1.000 23.20048 ? 1695 ALA A HB1  1 
ATOM   659  H  HB2  . ALA A 1 40 ? 4.53762   2.63875   2.42559   1.000 23.20048 ? 1695 ALA A HB2  1 
ATOM   660  H  HB3  . ALA A 1 40 ? 5.03545   4.07543   1.96556   1.000 23.20048 ? 1695 ALA A HB3  1 
ATOM   661  N  N    . LYS A 1 41 ? 3.79499   6.58546   3.10544   1.000 13.39074 ? 1696 LYS A N    1 
ATOM   662  C  CA   . LYS A 1 41 ? 4.18032   7.92743   3.53360   1.000 12.42643 ? 1696 LYS A CA   1 
ATOM   663  C  C    . LYS A 1 41 ? 3.07453   8.62419   4.30149   1.000 20.21024 ? 1696 LYS A C    1 
ATOM   664  O  O    . LYS A 1 41 ? 3.34783   9.39170   5.22864   1.000 19.55929 ? 1696 LYS A O    1 
ATOM   665  C  CB   . LYS A 1 41 ? 4.55907   8.78324   2.31927   1.000 10.90628 ? 1696 LYS A CB   1 
ATOM   666  C  CG   . LYS A 1 41 ? 5.96708   8.55032   1.77252   1.000 44.22277 ? 1696 LYS A CG   1 
ATOM   667  C  CD   . LYS A 1 41 ? 7.06858   8.76030   2.81378   1.000 50.33468 ? 1696 LYS A CD   1 
ATOM   668  C  CE   . LYS A 1 41 ? 8.14104   7.67053   2.69912   1.000 39.32915 ? 1696 LYS A CE   1 
ATOM   669  N  NZ   . LYS A 1 41 ? 7.72142   6.42693   3.39123   1.000 28.27495 ? 1696 LYS A NZ   1 
ATOM   670  H  H    . LYS A 1 41 ? 3.52400   6.53725   2.29068   1.000 16.12851 ? 1696 LYS A H    1 
ATOM   671  H  HA   . LYS A 1 41 ? 4.95524   7.84804   4.11161   1.000 14.97133 ? 1696 LYS A HA   1 
ATOM   672  H  HB2  . LYS A 1 41 ? 3.93429   8.59124   1.60255   1.000 13.14715 ? 1696 LYS A HB2  1 
ATOM   673  H  HB3  . LYS A 1 41 ? 4.49708   9.71770   2.57197   1.000 13.14715 ? 1696 LYS A HB3  1 
ATOM   674  H  HG2  . LYS A 1 41 ? 6.03212   7.63698   1.45241   1.000 53.12694 ? 1696 LYS A HG2  1 
ATOM   675  H  HG3  . LYS A 1 41 ? 6.12676   9.16962   1.04321   1.000 53.12694 ? 1696 LYS A HG3  1 
ATOM   676  H  HD2  . LYS A 1 41 ? 7.48936   9.62252   2.67089   1.000 60.46123 ? 1696 LYS A HD2  1 
ATOM   677  H  HD3  . LYS A 1 41 ? 6.68466   8.72192   3.70374   1.000 60.46123 ? 1696 LYS A HD3  1 
ATOM   678  H  HE2  . LYS A 1 41 ? 8.29144   7.46403   1.76336   1.000 47.25460 ? 1696 LYS A HE2  1 
ATOM   679  H  HE3  . LYS A 1 41 ? 8.96375   7.98441   3.10597   1.000 47.25460 ? 1696 LYS A HE3  1 
ATOM   680  H  HZ1  . LYS A 1 41 ? 7.17599   6.62358   4.06646   1.000 33.98955 ? 1696 LYS A HZ1  1 
ATOM   681  H  HZ2  . LYS A 1 41 ? 7.29547   5.89096   2.82255   1.000 33.98955 ? 1696 LYS A HZ2  1 
ATOM   682  H  HZ3  . LYS A 1 41 ? 8.43454   6.00088   3.71066   1.000 33.98955 ? 1696 LYS A HZ3  1 
ATOM   683  N  N    . VAL A 1 42 ? 1.83274   8.36494   3.92378   1.000 15.53634 ? 1697 VAL A N    1 
ATOM   684  C  CA   . VAL A 1 42 ? 0.68100   9.12172   4.38121   1.000 15.86925 ? 1697 VAL A CA   1 
ATOM   685  C  C    . VAL A 1 42 ? -0.04595  8.36823   5.48462   1.000 16.68717 ? 1697 VAL A C    1 
ATOM   686  O  O    . VAL A 1 42 ? -0.11334  8.82280   6.63418   1.000 26.51878 ? 1697 VAL A O    1 
ATOM   687  C  CB   . VAL A 1 42 ? -0.26943  9.37962   3.19954   1.000 13.24047 ? 1697 VAL A CB   1 
ATOM   688  C  CG1  . VAL A 1 42 ? -1.53398  10.06731  3.68654   1.000 16.06830 ? 1697 VAL A CG1  1 
ATOM   689  C  CG2  . VAL A 1 42 ? 0.40866   10.17409  2.10298   1.000 16.47593 ? 1697 VAL A CG2  1 
ATOM   690  H  H    . VAL A 1 42 ? 1.62322   7.73084   3.38191   1.000 18.70323 ? 1697 VAL A H    1 
ATOM   691  H  HA   . VAL A 1 42 ? 0.98613   9.96285   4.75576   1.000 19.10272 ? 1697 VAL A HA   1 
ATOM   692  H  HB   . VAL A 1 42 ? -0.51999  8.52748   2.80969   1.000 15.94819 ? 1697 VAL A HB   1 
ATOM   693  H  HG11 . VAL A 1 42 ? -2.01083  10.42888  2.92314   1.000 19.34157 ? 1697 VAL A HG11 1 
ATOM   694  H  HG12 . VAL A 1 42 ? -2.08928  9.41839   4.14636   1.000 19.34157 ? 1697 VAL A HG12 1 
ATOM   695  H  HG13 . VAL A 1 42 ? -1.29020  10.78341  4.29373   1.000 19.34157 ? 1697 VAL A HG13 1 
ATOM   696  H  HG21 . VAL A 1 42 ? -0.26325  10.67386  1.61344   1.000 19.83073 ? 1697 VAL A HG21 1 
ATOM   697  H  HG22 . VAL A 1 42 ? 1.04772   10.78387  2.50381   1.000 19.83073 ? 1697 VAL A HG22 1 
ATOM   698  H  HG23 . VAL A 1 42 ? 0.86573   9.56152   1.50568   1.000 19.83073 ? 1697 VAL A HG23 1 
ATOM   699  N  N    . CYS A 1 43 ? -0.62350  7.22396   5.12159   1.000 13.96016 ? 1698 CYS A N    1 
ATOM   700  C  CA   . CYS A 1 43 ? -1.48378  6.46806   6.02147   1.000 15.92498 ? 1698 CYS A CA   1 
ATOM   701  C  C    . CYS A 1 43 ? -0.71418  5.80172   7.14935   1.000 14.69656 ? 1698 CYS A C    1 
ATOM   702  O  O    . CYS A 1 43 ? -1.32177  5.43435   8.15762   1.000 20.15035 ? 1698 CYS A O    1 
ATOM   703  C  CB   . CYS A 1 43 ? -2.25435  5.41996   5.22244   1.000 18.44482 ? 1698 CYS A CB   1 
ATOM   704  S  SG   . CYS A 1 43 ? -3.06440  6.08325   3.74286   1.000 10.76920 ? 1698 CYS A SG   1 
ATOM   705  H  H    . CYS A 1 43 ? -0.53078  6.85995   4.34797   1.000 16.81181 ? 1698 CYS A H    1 
ATOM   706  H  HA   . CYS A 1 43 ? -2.12129  7.07458   6.42965   1.000 19.16960 ? 1698 CYS A HA   1 
ATOM   707  H  HB2  . CYS A 1 43 ? -1.63661  4.72849   4.93756   1.000 22.19340 ? 1698 CYS A HB2  1 
ATOM   708  H  HB3  . CYS A 1 43 ? -2.94139  5.03756   5.79046   1.000 22.19340 ? 1698 CYS A HB3  1 
ATOM   709  N  N    . HIS A 1 44 ? 0.59524   5.64778   7.00189   1.000 13.99507 ? 1699 HIS A N    1 
ATOM   710  C  CA   . HIS A 1 44 ? 1.41111   4.89654   7.93672   1.000 11.56025 ? 1699 HIS A CA   1 
ATOM   711  C  C    . HIS A 1 44 ? 2.58083   5.73994   8.38393   1.000 15.68167 ? 1699 HIS A C    1 
ATOM   712  O  O    . HIS A 1 44 ? 3.62756   5.22058   8.76008   1.000 17.39268 ? 1699 HIS A O    1 
ATOM   713  C  CB   . HIS A 1 44 ? 1.82994   3.58751   7.30452   1.000 12.62126 ? 1699 HIS A CB   1 
ATOM   714  C  CG   . HIS A 1 44 ? 0.65218   2.73524   6.98424   1.000 17.09268 ? 1699 HIS A CG   1 
ATOM   715  N  ND1  . HIS A 1 44 ? 0.12054   1.84401   7.88555   1.000 12.49289 ? 1699 HIS A ND1  1 
ATOM   716  C  CD2  . HIS A 1 44 ? -0.17616  2.72417   5.91347   1.000 14.73480 ? 1699 HIS A CD2  1 
ATOM   717  C  CE1  . HIS A 1 44 ? -0.93237  1.25154   7.35703   1.000 17.93522 ? 1699 HIS A CE1  1 
ATOM   718  N  NE2  . HIS A 1 44 ? -1.13056  1.76255   6.15267   1.000 13.03784 ? 1699 HIS A NE2  1 
ATOM   719  H  H    . HIS A 1 44 ? 1.04450   5.97998   6.34812   1.000 16.85371 ? 1699 HIS A H    1 
ATOM   720  H  HA   . HIS A 1 44 ? 0.91369   4.67036   8.73817   1.000 13.93192 ? 1699 HIS A HA   1 
ATOM   721  H  HB2  . HIS A 1 44 ? 2.30952   3.76815   6.48096   1.000 15.20513 ? 1699 HIS A HB2  1 
ATOM   722  H  HB3  . HIS A 1 44 ? 2.40018   3.10179   7.92079   1.000 15.20513 ? 1699 HIS A HB3  1 
ATOM   723  H  HD2  . HIS A 1 44 ? -0.11215  3.26429   5.15910   1.000 17.74138 ? 1699 HIS A HD2  1 
ATOM   724  H  HE1  . HIS A 1 44 ? -1.44624  0.58971   7.76056   1.000 21.58188 ? 1699 HIS A HE1  1 
ATOM   725  H  HE2  . HIS A 1 44 ? -1.75455  1.53117   5.60797   1.000 15.70503 ? 1699 HIS A HE2  1 
ATOM   726  N  N    . LYS A 1 45 ? 2.40599   7.05525   8.33733   1.000 15.44283 ? 1700 LYS A N    1 
ATOM   727  C  CA   . LYS A 1 45 ? 3.41961   7.93569   8.88993   1.000 21.36423 ? 1700 LYS A CA   1 
ATOM   728  C  C    . LYS A 1 45 ? 3.64811   7.57301   10.35089  1.000 17.31634 ? 1700 LYS A C    1 
ATOM   729  O  O    . LYS A 1 45 ? 2.70188   7.36697   11.11313  1.000 22.76827 ? 1700 LYS A O    1 
ATOM   730  C  CB   . LYS A 1 45 ? 2.98778   9.39178   8.74335   1.000 21.90338 ? 1700 LYS A CB   1 
ATOM   731  C  CG   . LYS A 1 45 ? 4.07527   10.39949  9.10404   1.000 20.68861 ? 1700 LYS A CG   1 
ATOM   732  C  CD   . LYS A 1 45 ? 3.55354   11.82282  8.98734   1.000 22.38811 ? 1700 LYS A CD   1 
ATOM   733  C  CE   . LYS A 1 45 ? 4.51695   12.83303  9.55835   1.000 30.65849 ? 1700 LYS A CE   1 
ATOM   734  N  NZ   . LYS A 1 45 ? 4.85296   13.86731  8.54750   1.000 44.03870 ? 1700 LYS A NZ   1 
ATOM   735  H  H    . LYS A 1 45 ? 1.72302   7.45267   7.99790   1.000 18.59101 ? 1700 LYS A H    1 
ATOM   736  H  HA   . LYS A 1 45 ? 4.25650   7.83637   8.40967   1.000 25.69669 ? 1700 LYS A HA   1 
ATOM   737  H  HB2  . LYS A 1 45 ? 2.73333   9.54941   7.82068   1.000 26.34367 ? 1700 LYS A HB2  1 
ATOM   738  H  HB3  . LYS A 1 45 ? 2.23079   9.55213   9.32828   1.000 26.34367 ? 1700 LYS A HB3  1 
ATOM   739  H  HG2  . LYS A 1 45 ? 4.36362   10.25147  10.01829  1.000 24.88595 ? 1700 LYS A HG2  1 
ATOM   740  H  HG3  . LYS A 1 45 ? 4.82606   10.29638  8.49857   1.000 24.88595 ? 1700 LYS A HG3  1 
ATOM   741  H  HD2  . LYS A 1 45 ? 3.41372   12.03494  8.05120   1.000 26.92535 ? 1700 LYS A HD2  1 
ATOM   742  H  HD3  . LYS A 1 45 ? 2.71688   11.89605  9.47265   1.000 26.92535 ? 1700 LYS A HD3  1 
ATOM   743  H  HE2  . LYS A 1 45 ? 4.11241   13.27004  10.32403  1.000 36.84981 ? 1700 LYS A HE2  1 
ATOM   744  H  HE3  . LYS A 1 45 ? 5.33511   12.38571  9.82562   1.000 36.84981 ? 1700 LYS A HE3  1 
ATOM   745  H  HZ1  . LYS A 1 45 ? 5.32898   14.51802  8.92442   1.000 52.90605 ? 1700 LYS A HZ1  1 
ATOM   746  H  HZ2  . LYS A 1 45 ? 5.32934   13.50548  7.88853   1.000 52.90605 ? 1700 LYS A HZ2  1 
ATOM   747  H  HZ3  . LYS A 1 45 ? 4.10721   14.21456  8.20781   1.000 52.90605 ? 1700 LYS A HZ3  1 
ATOM   748  N  N    . ASP A 1 46 ? 4.90906   7.45766   10.73567  1.000 28.47831 ? 1701 ASP A N    1 
ATOM   749  C  CA   . ASP A 1 46 ? 5.30308   7.17788   12.11163  1.000 36.92538 ? 1701 ASP A CA   1 
ATOM   750  C  C    . ASP A 1 46 ? 4.91101   5.77794   12.57581  1.000 31.41917 ? 1701 ASP A C    1 
ATOM   751  O  O    . ASP A 1 46 ? 4.97160   5.50127   13.78122  1.000 29.53849 ? 1701 ASP A O    1 
ATOM   752  C  CB   . ASP A 1 46 ? 4.71392   8.20795   13.08828  1.000 32.42651 ? 1701 ASP A CB   1 
ATOM   753  C  CG   . ASP A 1 46 ? 5.09254   9.64897   12.73702  1.000 38.71587 ? 1701 ASP A CG   1 
ATOM   754  O  OD1  . ASP A 1 46 ? 6.27253   9.91974   12.42367  1.000 28.64153 ? 1701 ASP A OD1  1 
ATOM   755  O  OD2  . ASP A 1 46 ? 4.19580   10.51658  12.78791  1.000 39.77081 ? 1701 ASP A OD2  1 
ATOM   756  H  H    . ASP A 1 46 ? 5.57695   7.54004   10.20019  1.000 34.23359 ? 1701 ASP A H    1 
ATOM   757  H  HA   . ASP A 1 46 ? 6.27069   7.23316   12.15123  1.000 44.37008 ? 1701 ASP A HA   1 
ATOM   758  H  HB2  . ASP A 1 46 ? 3.74641   8.14051   13.07187  1.000 38.97143 ? 1701 ASP A HB2  1 
ATOM   759  H  HB3  . ASP A 1 46 ? 5.04441   8.02105   13.98089  1.000 38.97143 ? 1701 ASP A HB3  1 
ATOM   760  N  N    . HIS A 1 47 ? 4.49411   4.89318   11.66708  1.000 17.59921 ? 1702 HIS A N    1 
ATOM   761  C  CA   . HIS A 1 47 ? 4.40258   3.47595   11.96460  1.000 21.00475 ? 1702 HIS A CA   1 
ATOM   762  C  C    . HIS A 1 47 ? 5.73794   2.81848   11.70396  1.000 14.27204 ? 1702 HIS A C    1 
ATOM   763  O  O    . HIS A 1 47 ? 6.61346   3.39156   11.06040  1.000 19.72165 ? 1702 HIS A O    1 
ATOM   764  C  CB   . HIS A 1 47 ? 3.35836   2.77913   11.11307  1.000 15.67396 ? 1702 HIS A CB   1 
ATOM   765  C  CG   . HIS A 1 47 ? 1.96897   3.23490   11.38180  1.000 18.57806 ? 1702 HIS A CG   1 
ATOM   766  N  ND1  . HIS A 1 47 ? 0.87389   2.62303   10.82789  1.000 12.62291 ? 1702 HIS A ND1  1 
ATOM   767  C  CD2  . HIS A 1 47 ? 1.48521   4.21182   12.18081  1.000 20.89863 ? 1702 HIS A CD2  1 
ATOM   768  C  CE1  . HIS A 1 47 ? -0.22439  3.22211   11.22848  1.000 15.18343 ? 1702 HIS A CE1  1 
ATOM   769  N  NE2  . HIS A 1 47 ? 0.11851   4.19590   12.05431  1.000 19.31807 ? 1702 HIS A NE2  1 
ATOM   770  H  H    . HIS A 1 47 ? 4.25804   5.09778   10.86583  1.000 21.17868 ? 1702 HIS A H    1 
ATOM   771  H  HA   . HIS A 1 47 ? 4.14586   3.37611   12.89466  1.000 25.26532 ? 1702 HIS A HA   1 
ATOM   772  H  HB2  . HIS A 1 47 ? 3.55157   2.95193   10.17835  1.000 18.86837 ? 1702 HIS A HB2  1 
ATOM   773  H  HB3  . HIS A 1 47 ? 3.39708   1.82604   11.28915  1.000 18.86837 ? 1702 HIS A HB3  1 
ATOM   774  H  HD2  . HIS A 1 47 ? 1.98417   4.78639   12.71542  1.000 25.13797 ? 1702 HIS A HD2  1 
ATOM   775  H  HE1  . HIS A 1 47 ? -1.09134  3.00011   10.97547  1.000 18.27974 ? 1702 HIS A HE1  1 
ATOM   776  H  HE2  . HIS A 1 47 ? -0.42623  4.73224   12.44825  1.000 23.24130 ? 1702 HIS A HE2  1 
ATOM   777  N  N    . GLU A 1 48 ? 5.88700   1.60557   12.23086  1.000 17.39596 ? 1703 GLU A N    1 
ATOM   778  C  CA   . GLU A 1 48 ? 7.07189   0.78856   11.98596  1.000 19.55801 ? 1703 GLU A CA   1 
ATOM   779  C  C    . GLU A 1 48 ? 6.87416   0.09617   10.64019  1.000 19.58713 ? 1703 GLU A C    1 
ATOM   780  O  O    . GLU A 1 48 ? 6.22605   -0.94361  10.53776  1.000 18.75665 ? 1703 GLU A O    1 
ATOM   781  C  CB   . GLU A 1 48 ? 7.28896   -0.21779  13.11060  1.000 15.16458 ? 1703 GLU A CB   1 
ATOM   782  C  CG   . GLU A 1 48 ? 8.60284   -0.99403  12.95317  1.000 26.54274 ? 1703 GLU A CG   1 
ATOM   783  C  CD   . GLU A 1 48 ? 9.04656   -1.73461  14.20757  1.000 41.79388 ? 1703 GLU A CD   1 
ATOM   784  O  OE1  . GLU A 1 48 ? 9.26311   -2.96148  14.10859  1.000 40.55947 ? 1703 GLU A OE1  1 
ATOM   785  O  OE2  . GLU A 1 48 ? 9.20353   -1.09850  15.27678  1.000 38.90014 ? 1703 GLU A OE2  1 
ATOM   786  H  H    . GLU A 1 48 ? 5.30665   1.22845   12.74131  1.000 20.93477 ? 1703 GLU A H    1 
ATOM   787  H  HA   . GLU A 1 48 ? 7.85824   1.35482   11.94241  1.000 23.52924 ? 1703 GLU A HA   1 
ATOM   788  H  HB2  . GLU A 1 48 ? 7.31647   0.25410   13.95763  1.000 18.25712 ? 1703 GLU A HB2  1 
ATOM   789  H  HB3  . GLU A 1 48 ? 6.55884   -0.85640  13.11017  1.000 18.25712 ? 1703 GLU A HB3  1 
ATOM   790  H  HG2  . GLU A 1 48 ? 8.49249   -1.65097  12.24809  1.000 31.91090 ? 1703 GLU A HG2  1 
ATOM   791  H  HG3  . GLU A 1 48 ? 9.30608   -0.36901  12.71716  1.000 31.91090 ? 1703 GLU A HG3  1 
ATOM   792  N  N    . ILE A 1 49 ? 7.39583   0.70356   9.58021   1.000 12.92346 ? 1704 ILE A N    1 
ATOM   793  C  CA   . ILE A 1 49 ? 7.26272   0.14484   8.23565   1.000 14.30498 ? 1704 ILE A CA   1 
ATOM   794  C  C    . ILE A 1 49 ? 8.61131   -0.40433  7.79284   1.000 15.56853 ? 1704 ILE A C    1 
ATOM   795  O  O    . ILE A 1 49 ? 9.66383   -0.05718  8.33398   1.000 15.26469 ? 1704 ILE A O    1 
ATOM   796  C  CB   . ILE A 1 49 ? 6.74045   1.17344   7.21264   1.000 20.37897 ? 1704 ILE A CB   1 
ATOM   797  C  CG1  . ILE A 1 49 ? 7.79060   2.24924   6.96235   1.000 20.85591 ? 1704 ILE A CG1  1 
ATOM   798  C  CG2  . ILE A 1 49 ? 5.42423   1.77489   7.66550   1.000 17.59140 ? 1704 ILE A CG2  1 
ATOM   799  C  CD1  . ILE A 1 49 ? 7.76636   2.81925   5.55057   1.000 22.48460 ? 1704 ILE A CD1  1 
ATOM   800  H  H    . ILE A 1 49 ? 7.83336   1.44324   9.61236   1.000 15.56777 ? 1704 ILE A H    1 
ATOM   801  H  HA   . ILE A 1 49 ? 6.62849   -0.58815  8.27275   1.000 17.22560 ? 1704 ILE A HA   1 
ATOM   802  H  HB   . ILE A 1 49 ? 6.57444   0.71340   6.37496   1.000 24.51438 ? 1704 ILE A HB   1 
ATOM   803  H  HG12 . ILE A 1 49 ? 7.63862   2.98208   7.57940   1.000 25.08671 ? 1704 ILE A HG12 1 
ATOM   804  H  HG13 . ILE A 1 49 ? 8.66951   1.86688   7.11142   1.000 25.08671 ? 1704 ILE A HG13 1 
ATOM   805  H  HG21 . ILE A 1 49 ? 5.26983   2.59961   7.17878   1.000 21.16930 ? 1704 ILE A HG21 1 
ATOM   806  H  HG22 . ILE A 1 49 ? 4.70975   1.14461   7.48341   1.000 21.16930 ? 1704 ILE A HG22 1 
ATOM   807  H  HG23 . ILE A 1 49 ? 5.47075   1.95625   8.61726   1.000 21.16930 ? 1704 ILE A HG23 1 
ATOM   808  H  HD11 . ILE A 1 49 ? 8.51591   3.42523   5.44176   1.000 27.04114 ? 1704 ILE A HD11 1 
ATOM   809  H  HD12 . ILE A 1 49 ? 7.83533   2.09023   4.91443   1.000 27.04114 ? 1704 ILE A HD12 1 
ATOM   810  H  HD13 . ILE A 1 49 ? 6.93274   3.29693   5.41715   1.000 27.04114 ? 1704 ILE A HD13 1 
ATOM   811  N  N    . SER A 1 50 ? 8.57779   -1.24061  6.75777   1.000 14.90798 ? 1705 SER A N    1 
ATOM   812  C  CA   . SER A 1 50 ? 9.78945   -1.75624  6.14444   1.000 12.18402 ? 1705 SER A CA   1 
ATOM   813  C  C    . SER A 1 50 ? 9.52916   -2.02673  4.66771   1.000 14.85400 ? 1705 SER A C    1 
ATOM   814  O  O    . SER A 1 50 ? 8.41045   -2.36263  4.26191   1.000 16.08049 ? 1705 SER A O    1 
ATOM   815  C  CB   . SER A 1 50 ? 10.27870  -3.03071  6.84119   1.000 12.92266 ? 1705 SER A CB   1 
ATOM   816  O  OG   . SER A 1 50 ? 9.25702   -4.00468  6.93185   1.000 18.54849 ? 1705 SER A OG   1 
ATOM   817  H  H    . SER A 1 50 ? 7.85426   -1.52567  6.39058   1.000 17.94920 ? 1705 SER A H    1 
ATOM   818  H  HA   . SER A 1 50 ? 10.49010  -1.08851  6.20865   1.000 14.68044 ? 1705 SER A HA   1 
ATOM   819  H  HB2  . SER A 1 50 ? 11.01766  -3.40011  6.33289   1.000 15.56681 ? 1705 SER A HB2  1 
ATOM   820  H  HB3  . SER A 1 50 ? 10.57314  -2.80314  7.73697   1.000 15.56681 ? 1705 SER A HB3  1 
ATOM   821  H  HG   . SER A 1 50 ? 8.57682   -3.67434  7.29764   1.000 22.31780 ? 1705 SER A HG   1 
ATOM   822  N  N    . TYR A 1 51 ? 10.56658  -1.86240  3.86290   1.000 12.36107 ? 1706 TYR A N    1 
ATOM   823  C  CA   . TYR A 1 51 ? 10.44147  -2.19642  2.44875   1.000 8.25159  ? 1706 TYR A CA   1 
ATOM   824  C  C    . TYR A 1 51 ? 10.18021  -3.68410  2.28664   1.000 10.95385 ? 1706 TYR A C    1 
ATOM   825  O  O    . TYR A 1 51 ? 10.81438  -4.50800  2.94345   1.000 16.73044 ? 1706 TYR A O    1 
ATOM   826  C  CB   . TYR A 1 51 ? 11.70481  -1.78555  1.70582   1.000 11.70519 ? 1706 TYR A CB   1 
ATOM   827  C  CG   . TYR A 1 51 ? 11.63360  -2.01761  0.22225   1.000 8.87231  ? 1706 TYR A CG   1 
ATOM   828  C  CD1  . TYR A 1 51 ? 10.94604  -1.12982  -0.60526  1.000 14.31164 ? 1706 TYR A CD1  1 
ATOM   829  C  CD2  . TYR A 1 51 ? 12.26083  -3.10259  -0.36090  1.000 14.87238 ? 1706 TYR A CD2  1 
ATOM   830  C  CE1  . TYR A 1 51 ? 10.90057  -1.31013  -1.99148  1.000 9.85362  ? 1706 TYR A CE1  1 
ATOM   831  C  CE2  . TYR A 1 51 ? 12.19417  -3.32449  -1.74031  1.000 12.19474 ? 1706 TYR A CE2  1 
ATOM   832  C  CZ   . TYR A 1 51 ? 11.52198  -2.41868  -2.54407  1.000 11.69783 ? 1706 TYR A CZ   1 
ATOM   833  O  OH   . TYR A 1 51 ? 11.47683  -2.62822  -3.89630  1.000 14.58676 ? 1706 TYR A OH   1 
ATOM   834  H  H    . TYR A 1 51 ? 11.33776  -1.56618  4.10193   1.000 14.89291 ? 1706 TYR A H    1 
ATOM   835  H  HA   . TYR A 1 51 ? 9.69570   -1.71335  2.05966   1.000 9.96152  ? 1706 TYR A HA   1 
ATOM   836  H  HB2  . TYR A 1 51 ? 11.85865  -0.83888  1.85095   1.000 14.10585 ? 1706 TYR A HB2  1 
ATOM   837  H  HB3  . TYR A 1 51 ? 12.45138  -2.29972  2.05101   1.000 14.10585 ? 1706 TYR A HB3  1 
ATOM   838  H  HD1  . TYR A 1 51 ? 10.50813  -0.40185  -0.22683  1.000 17.23359 ? 1706 TYR A HD1  1 
ATOM   839  H  HD2  . TYR A 1 51 ? 12.73626  -3.69639  0.17415   1.000 17.90647 ? 1706 TYR A HD2  1 
ATOM   840  H  HE1  . TYR A 1 51 ? 10.46040  -0.69597  -2.53366  1.000 11.88396 ? 1706 TYR A HE1  1 
ATOM   841  H  HE2  . TYR A 1 51 ? 12.59784  -4.07404  -2.11465  1.000 14.69331 ? 1706 TYR A HE2  1 
ATOM   842  H  HH   . TYR A 1 51 ? 11.68427  -3.42325  -4.07091  1.000 17.56373 ? 1706 TYR A HH   1 
ATOM   843  N  N    . ALA A 1 52 ? 9.21332   -4.03433  1.43427   1.000 12.36174 ? 1707 ALA A N    1 
ATOM   844  C  CA   . ALA A 1 52 ? 8.97116   -5.43241  1.10256   1.000 13.64467 ? 1707 ALA A CA   1 
ATOM   845  C  C    . ALA A 1 52 ? 9.73265   -5.84387  -0.15333  1.000 12.85478 ? 1707 ALA A C    1 
ATOM   846  O  O    . ALA A 1 52 ? 10.76178  -6.53331  -0.06627  1.000 17.14704 ? 1707 ALA A O    1 
ATOM   847  C  CB   . ALA A 1 52 ? 7.45964   -5.67994  0.98027   1.000 12.97763 ? 1707 ALA A CB   1 
ATOM   848  H  H    . ALA A 1 52 ? 8.68806   -3.48026  1.03840   1.000 14.89370 ? 1707 ALA A H    1 
ATOM   849  H  HA   . ALA A 1 52 ? 9.30162   -6.00381  1.81334   1.000 16.43322 ? 1707 ALA A HA   1 
ATOM   850  H  HB1  . ALA A 1 52 ? 7.31373   -6.54834  0.57345   1.000 15.63277 ? 1707 ALA A HB1  1 
ATOM   851  H  HB2  . ALA A 1 52 ? 7.06349   -5.65858  1.86543   1.000 15.63277 ? 1707 ALA A HB2  1 
ATOM   852  H  HB3  . ALA A 1 52 ? 7.06969   -4.98552  0.42652   1.000 15.63277 ? 1707 ALA A HB3  1 
ATOM   853  N  N    . LYS A 1 53 ? 9.26789   -5.43964  -1.31730  1.000 10.05703 ? 1708 LYS A N    1 
ATOM   854  C  CA   . LYS A 1 53 ? 9.89003   -5.85812  -2.56381  1.000 12.61766 ? 1708 LYS A CA   1 
ATOM   855  C  C    . LYS A 1 53 ? 9.30491   -4.99544  -3.66535  1.000 13.19773 ? 1708 LYS A C    1 
ATOM   856  O  O    . LYS A 1 53 ? 8.43325   -4.15436  -3.42042  1.000 13.33287 ? 1708 LYS A O    1 
ATOM   857  C  CB   . LYS A 1 53 ? 9.65131   -7.34146  -2.84395  1.000 14.10750 ? 1708 LYS A CB   1 
ATOM   858  C  CG   . LYS A 1 53 ? 8.18859   -7.72881  -2.86525  1.000 16.57082 ? 1708 LYS A CG   1 
ATOM   859  C  CD   . LYS A 1 53 ? 8.01992   -9.19681  -3.26512  1.000 15.67281 ? 1708 LYS A CD   1 
ATOM   860  C  CE   . LYS A 1 53 ? 8.40073   -9.43172  -4.71840  1.000 30.82665 ? 1708 LYS A CE   1 
ATOM   861  N  NZ   . LYS A 1 53 ? 8.19315   -10.85203 -5.16526  1.000 35.59823 ? 1708 LYS A NZ   1 
ATOM   862  H  H    . LYS A 1 53 ? 8.58988   -4.91988  -1.41601  1.000 12.12805 ? 1708 LYS A H    1 
ATOM   863  H  HA   . LYS A 1 53 ? 10.84685  -5.70767  -2.51121  1.000 15.20081 ? 1708 LYS A HA   1 
ATOM   864  H  HB2  . LYS A 1 53 ? 10.02841  -7.55996  -3.71053  1.000 16.98862 ? 1708 LYS A HB2  1 
ATOM   865  H  HB3  . LYS A 1 53 ? 10.08612  -7.86363  -2.15172  1.000 16.98862 ? 1708 LYS A HB3  1 
ATOM   866  H  HG2  . LYS A 1 53 ? 7.80788   -7.60491  -1.98173  1.000 19.94460 ? 1708 LYS A HG2  1 
ATOM   867  H  HG3  . LYS A 1 53 ? 7.71714   -7.17823  -3.50985  1.000 19.94460 ? 1708 LYS A HG3  1 
ATOM   868  H  HD2  . LYS A 1 53 ? 8.59145   -9.74831  -2.70825  1.000 18.86699 ? 1708 LYS A HD2  1 
ATOM   869  H  HD3  . LYS A 1 53 ? 7.09260   -9.45625  -3.14820  1.000 18.86699 ? 1708 LYS A HD3  1 
ATOM   870  H  HE2  . LYS A 1 53 ? 7.85654   -8.85998  -5.28221  1.000 37.05159 ? 1708 LYS A HE2  1 
ATOM   871  H  HE3  . LYS A 1 53 ? 9.33935   -9.21709  -4.83594  1.000 37.05159 ? 1708 LYS A HE3  1 
ATOM   872  H  HZ1  . LYS A 1 53 ? 7.83300   -10.86557 -5.97902  1.000 42.77749 ? 1708 LYS A HZ1  1 
ATOM   873  H  HZ2  . LYS A 1 53 ? 8.97251   -11.28124 -5.18716  1.000 42.77749 ? 1708 LYS A HZ2  1 
ATOM   874  H  HZ3  . LYS A 1 53 ? 7.64786   -11.27206 -4.60105  1.000 42.77749 ? 1708 LYS A HZ3  1 
ATOM   875  N  N    . TYR A 1 54 ? 9.80320   -5.21411  -4.87539  1.000 12.22588 ? 1709 TYR A N    1 
ATOM   876  C  CA   . TYR A 1 54 ? 9.20369   -4.71485  -6.11161  1.000 10.18750 ? 1709 TYR A CA   1 
ATOM   877  C  C    . TYR A 1 54 ? 8.58625   -5.89633  -6.85052  1.000 17.38593 ? 1709 TYR A C    1 
ATOM   878  O  O    . TYR A 1 54 ? 9.28578   -6.86479  -7.16589  1.000 14.10842 ? 1709 TYR A O    1 
ATOM   879  C  CB   . TYR A 1 54 ? 10.25824  -4.02709  -6.97206  1.000 9.26515  ? 1709 TYR A CB   1 
ATOM   880  C  CG   . TYR A 1 54 ? 9.68529   -3.51535  -8.27901  1.000 12.46000 ? 1709 TYR A CG   1 
ATOM   881  C  CD1  . TYR A 1 54 ? 9.14378   -2.23703  -8.34962  1.000 11.80063 ? 1709 TYR A CD1  1 
ATOM   882  C  CD2  . TYR A 1 54 ? 9.66872   -4.30304  -9.42907  1.000 15.02548 ? 1709 TYR A CD2  1 
ATOM   883  C  CE1  . TYR A 1 54 ? 8.60398   -1.74357  -9.52319  1.000 17.10073 ? 1709 TYR A CE1  1 
ATOM   884  C  CE2  . TYR A 1 54 ? 9.12225   -3.81211  -10.61696 1.000 15.93008 ? 1709 TYR A CE2  1 
ATOM   885  C  CZ   . TYR A 1 54 ? 8.59547   -2.53409  -10.65039 1.000 14.04740 ? 1709 TYR A CZ   1 
ATOM   886  O  OH   . TYR A 1 54 ? 8.05180   -2.02234  -11.80779 1.000 17.26257 ? 1709 TYR A OH   1 
ATOM   887  H  H    . TYR A 1 54 ? 10.51968  -5.66896  -5.01455  1.000 14.73068 ? 1709 TYR A H    1 
ATOM   888  H  HA   . TYR A 1 54 ? 8.50324   -4.07355  -5.91414  1.000 12.28462 ? 1709 TYR A HA   1 
ATOM   889  H  HB2  . TYR A 1 54 ? 10.62290  -3.27171  -6.48490  1.000 11.17780 ? 1709 TYR A HB2  1 
ATOM   890  H  HB3  . TYR A 1 54 ? 10.96327  -4.66068  -7.17796  1.000 11.17780 ? 1709 TYR A HB3  1 
ATOM   891  H  HD1  . TYR A 1 54 ? 9.14456   -1.70101  -7.58964  1.000 14.22037 ? 1709 TYR A HD1  1 
ATOM   892  H  HD2  . TYR A 1 54 ? 10.02428  -5.16206  -9.40513  1.000 18.09020 ? 1709 TYR A HD2  1 
ATOM   893  H  HE1  . TYR A 1 54 ? 8.24939   -0.88427  -9.55086  1.000 20.58049 ? 1709 TYR A HE1  1 
ATOM   894  H  HE2  . TYR A 1 54 ? 9.11273   -4.34189  -11.38125 1.000 19.17571 ? 1709 TYR A HE2  1 
ATOM   895  H  HH   . TYR A 1 54 ? 8.05845   -2.60671  -12.41117 1.000 20.77470 ? 1709 TYR A HH   1 
ATOM   896  N  N    . GLY A 1 55 ? 7.28770   -5.82886  -7.12383  1.000 14.29799 ? 1710 GLY A N    1 
ATOM   897  C  CA   . GLY A 1 55 ? 6.63168   -6.97746  -7.71930  1.000 19.41492 ? 1710 GLY A CA   1 
ATOM   898  C  C    . GLY A 1 55 ? 5.15364   -6.74277  -7.91294  1.000 14.99197 ? 1710 GLY A C    1 
ATOM   899  O  O    . GLY A 1 55 ? 4.62967   -5.66843  -7.63243  1.000 11.52262 ? 1710 GLY A O    1 
ATOM   900  H  H    . GLY A 1 55 ? 6.78217   -5.14873  -6.97738  1.000 17.21721 ? 1710 GLY A H    1 
ATOM   901  H  HA2  . GLY A 1 55 ? 7.02894   -7.16478  -8.58417  1.000 23.35752 ? 1710 GLY A HA2  1 
ATOM   902  H  HA3  . GLY A 1 55 ? 6.74737   -7.75027  -7.14460  1.000 23.35752 ? 1710 GLY A HA3  1 
ATOM   903  N  N    . SER A 1 56 ? 4.49272   -7.78564  -8.42597  1.000 14.75435 ? 1711 SER A N    1 
ATOM   904  C  CA   . SER A 1 56 ? 3.06559   -7.72479  -8.73031  1.000 14.91773 ? 1711 SER A CA   1 
ATOM   905  C  C    . SER A 1 56 ? 2.24651   -7.66494  -7.44385  1.000 11.73295 ? 1711 SER A C    1 
ATOM   906  O  O    . SER A 1 56 ? 2.36758   -8.54672  -6.58962  1.000 13.60111 ? 1711 SER A O    1 
ATOM   907  C  CB   . SER A 1 56 ? 2.66661   -8.94895  -9.54731  1.000 16.18696 ? 1711 SER A CB   1 
ATOM   908  O  OG   . SER A 1 56 ? 1.42491   -8.75181  -10.18677 1.000 23.69847 ? 1711 SER A OG   1 
ATOM   909  H  H    . SER A 1 56 ? 4.85305   -8.54509  -8.60763  1.000 17.76484 ? 1711 SER A H    1 
ATOM   910  H  HA   . SER A 1 56 ? 2.87642   -6.92512  -9.24571  1.000 17.96089 ? 1711 SER A HA   1 
ATOM   911  H  HB2  . SER A 1 56 ? 3.34500   -9.11203  -10.22119 1.000 19.48397 ? 1711 SER A HB2  1 
ATOM   912  H  HB3  . SER A 1 56 ? 2.59721   -9.71364  -8.95459  1.000 19.48397 ? 1711 SER A HB3  1 
ATOM   913  H  HG   . SER A 1 56 ? 1.27319   -9.38259  -10.72034 1.000 28.49778 ? 1711 SER A HG   1 
ATOM   914  N  N    . PHE A 1 57 ? 1.37369   -6.65115  -7.33295  1.000 10.80900 ? 1712 PHE A N    1 
ATOM   915  C  CA   . PHE A 1 57 ? 0.79074   -6.26420  -6.04880  1.000 12.68499 ? 1712 PHE A CA   1 
ATOM   916  C  C    . PHE A 1 57 ? -0.38130  -5.31214  -6.26732  1.000 11.35903 ? 1712 PHE A C    1 
ATOM   917  O  O    . PHE A 1 57 ? -0.42619  -4.57067  -7.25256  1.000 12.27996 ? 1712 PHE A O    1 
ATOM   918  C  CB   . PHE A 1 57 ? 1.88782   -5.60784  -5.17980  1.000 10.74289 ? 1712 PHE A CB   1 
ATOM   919  C  CG   . PHE A 1 57 ? 1.48125   -5.28255  -3.77834  1.000 9.99054  ? 1712 PHE A CG   1 
ATOM   920  C  CD1  . PHE A 1 57 ? 1.34900   -6.28919  -2.82300  1.000 10.77460 ? 1712 PHE A CD1  1 
ATOM   921  C  CD2  . PHE A 1 57 ? 1.28085   -3.95664  -3.37873  1.000 9.67874  ? 1712 PHE A CD2  1 
ATOM   922  C  CE1  . PHE A 1 57 ? 0.99757   -5.98484  -1.51953  1.000 13.58266 ? 1712 PHE A CE1  1 
ATOM   923  C  CE2  . PHE A 1 57 ? 0.92698   -3.65080  -2.08024  1.000 12.55823 ? 1712 PHE A CE2  1 
ATOM   924  C  CZ   . PHE A 1 57 ? 0.79117   -4.65675  -1.14545  1.000 10.64535 ? 1712 PHE A CZ   1 
ATOM   925  H  H    . PHE A 1 57 ? 1.10456   -6.17177  -7.99429  1.000 13.03041 ? 1712 PHE A H    1 
ATOM   926  H  HA   . PHE A 1 57 ? 0.42316   -7.03815  -5.59406  1.000 15.28160 ? 1712 PHE A HA   1 
ATOM   927  H  HB2  . PHE A 1 57 ? 2.64234   -6.21530  -5.12898  1.000 12.95109 ? 1712 PHE A HB2  1 
ATOM   928  H  HB3  . PHE A 1 57 ? 2.15796   -4.77794  -5.60312  1.000 12.95109 ? 1712 PHE A HB3  1 
ATOM   929  H  HD1  . PHE A 1 57 ? 1.49857   -7.17480  -3.06425  1.000 12.98914 ? 1712 PHE A HD1  1 
ATOM   930  H  HD2  . PHE A 1 57 ? 1.38776   -3.27082  -3.99770  1.000 11.67410 ? 1712 PHE A HD2  1 
ATOM   931  H  HE1  . PHE A 1 57 ? 0.89905   -6.66528  -0.89327  1.000 16.35882 ? 1712 PHE A HE1  1 
ATOM   932  H  HE2  . PHE A 1 57 ? 0.77991   -2.76586  -1.83503  1.000 15.12950 ? 1712 PHE A HE2  1 
ATOM   933  H  HZ   . PHE A 1 57 ? 0.56254   -4.44985  -0.26805  1.000 12.83403 ? 1712 PHE A HZ   1 
ATOM   934  N  N    . PHE A 1 58 ? -1.34059  -5.34734  -5.34231  1.000 11.31215 ? 1713 PHE A N    1 
ATOM   935  C  CA   . PHE A 1 58 ? -2.23363  -4.21116  -5.13134  1.000 11.89242 ? 1713 PHE A CA   1 
ATOM   936  C  C    . PHE A 1 58 ? -2.24882  -3.83720  -3.65463  1.000 9.03516  ? 1713 PHE A C    1 
ATOM   937  O  O    . PHE A 1 58 ? -2.07501  -4.67455  -2.74827  1.000 10.13102 ? 1713 PHE A O    1 
ATOM   938  C  CB   . PHE A 1 58 ? -3.69694  -4.43201  -5.64395  1.000 13.01698 ? 1713 PHE A CB   1 
ATOM   939  C  CG   . PHE A 1 58 ? -4.51859  -5.37560  -4.81438  1.000 9.19611  ? 1713 PHE A CG   1 
ATOM   940  C  CD1  . PHE A 1 58 ? -5.12856  -4.96105  -3.63830  1.000 14.65295 ? 1713 PHE A CD1  1 
ATOM   941  C  CD2  . PHE A 1 58 ? -4.71785  -6.68397  -5.23971  1.000 13.66976 ? 1713 PHE A CD2  1 
ATOM   942  C  CE1  . PHE A 1 58 ? -5.88211  -5.85523  -2.87204  1.000 13.35535 ? 1713 PHE A CE1  1 
ATOM   943  C  CE2  . PHE A 1 58 ? -5.47334  -7.55568  -4.48839  1.000 13.40515 ? 1713 PHE A CE2  1 
ATOM   944  C  CZ   . PHE A 1 58 ? -6.05959  -7.14008  -3.32160  1.000 11.84246 ? 1713 PHE A CZ   1 
ATOM   945  H  H    . PHE A 1 58 ? -1.49248  -6.01804  -4.82590  1.000 13.63420 ? 1713 PHE A H    1 
ATOM   946  H  HA   . PHE A 1 58 ? -1.88237  -3.46580  -5.64315  1.000 14.33052 ? 1713 PHE A HA   1 
ATOM   947  H  HB2  . PHE A 1 58 ? -4.15341  -3.57616  -5.65038  1.000 15.68000 ? 1713 PHE A HB2  1 
ATOM   948  H  HB3  . PHE A 1 58 ? -3.65693  -4.79343  -6.54321  1.000 15.68000 ? 1713 PHE A HB3  1 
ATOM   949  H  HD1  . PHE A 1 58 ? -5.03498  -4.07949  -3.35724  1.000 17.64316 ? 1713 PHE A HD1  1 
ATOM   950  H  HD2  . PHE A 1 58 ? -4.33785  -6.97261  -6.03795  1.000 16.46333 ? 1713 PHE A HD2  1 
ATOM   951  H  HE1  . PHE A 1 58 ? -6.25896  -5.58263  -2.06670  1.000 16.08603 ? 1713 PHE A HE1  1 
ATOM   952  H  HE2  . PHE A 1 58 ? -5.58669  -8.43318  -4.77482  1.000 16.14580 ? 1713 PHE A HE2  1 
ATOM   953  H  HZ   . PHE A 1 58 ? -6.58157  -7.73288  -2.83066  1.000 14.27056 ? 1713 PHE A HZ   1 
ATOM   954  N  N    . CYS A 1 59 ? -2.44528  -2.54715  -3.43022  1.000 9.37620  ? 1714 CYS A N    1 
ATOM   955  C  CA   . CYS A 1 59 ? -2.33623  -1.96471  -2.09585  1.000 13.31846 ? 1714 CYS A CA   1 
ATOM   956  C  C    . CYS A 1 59 ? -3.49079  -2.37532  -1.18532  1.000 9.22507  ? 1714 CYS A C    1 
ATOM   957  O  O    . CYS A 1 59 ? -4.67003  -2.12626  -1.48872  1.000 10.31650 ? 1714 CYS A O    1 
ATOM   958  C  CB   . CYS A 1 59 ? -2.27099  -0.44425  -2.19419  1.000 16.18826 ? 1714 CYS A CB   1 
ATOM   959  S  SG   . CYS A 1 59 ? -2.05523  0.32730   -0.59828  1.000 9.47663  ? 1714 CYS A SG   1 
ATOM   960  H  H    . CYS A 1 59 ? -2.64614  -1.97585  -4.04086  1.000 11.31106 ? 1714 CYS A H    1 
ATOM   961  H  HA   . CYS A 1 59 ? -1.52058  -2.30452  -1.69568  1.000 16.04177 ? 1714 CYS A HA   1 
ATOM   962  H  HB2  . CYS A 1 59 ? -1.52030  -0.19418  -2.75530  1.000 19.48553 ? 1714 CYS A HB2  1 
ATOM   963  H  HB3  . CYS A 1 59 ? -3.09780  -0.11518  -2.58021  1.000 19.48553 ? 1714 CYS A HB3  1 
ATOM   964  N  N    . ASP A 1 60 ? -3.14158  -2.96728  -0.04509  1.000 10.73731 ? 1715 ASP A N    1 
ATOM   965  C  CA   . ASP A 1 60 ? -4.13148  -3.40586  0.92829   1.000 11.35714 ? 1715 ASP A CA   1 
ATOM   966  C  C    . ASP A 1 60 ? -4.59279  -2.28714  1.84049   1.000 15.99138 ? 1715 ASP A C    1 
ATOM   967  O  O    . ASP A 1 60 ? -5.61454  -2.43991  2.51753   1.000 15.37534 ? 1715 ASP A O    1 
ATOM   968  C  CB   . ASP A 1 60 ? -3.58235  -4.55612  1.76006   1.000 12.01878 ? 1715 ASP A CB   1 
ATOM   969  C  CG   . ASP A 1 60 ? -3.23929  -5.77451  0.92298   1.000 9.31197  ? 1715 ASP A CG   1 
ATOM   970  O  OD1  . ASP A 1 60 ? -4.14918  -6.37011  0.27563   1.000 9.19811  ? 1715 ASP A OD1  1 
ATOM   971  O  OD2  . ASP A 1 60 ? -2.03680  -6.09261  0.86047   1.000 11.91887 ? 1715 ASP A OD2  1 
ATOM   972  H  H    . ASP A 1 60 ? -2.32961  -3.12713  0.18892   1.000 12.94438 ? 1715 ASP A H    1 
ATOM   973  H  HA   . ASP A 1 60 ? -4.90825  -3.73464  0.44928   1.000 13.68819 ? 1715 ASP A HA   1 
ATOM   974  H  HB2  . ASP A 1 60 ? -2.77395  -4.26357  2.20928   1.000 14.48215 ? 1715 ASP A HB2  1 
ATOM   975  H  HB3  . ASP A 1 60 ? -4.24854  -4.81947  2.41407   1.000 14.48215 ? 1715 ASP A HB3  1 
ATOM   976  N  N    . CYS A 1 61 ? -3.85936  -1.17777  1.88865   1.000 10.27471 ? 1716 CYS A N    1 
ATOM   977  C  CA   . CYS A 1 61 ? -4.34914  -0.00391  2.60900   1.000 13.60533 ? 1716 CYS A CA   1 
ATOM   978  C  C    . CYS A 1 61 ? -5.52254  0.63274   1.86708   1.000 9.15227  ? 1716 CYS A C    1 
ATOM   979  O  O    . CYS A 1 61 ? -6.60888  0.79559   2.42457   1.000 15.25743 ? 1716 CYS A O    1 
ATOM   980  C  CB   . CYS A 1 61 ? -3.21771  1.00922   2.83432   1.000 11.19137 ? 1716 CYS A CB   1 
ATOM   981  S  SG   . CYS A 1 61 ? -3.65297  2.39517   3.90375   1.000 11.30486 ? 1716 CYS A SG   1 
ATOM   982  H  H    . CYS A 1 61 ? -3.08873  -1.07930  1.51984   1.000 12.38927 ? 1716 CYS A H    1 
ATOM   983  H  HA   . CYS A 1 61 ? -4.65827  -0.28348  3.48488   1.000 16.38602 ? 1716 CYS A HA   1 
ATOM   984  H  HB2  . CYS A 1 61 ? -2.46804  0.54864   3.24268   1.000 13.48926 ? 1716 CYS A HB2  1 
ATOM   985  H  HB3  . CYS A 1 61 ? -2.95469  1.37406   1.97490   1.000 13.48926 ? 1716 CYS A HB3  1 
ATOM   986  N  N    . GLY A 1 62 ? -5.32146  0.98152   0.58135   1.000 6.67074  ? 1717 GLY A N    1 
ATOM   987  C  CA   . GLY A 1 62 ? -6.40391  1.50902   -0.21668  1.000 14.04897 ? 1717 GLY A CA   1 
ATOM   988  C  C    . GLY A 1 62 ? -7.56550  0.54386   -0.37472  1.000 13.18974 ? 1717 GLY A C    1 
ATOM   989  O  O    . GLY A 1 62 ? -8.71965  0.96223   -0.53413  1.000 17.81551 ? 1717 GLY A O    1 
ATOM   990  H  H    . GLY A 1 62 ? -4.57109  0.91759   0.16607   1.000 8.06451  ? 1717 GLY A H    1 
ATOM   991  H  HA2  . GLY A 1 62 ? -6.73926  2.31818   0.20009   1.000 16.91838 ? 1717 GLY A HA2  1 
ATOM   992  H  HA3  . GLY A 1 62 ? -6.06913  1.72474   -1.10115  1.000 16.91838 ? 1717 GLY A HA3  1 
ATOM   993  N  N    . ALA A 1 63 ? -7.29553  -0.75778  -0.33325  1.000 17.69890 ? 1718 ALA A N    1 
ATOM   994  C  CA   . ALA A 1 63 ? -8.36937  -1.71773  -0.49668  1.000 13.55228 ? 1718 ALA A CA   1 
ATOM   995  C  C    . ALA A 1 63 ? -9.21907  -1.91982  0.75653   1.000 24.70832 ? 1718 ALA A C    1 
ATOM   996  O  O    . ALA A 1 63 ? -10.25316 -2.59236  0.67002   1.000 23.30650 ? 1718 ALA A O    1 
ATOM   997  C  CB   . ALA A 1 63 ? -7.80437  -3.06803  -0.93398  1.000 14.06323 ? 1718 ALA A CB   1 
ATOM   998  H  H    . ALA A 1 63 ? -6.51464  -1.09782  -0.21416  1.000 21.29829 ? 1718 ALA A H    1 
ATOM   999  H  HA   . ALA A 1 63 ? -8.95537  -1.38497  -1.19437  1.000 16.32236 ? 1718 ALA A HA   1 
ATOM   1000 H  HB1  . ALA A 1 63 ? -8.53858  -3.68390  -1.08409  1.000 16.93550 ? 1718 ALA A HB1  1 
ATOM   1001 H  HB2  . ALA A 1 63 ? -7.29984  -2.94871  -1.75380  1.000 16.93550 ? 1718 ALA A HB2  1 
ATOM   1002 H  HB3  . ALA A 1 63 ? -7.22431  -3.40889  -0.23523  1.000 16.93550 ? 1718 ALA A HB3  1 
ATOM   1003 N  N    . LYS A 1 64 ? -8.84106  -1.37185  1.91208   1.000 22.16751 ? 1719 LYS A N    1 
ATOM   1004 C  CA   . LYS A 1 64 ? -9.62680  -1.64137  3.11394   1.000 25.79592 ? 1719 LYS A CA   1 
ATOM   1005 C  C    . LYS A 1 64 ? -11.04905 -1.13168  2.90906   1.000 27.98753 ? 1719 LYS A C    1 
ATOM   1006 O  O    . LYS A 1 64 ? -11.26406 0.02419   2.53066   1.000 18.56735 ? 1719 LYS A O    1 
ATOM   1007 C  CB   . LYS A 1 64 ? -9.00487  -0.99681  4.35179   1.000 30.78777 ? 1719 LYS A CB   1 
ATOM   1008 C  CG   . LYS A 1 64 ? -9.59233  -1.53256  5.68502   1.000 45.28497 ? 1719 LYS A CG   1 
ATOM   1009 C  CD   . LYS A 1 64 ? -10.02093 -3.01496  5.62008   1.000 42.27036 ? 1719 LYS A CD   1 
ATOM   1010 C  CE   . LYS A 1 64 ? -10.84261 -3.44778  6.83226   1.000 19.58103 ? 1719 LYS A CE   1 
ATOM   1011 N  NZ   . LYS A 1 64 ? -10.02859 -3.46378  8.07001   1.000 41.86726 ? 1719 LYS A NZ   1 
ATOM   1012 H  H    . LYS A 1 64 ? -8.15902  -0.85966  2.02203   1.000 26.66063 ? 1719 LYS A H    1 
ATOM   1013 H  HA   . LYS A 1 64 ? -9.64200  -2.59774  3.27526   1.000 31.01472 ? 1719 LYS A HA   1 
ATOM   1014 N  N    . GLU A 1 65 ? -12.02595 -1.99921  3.15283   1.000 30.55108 ? 1720 GLU A N    1 
ATOM   1015 C  CA   . GLU A 1 65 ? -13.39208 -1.66824  2.77883   1.000 32.71305 ? 1720 GLU A CA   1 
ATOM   1016 C  C    . GLU A 1 65 ? -14.00220 -0.59252  3.67448   1.000 32.16411 ? 1720 GLU A C    1 
ATOM   1017 O  O    . GLU A 1 65 ? -14.98086 0.03839   3.26722   1.000 28.60444 ? 1720 GLU A O    1 
ATOM   1018 C  CB   . GLU A 1 65 ? -14.24569 -2.94208  2.77893   1.000 35.29386 ? 1720 GLU A CB   1 
ATOM   1019 C  CG   . GLU A 1 65 ? -14.11051 -3.79243  1.49362   1.000 30.90065 ? 1720 GLU A CG   1 
ATOM   1020 C  CD   . GLU A 1 65 ? -12.99902 -4.83575  1.57939   1.000 25.70066 ? 1720 GLU A CD   1 
ATOM   1021 O  OE1  . GLU A 1 65 ? -12.35441 -4.93643  2.64117   1.000 38.91003 ? 1720 GLU A OE1  1 
ATOM   1022 O  OE2  . GLU A 1 65 ? -12.76082 -5.56070  0.58814   1.000 33.26838 ? 1720 GLU A OE2  1 
ATOM   1023 H  H    . GLU A 1 65 ? -11.92512 -2.76792  3.52501   1.000 36.72091 ? 1720 GLU A H    1 
ATOM   1024 H  HA   . GLU A 1 65 ? -13.40044 -1.31178  1.87674   1.000 39.31528 ? 1720 GLU A HA   1 
ATOM   1025 H  HB2  . GLU A 1 65 ? -13.97687 -3.49600  3.52848   1.000 42.41225 ? 1720 GLU A HB2  1 
ATOM   1026 H  HB3  . GLU A 1 65 ? -15.17823 -2.69101  2.86958   1.000 42.41225 ? 1720 GLU A HB3  1 
ATOM   1027 H  HG2  . GLU A 1 65 ? -14.94615 -4.25892  1.33553   1.000 37.14040 ? 1720 GLU A HG2  1 
ATOM   1028 H  HG3  . GLU A 1 65 ? -13.91190 -3.20546  0.74734   1.000 37.14040 ? 1720 GLU A HG3  1 
ATOM   1029 N  N    . ASP A 1 66 ? -13.43713 -0.33562  4.85645   1.000 28.60120 ? 1721 ASP A N    1 
ATOM   1030 C  CA   . ASP A 1 66 ? -13.95888 0.72203   5.72353   1.000 36.32171 ? 1721 ASP A CA   1 
ATOM   1031 C  C    . ASP A 1 66 ? -13.52432 2.12672   5.29845   1.000 32.36298 ? 1721 ASP A C    1 
ATOM   1032 O  O    . ASP A 1 66 ? -13.92661 3.10384   5.94386   1.000 36.19525 ? 1721 ASP A O    1 
ATOM   1033 C  CB   . ASP A 1 66 ? -13.55552 0.46586   7.18492   1.000 27.27799 ? 1721 ASP A CB   1 
ATOM   1034 C  CG   . ASP A 1 66 ? -12.08852 0.73297   7.46072   1.000 26.13460 ? 1721 ASP A CG   1 
ATOM   1035 O  OD1  . ASP A 1 66 ? -11.30858 0.95315   6.51276   1.000 28.79117 ? 1721 ASP A OD1  1 
ATOM   1036 O  OD2  . ASP A 1 66 ? -11.70937 0.71410   8.64394   1.000 34.97387 ? 1721 ASP A OD2  1 
ATOM   1037 H  H    . ASP A 1 66 ? -12.75769 -0.75588  5.17480   1.000 34.38106 ? 1721 ASP A H    1 
ATOM   1038 H  HA   . ASP A 1 66 ? -14.92755 0.69543   5.68010   1.000 43.64567 ? 1721 ASP A HA   1 
ATOM   1039 H  HB2  . ASP A 1 66 ? -14.07674 1.04711   7.76059   1.000 32.79321 ? 1721 ASP A HB2  1 
ATOM   1040 H  HB3  . ASP A 1 66 ? -13.73434 -0.46259  7.40145   1.000 32.79321 ? 1721 ASP A HB3  1 
ATOM   1041 N  N    . GLY A 1 67 ? -12.73190 2.25683   4.23533   1.000 25.51269 ? 1722 GLY A N    1 
ATOM   1042 C  CA   . GLY A 1 67 ? -12.39027 3.56753   3.71670   1.000 24.52057 ? 1722 GLY A CA   1 
ATOM   1043 C  C    . GLY A 1 67 ? -11.39488 4.33470   4.54698   1.000 28.44733 ? 1722 GLY A C    1 
ATOM   1044 O  O    . GLY A 1 67 ? -11.24872 5.54603   4.35773   1.000 32.26041 ? 1722 GLY A O    1 
ATOM   1045 H  H    . GLY A 1 67 ? -12.38300 1.60134   3.80151   1.000 30.67485 ? 1722 GLY A H    1 
ATOM   1046 H  HA2  . GLY A 1 67 ? -12.01617 3.46254   2.82792   1.000 29.48430 ? 1722 GLY A HA2  1 
ATOM   1047 H  HA3  . GLY A 1 67 ? -13.19935 4.09937   3.65797   1.000 29.48430 ? 1722 GLY A HA3  1 
ATOM   1048 N  N    . SER A 1 68 ? -10.68910 3.66068   5.45938   1.000 21.95432 ? 1723 SER A N    1 
ATOM   1049 C  CA   . SER A 1 68 ? -9.79423  4.35544   6.38055   1.000 19.63751 ? 1723 SER A CA   1 
ATOM   1050 C  C    . SER A 1 68 ? -8.53682  4.87635   5.69869   1.000 19.92903 ? 1723 SER A C    1 
ATOM   1051 O  O    . SER A 1 68 ? -7.87004  5.75840   6.24851   1.000 23.06385 ? 1723 SER A O    1 
ATOM   1052 C  CB   . SER A 1 68 ? -9.40757  3.43151   7.52904   1.000 26.37773 ? 1723 SER A CB   1 
ATOM   1053 O  OG   . SER A 1 68 ? -9.05424  2.15858   7.03337   1.000 28.15250 ? 1723 SER A OG   1 
ATOM   1054 H  H    . SER A 1 68 ? -10.71175 2.80727   5.56319   1.000 26.40480 ? 1723 SER A H    1 
ATOM   1055 H  HA   . SER A 1 68 ? -10.26827 5.11767   6.74823   1.000 23.62463 ? 1723 SER A HA   1 
ATOM   1056 H  HB2  . SER A 1 68 ? -8.64981  3.81070   8.00119   1.000 31.71289 ? 1723 SER A HB2  1 
ATOM   1057 H  HB3  . SER A 1 68 ? -10.16206 3.34011   8.13175   1.000 31.71289 ? 1723 SER A HB3  1 
ATOM   1058 H  HG   . SER A 1 68 ? -9.73001  1.77832   6.71037   1.000 33.84262 ? 1723 SER A HG   1 
ATOM   1059 N  N    . CYS A 1 69 ? -8.17465  4.35821   4.53268   1.000 21.28766 ? 1724 CYS A N    1 
ATOM   1060 C  CA   . CYS A 1 69 ? -7.04221  4.92073   3.81549   1.000 12.53226 ? 1724 CYS A CA   1 
ATOM   1061 C  C    . CYS A 1 69 ? -7.23386  6.40592   3.58398   1.000 11.28112 ? 1724 CYS A C    1 
ATOM   1062 O  O    . CYS A 1 69 ? -8.32836  6.86746   3.21699   1.000 14.45463 ? 1724 CYS A O    1 
ATOM   1063 C  CB   . CYS A 1 69 ? -6.84708  4.16510   2.50150   1.000 19.05995 ? 1724 CYS A CB   1 
ATOM   1064 S  SG   . CYS A 1 69 ? -5.62113  4.81839   1.39416   1.000 10.97587 ? 1724 CYS A SG   1 
ATOM   1065 H  H    . CYS A 1 69 ? -8.56022  3.69500   4.14397   1.000 25.60481 ? 1724 CYS A H    1 
ATOM   1066 H  HA   . CYS A 1 69 ? -6.23119  4.82026   4.33803   1.000 15.09833 ? 1724 CYS A HA   1 
ATOM   1067 H  HB2  . CYS A 1 69 ? -6.58549  3.25515   2.71237   1.000 22.93156 ? 1724 CYS A HB2  1 
ATOM   1068 H  HB3  . CYS A 1 69 ? -7.69176  4.16542   2.02462   1.000 22.93156 ? 1724 CYS A HB3  1 
ATOM   1069 N  N    . LEU A 1 70 ? -6.15449  7.16367   3.81114   1.000 10.97322 ? 1725 LEU A N    1 
ATOM   1070 C  CA   . LEU A 1 70 ? -6.15316  8.61104   3.71338   1.000 18.44095 ? 1725 LEU A CA   1 
ATOM   1071 C  C    . LEU A 1 70 ? -5.68304  9.08855   2.35428   1.000 18.20634 ? 1725 LEU A C    1 
ATOM   1072 O  O    . LEU A 1 70 ? -5.58800  10.28987  2.13285   1.000 13.25684 ? 1725 LEU A O    1 
ATOM   1073 C  CB   . LEU A 1 70 ? -5.25947  9.21588   4.79369   1.000 13.33611 ? 1725 LEU A CB   1 
ATOM   1074 C  CG   . LEU A 1 70 ? -5.76870  9.11397   6.23618   1.000 14.38616 ? 1725 LEU A CG   1 
ATOM   1075 C  CD1  . LEU A 1 70 ? -4.69328  9.54764   7.22067   1.000 19.04324 ? 1725 LEU A CD1  1 
ATOM   1076 C  CD2  . LEU A 1 70 ? -7.00267  9.95297   6.42181   1.000 17.89855 ? 1725 LEU A CD2  1 
ATOM   1077 H  H    . LEU A 1 70 ? -5.38760  6.84240   4.03081   1.000 13.22748 ? 1725 LEU A H    1 
ATOM   1078 H  HA   . LEU A 1 70 ? -7.05551  8.93442   3.86206   1.000 22.18875 ? 1725 LEU A HA   1 
ATOM   1079 H  HB2  . LEU A 1 70 ? -4.40135  8.76478   4.76144   1.000 16.06295 ? 1725 LEU A HB2  1 
ATOM   1080 H  HB3  . LEU A 1 70 ? -5.14613  10.15894  4.59701   1.000 16.06295 ? 1725 LEU A HB3  1 
ATOM   1081 H  HG   . LEU A 1 70 ? -5.99432  8.18847   6.41901   1.000 17.32301 ? 1725 LEU A HG   1 
ATOM   1082 H  HD11 . LEU A 1 70 ? -5.05354  9.50635   8.12034   1.000 22.91151 ? 1725 LEU A HD11 1 
ATOM   1083 H  HD12 . LEU A 1 70 ? -3.93296  8.95057   7.14108   1.000 22.91151 ? 1725 LEU A HD12 1 
ATOM   1084 H  HD13 . LEU A 1 70 ? -4.42352  10.45611  7.01375   1.000 22.91151 ? 1725 LEU A HD13 1 
ATOM   1085 H  HD21 . LEU A 1 70 ? -7.17499  10.05555  7.37085   1.000 21.53788 ? 1725 LEU A HD21 1 
ATOM   1086 H  HD22 . LEU A 1 70 ? -6.85763  10.82204  6.01613   1.000 21.53788 ? 1725 LEU A HD22 1 
ATOM   1087 H  HD23 . LEU A 1 70 ? -7.75287  9.50993   5.99541   1.000 21.53788 ? 1725 LEU A HD23 1 
ATOM   1088 N  N    . ALA A 1 71 ? -5.36633  8.17069   1.45280   1.000 15.90983 ? 1726 ALA A N    1 
ATOM   1089 C  CA   . ALA A 1 71 ? -4.82114  8.52501   0.15147   1.000 19.25075 ? 1726 ALA A CA   1 
ATOM   1090 C  C    . ALA A 1 71 ? -5.72659  8.06733   -0.98590  1.000 16.98622 ? 1726 ALA A C    1 
ATOM   1091 O  O    . ALA A 1 71 ? -5.24690  7.79264   -2.08536  1.000 22.50159 ? 1726 ALA A O    1 
ATOM   1092 C  CB   . ALA A 1 71 ? -3.41891  7.93643   -0.00189  1.000 21.17511 ? 1726 ALA A CB   1 
ATOM   1093 H  H    . ALA A 1 71 ? -5.45954  7.32433   1.57357   1.000 19.15142 ? 1726 ALA A H    1 
ATOM   1094 H  HA   . ALA A 1 71 ? -4.75788  9.49104   0.09082   1.000 23.16052 ? 1726 ALA A HA   1 
ATOM   1095 H  HB1  . ALA A 1 71 ? -3.15252  7.99355   -0.93284  1.000 25.46975 ? 1726 ALA A HB1  1 
ATOM   1096 H  HB2  . ALA A 1 71 ? -2.80210  8.44193   0.55029   1.000 25.46975 ? 1726 ALA A HB2  1 
ATOM   1097 H  HB3  . ALA A 1 71 ? -3.43296  7.00895   0.28183   1.000 25.46975 ? 1726 ALA A HB3  1 
ATOM   1098 N  N    . LEU A 1 72 ? -7.03596  8.00517   -0.73907  1.000 17.33277 ? 1727 LEU A N    1 
ATOM   1099 C  CA   . LEU A 1 72 ? -8.02900  7.59704   -1.74262  1.000 24.52308 ? 1727 LEU A CA   1 
ATOM   1100 C  C    . LEU A 1 72 ? -7.63802  6.27775   -2.39675  1.000 30.59252 ? 1727 LEU A C    1 
ATOM   1101 O  O    . LEU A 1 72 ? -7.89067  5.19907   -1.85087  1.000 39.52123 ? 1727 LEU A O    1 
ATOM   1102 C  CB   . LEU A 1 72 ? -8.21456  8.67019   -2.82575  1.000 39.14789 ? 1727 LEU A CB   1 
ATOM   1103 C  CG   . LEU A 1 72 ? -9.43584  8.50657   -3.75115  1.000 31.29927 ? 1727 LEU A CG   1 
ATOM   1104 C  CD1  . LEU A 1 72 ? -9.91560  9.84924   -4.26681  1.000 37.24312 ? 1727 LEU A CD1  1 
ATOM   1105 C  CD2  . LEU A 1 72 ? -9.17425  7.57113   -4.93793  1.000 35.72184 ? 1727 LEU A CD2  1 
ATOM   1106 H  H    . LEU A 1 72 ? -7.38723  8.19901   0.02161   1.000 20.85894 ? 1727 LEU A H    1 
ATOM   1107 H  HA   . LEU A 1 72 ? -8.87992  7.48277   -1.29122  1.000 29.48731 ? 1727 LEU A HA   1 
HETATM 1108 ZN ZN   . ZN  B 2 .  ? -3.61947  4.24194   2.50797   0.000 12.76219 ? 1801 ZN  A ZN   1 
HETATM 1109 ZN ZN   . ZN  C 2 .  ? -1.97619  2.58867   -1.15499  0.000 10.67948 ? 1802 ZN  A ZN   1 
HETATM 1110 ZN ZN   . ZN  D 2 .  ? 0.52042   0.95116   9.68344   0.000 16.00424 ? 1803 ZN  A ZN   1 
HETATM 1111 O  O    . HOH E 3 .  ? 1.30408   -12.63859 8.34722   1.000 25.45273 ? 1901 HOH A O    1 
HETATM 1112 O  O    . HOH E 3 .  ? 2.74478   5.05780   -4.76802  1.000 37.49510 ? 1902 HOH A O    1 
HETATM 1113 O  O    . HOH E 3 .  ? -8.04152  1.61968   5.40652   1.000 32.69034 ? 1903 HOH A O    1 
HETATM 1114 O  O    . HOH E 3 .  ? 4.77122   13.68430  6.22399   1.000 34.56956 ? 1904 HOH A O    1 
HETATM 1115 O  O    . HOH E 3 .  ? -1.00076  9.05272   8.83226   1.000 37.25770 ? 1905 HOH A O    1 
HETATM 1116 O  O    . HOH E 3 .  ? 6.03748   -7.67661  12.29110  1.000 25.15420 ? 1906 HOH A O    1 
HETATM 1117 O  O    . HOH E 3 .  ? -4.07090  -8.25982  -13.08342 1.000 22.53616 ? 1907 HOH A O    1 
HETATM 1118 O  O    . HOH E 3 .  ? 4.43718   -1.42141  -13.10362 1.000 31.22605 ? 1908 HOH A O    1 
HETATM 1119 O  O    . HOH E 3 .  ? 0.45246   7.48126   -6.71941  1.000 19.37496 ? 1909 HOH A O    1 
HETATM 1120 O  O    . HOH E 3 .  ? -11.26313 1.08587   -1.05694  1.000 35.06553 ? 1910 HOH A O    1 
HETATM 1121 O  O    . HOH E 3 .  ? 9.18372   3.19052   10.64856  1.000 28.92227 ? 1911 HOH A O    1 
HETATM 1122 O  O    . HOH E 3 .  ? -9.94558  -5.56009  1.84356   1.000 30.03711 ? 1912 HOH A O    1 
HETATM 1123 O  O    . HOH E 3 .  ? 5.34203   0.99423   -10.36731 1.000 21.35302 ? 1913 HOH A O    1 
HETATM 1124 O  O    . HOH E 3 .  ? 3.66488   1.46700   -4.74450  1.000 12.66448 ? 1914 HOH A O    1 
HETATM 1125 O  O    . HOH E 3 .  ? 11.45247  -7.38879  2.33149   1.000 28.75029 ? 1915 HOH A O    1 
HETATM 1126 O  O    . HOH E 3 .  ? -4.55697  -8.50233  16.98793  1.000 55.74907 ? 1916 HOH A O    1 
HETATM 1127 O  O    . HOH E 3 .  ? 9.84029   1.40340   15.88781  1.000 39.57477 ? 1917 HOH A O    1 
HETATM 1128 O  O    . HOH E 3 .  ? 1.74151   -7.17504  -12.30095 1.000 27.92003 ? 1918 HOH A O    1 
HETATM 1129 O  O    . HOH E 3 .  ? -1.58258  12.12024  -2.51766  1.000 17.99363 ? 1919 HOH A O    1 
HETATM 1130 O  O    . HOH E 3 .  ? -5.42351  4.73731   6.61190   1.000 34.33211 ? 1920 HOH A O    1 
HETATM 1131 O  O    . HOH E 3 .  ? 13.14173  -7.18467  -1.13839  1.000 26.84539 ? 1921 HOH A O    1 
HETATM 1132 O  O    . HOH E 3 .  ? 9.84968   -6.08084  5.06038   1.000 18.06476 ? 1922 HOH A O    1 
HETATM 1133 O  O    . HOH E 3 .  ? -5.30560  11.09168  -11.85021 1.000 28.48642 ? 1923 HOH A O    1 
HETATM 1134 O  O    . HOH E 3 .  ? 0.18228   -2.74246  16.77443  1.000 32.74476 ? 1924 HOH A O    1 
HETATM 1135 O  O    . HOH E 3 .  ? -5.32772  10.98894  -9.12884  1.000 37.53352 ? 1925 HOH A O    1 
HETATM 1136 O  O    . HOH E 3 .  ? -10.64849 7.20342   1.80482   1.000 28.51652 ? 1926 HOH A O    1 
HETATM 1137 O  O    . HOH E 3 .  ? 11.06874  -2.03876  12.26921  1.000 42.32750 ? 1927 HOH A O    1 
HETATM 1138 O  O    . HOH E 3 .  ? -9.13190  7.35974   8.08671   1.000 30.15555 ? 1928 HOH A O    1 
HETATM 1139 O  O    . HOH E 3 .  ? 5.88307   9.85356   6.18376   1.000 28.88523 ? 1929 HOH A O    1 
HETATM 1140 O  O    . HOH E 3 .  ? -2.17968  -1.06600  -5.94012  1.000 12.73472 ? 1930 HOH A O    1 
HETATM 1141 O  O    . HOH E 3 .  ? 7.04145   5.84500   0.76725   1.000 24.94828 ? 1931 HOH A O    1 
HETATM 1142 O  O    . HOH E 3 .  ? 9.32189   -8.71714  -9.23428  1.000 44.79163 ? 1932 HOH A O    1 
HETATM 1143 O  O    . HOH E 3 .  ? 4.85199   7.52762   -4.49526  1.000 28.02240 ? 1933 HOH A O    1 
HETATM 1144 O  O    . HOH E 3 .  ? 6.52690   6.35261   6.55046   1.000 31.76841 ? 1934 HOH A O    1 
HETATM 1145 O  O    . HOH E 3 .  ? -9.48862  2.19552   2.62593   1.000 18.70767 ? 1935 HOH A O    1 
HETATM 1146 O  O    . HOH E 3 .  ? -9.40207  8.51151   0.71589   1.000 35.18024 ? 1936 HOH A O    1 
HETATM 1147 O  O    . HOH E 3 .  ? -6.85937  -6.63045  1.02466   1.000 27.05200 ? 1937 HOH A O    1 
HETATM 1148 O  O    . HOH E 3 .  ? 1.92521   11.01603  -4.05005  1.000 19.01442 ? 1938 HOH A O    1 
HETATM 1149 O  O    . HOH E 3 .  ? 12.37681  -6.32802  -5.29861  1.000 20.39663 ? 1939 HOH A O    1 
HETATM 1150 O  O    . HOH E 3 .  ? 10.35381  -2.86475  17.18637  1.000 32.27703 ? 1940 HOH A O    1 
HETATM 1151 O  O    . HOH E 3 .  ? 2.73074   -3.58733  -13.95318 1.000 28.54383 ? 1941 HOH A O    1 
HETATM 1152 O  O    . HOH E 3 .  ? 13.54752  -4.48210  3.77092   1.000 23.71613 ? 1942 HOH A O    1 
HETATM 1153 O  O    . HOH E 3 .  ? 5.64315   -5.10556  18.59131  1.000 27.65831 ? 1943 HOH A O    1 
HETATM 1154 O  O    . HOH E 3 .  ? -0.26091  -11.08202 6.65871   1.000 22.23332 ? 1944 HOH A O    1 
HETATM 1155 O  O    . HOH E 3 .  ? -2.04367  -9.05540  7.40886   1.000 22.97237 ? 1945 HOH A O    1 
HETATM 1156 O  O    . HOH E 3 .  ? 0.87115   7.45218   -11.26954 1.000 13.84812 ? 1946 HOH A O    1 
HETATM 1157 O  O    . HOH E 3 .  ? 5.72352   -10.37837 -8.69062  1.000 36.28819 ? 1947 HOH A O    1 
HETATM 1158 O  O    . HOH E 3 .  ? -0.16739  7.56682   10.90738  1.000 34.41080 ? 1948 HOH A O    1 
HETATM 1159 O  O    . HOH E 3 .  ? -2.31555  -3.65099  14.83507  1.000 32.92952 ? 1949 HOH A O    1 
HETATM 1160 O  O    . HOH E 3 .  ? 6.44154   1.55769   -7.57002  1.000 15.86377 ? 1950 HOH A O    1 
HETATM 1161 O  O    . HOH E 3 .  ? 3.33314   4.39107   -8.57202  1.000 24.88807 ? 1951 HOH A O    1 
HETATM 1162 O  O    . HOH E 3 .  ? -3.54662  -6.58506  9.56582   1.000 30.96410 ? 1952 HOH A O    1 
HETATM 1163 O  O    . HOH E 3 .  ? 11.52075  -0.77788  10.44819  1.000 20.58204 ? 1953 HOH A O    1 
HETATM 1164 O  O    . HOH E 3 .  ? 13.93455  -3.79461  -4.91446  1.000 19.05831 ? 1954 HOH A O    1 
HETATM 1165 O  O    . HOH E 3 .  ? 6.77733   -9.83200  6.40492   1.000 20.33364 ? 1955 HOH A O    1 
HETATM 1166 O  O    . HOH E 3 .  ? 8.89842   5.36015   -0.09271  1.000 29.76023 ? 1956 HOH A O    1 
HETATM 1167 O  O    . HOH E 3 .  ? -7.71687  4.53498   -12.51267 1.000 23.53546 ? 1957 HOH A O    1 
HETATM 1168 O  O    . HOH E 3 .  ? 2.47303   12.17702  5.23828   1.000 20.12375 ? 1958 HOH A O    1 
HETATM 1169 O  O    . HOH E 3 .  ? -10.57784 2.87858   -5.50236  1.000 31.94178 ? 1959 HOH A O    1 
HETATM 1170 O  O    . HOH E 3 .  ? 4.95919   -8.46340  -5.20469  1.000 16.29516 ? 1960 HOH A O    1 
HETATM 1171 O  O    . HOH E 3 .  ? 4.23930   3.40158   -6.53465  1.000 22.80483 ? 1961 HOH A O    1 
HETATM 1172 O  O    . HOH E 3 .  ? 0.11743   -10.42709 -12.25851 1.000 35.75801 ? 1962 HOH A O    1 
HETATM 1173 O  O    . HOH E 3 .  ? -1.63538  6.41769   12.95939  1.000 36.76379 ? 1963 HOH A O    1 
HETATM 1174 O  O    . HOH E 3 .  ? 3.10123   -13.73913 10.24437  1.000 34.72341 ? 1964 HOH A O    1 
HETATM 1175 O  O    . HOH E 3 .  ? -7.84545  -4.45241  2.58421   1.000 23.71033 ? 1965 HOH A O    1 
HETATM 1176 O  O    . HOH E 3 .  ? -6.07056  2.17333   7.41024   1.000 35.36206 ? 1966 HOH A O    1 
HETATM 1177 O  O    . HOH E 3 .  ? -10.47129 -8.03484  -9.64209  1.000 30.80166 ? 1967 HOH A O    1 
HETATM 1178 O  O    . HOH E 3 .  ? 10.17946  -3.29471  11.19998  1.000 28.11856 ? 1968 HOH A O    1 
HETATM 1179 O  O    . HOH E 3 .  ? -10.85430 -5.28336  -9.10426  1.000 26.46723 ? 1969 HOH A O    1 
HETATM 1180 O  O    . HOH E 3 .  ? 1.55364   17.84294  -4.04254  1.000 35.96447 ? 1970 HOH A O    1 
HETATM 1181 O  O    . HOH E 3 .  ? -4.43605  5.93250   8.41668   1.000 30.17352 ? 1971 HOH A O    1 
HETATM 1182 O  O    . HOH E 3 .  ? 5.09567   -11.37007 -4.58682  1.000 25.85643 ? 1972 HOH A O    1 
HETATM 1183 O  O    . HOH E 3 .  ? 3.16802   -7.51697  12.81940  1.000 28.34668 ? 1973 HOH A O    1 
HETATM 1184 O  O    . HOH E 3 .  ? -3.25053  3.19443   9.47480   1.000 38.25827 ? 1974 HOH A O    1 
HETATM 1185 O  O    . HOH E 3 .  ? 7.13821   8.11519   8.40732   1.000 30.67618 ? 1975 HOH A O    1 
HETATM 1186 O  O    . HOH E 3 .  ? -10.62221 8.92644   4.37557   1.000 29.07307 ? 1976 HOH A O    1 
HETATM 1187 O  O    . HOH E 3 .  ? 4.99252   8.94211   -1.55092  1.000 28.74962 ? 1977 HOH A O    1 
HETATM 1188 O  O    . HOH E 3 .  ? 0.52555   19.49176  -5.03644  1.000 37.67345 ? 1978 HOH A O    1 
HETATM 1189 O  O    . HOH E 3 .  ? 5.85232   -0.16913  -14.10567 1.000 33.91061 ? 1979 HOH A O    1 
HETATM 1190 O  O    . HOH E 3 .  ? 6.89567   -3.19336  18.94595  1.000 36.73682 ? 1980 HOH A O    1 
HETATM 1191 O  O    . HOH E 3 .  ? 0.95226   5.92267   -8.92001  1.000 16.78994 ? 1981 HOH A O    1 
HETATM 1192 O  O    . HOH E 3 .  ? 6.82952   12.18528  5.85646   1.000 31.72751 ? 1982 HOH A O    1 
HETATM 1193 O  O    . HOH E 3 .  ? 5.61350   -13.42505 1.61122   1.000 33.03653 ? 1983 HOH A O    1 
HETATM 1194 O  O    . HOH E 3 .  ? 0.61203   -4.48884  -15.11780 1.000 44.66928 ? 1984 HOH A O    1 
HETATM 1195 O  O    . HOH E 3 .  ? -0.11866  11.59355  9.26172   1.000 33.70199 ? 1985 HOH A O    1 
HETATM 1196 O  O    . HOH E 3 .  ? -4.61455  -12.08825 -11.71617 1.000 31.00402 ? 1986 HOH A O    1 
HETATM 1197 O  O    . HOH E 3 .  ? 3.52230   16.64449  -10.46585 1.000 43.30179 ? 1987 HOH A O    1 
HETATM 1198 O  O    . HOH E 3 .  ? 3.16627   15.94579  5.57653   1.000 39.03581 ? 1988 HOH A O    1 
HETATM 1199 O  O    . HOH E 3 .  ? 11.37913  4.69439   -7.83373  1.000 38.97464 ? 1989 HOH A O    1 
HETATM 1200 O  O    . HOH E 3 .  ? 2.99166   8.67201   -6.08196  1.000 31.39723 ? 1990 HOH A O    1 
HETATM 1201 O  O    . HOH E 3 .  ? 8.20717   -11.20944 4.19753   1.000 36.57525 ? 1991 HOH A O    1 
HETATM 1202 O  O    . HOH E 3 .  ? -8.20050  -4.22167  11.82934  1.000 41.03733 ? 1992 HOH A O    1 
HETATM 1203 O  O    . HOH E 3 .  ? -12.82743 9.26929   2.99807   1.000 31.16578 ? 1993 HOH A O    1 
HETATM 1204 O  O    . HOH E 3 .  ? 14.90372  -5.65297  -0.79923  1.000 19.49823 ? 1994 HOH A O    1 
HETATM 1205 O  O    . HOH E 3 .  ? -8.34573  7.05368   -12.15340 1.000 38.91693 ? 1995 HOH A O    1 
HETATM 1206 O  O    . HOH E 3 .  ? 5.57173   -13.08204 -2.35636  1.000 37.89978 ? 1996 HOH A O    1 
HETATM 1207 O  O    . HOH E 3 .  ? 3.78603   8.21330   -10.90861 1.000 24.78584 ? 1997 HOH A O    1 
HETATM 1208 O  O    . HOH E 3 .  ? 1.67790   -11.99909 -13.40618 1.000 31.25154 ? 1998 HOH A O    1 
HETATM 1209 O  O    . HOH E 3 .  ? -1.76714  -10.04518 -13.25121 1.000 30.36241 ? 1999 HOH A O    1 
HETATM 1210 O  O    . HOH E 3 .  ? 15.47889  -4.81418  1.98941   1.000 25.55102 ? 2000 HOH A O    1 
HETATM 1211 O  O    . HOH E 3 .  ? 3.17311   10.61821  -1.70755  1.000 26.45894 ? 2001 HOH A O    1 
HETATM 1212 O  O    . HOH E 3 .  ? 0.19740   -5.86498  -16.66415 1.000 36.93096 ? 2002 HOH A O    1 
# 
loop_
_pdbx_poly_seq_scheme.asym_id 
_pdbx_poly_seq_scheme.entity_id 
_pdbx_poly_seq_scheme.seq_id 
_pdbx_poly_seq_scheme.mon_id 
_pdbx_poly_seq_scheme.ndb_seq_num 
_pdbx_poly_seq_scheme.pdb_seq_num 
_pdbx_poly_seq_scheme.auth_seq_num 
_pdbx_poly_seq_scheme.pdb_mon_id 
_pdbx_poly_seq_scheme.auth_mon_id 
_pdbx_poly_seq_scheme.pdb_strand_id 
_pdbx_poly_seq_scheme.pdb_ins_code 
_pdbx_poly_seq_scheme.hetero 
A 1 1  TYR 1  1656 1656 TYR TYR A . n 
A 1 2  ILE 2  1657 1657 ILE ILE A . n 
A 1 3  PHE 3  1658 1658 PHE PHE A . n 
A 1 4  SER 4  1659 1659 SER SER A . n 
A 1 5  LYS 5  1660 1660 LYS LYS A . n 
A 1 6  LEU 6  1661 1661 LEU LEU A . n 
A 1 7  CYS 7  1662 1662 CYS CYS A . n 
A 1 8  THR 8  1663 1663 THR THR A . n 
A 1 9  PHE 9  1664 1664 PHE PHE A . n 
A 1 10 THR 10 1665 1665 THR THR A . n 
A 1 11 ILE 11 1666 1666 ILE ILE A . n 
A 1 12 THR 12 1667 1667 THR THR A . n 
A 1 13 GLN 13 1668 1668 GLN GLN A . n 
A 1 14 LYS 14 1669 1669 LYS LYS A . n 
A 1 15 GLU 15 1670 1670 GLU GLU A . n 
A 1 16 PHE 16 1671 1671 PHE PHE A . n 
A 1 17 MET 17 1672 1672 MET MET A . n 
A 1 18 ASN 18 1673 1673 ASN ASN A . n 
A 1 19 GLN 19 1674 1674 GLN GLN A . n 
A 1 20 HIS 20 1675 1675 HIS HIS A . n 
A 1 21 TRP 21 1676 1676 TRP TRP A . n 
A 1 22 TYR 22 1677 1677 TYR TYR A . n 
A 1 23 HIS 23 1678 1678 HIS HIS A . n 
A 1 24 CYS 24 1679 1679 CYS CYS A . n 
A 1 25 HIS 25 1680 1680 HIS HIS A . n 
A 1 26 THR 26 1681 1681 THR THR A . n 
A 1 27 CYS 27 1682 1682 CYS CYS A . n 
A 1 28 LYS 28 1683 1683 LYS LYS A . n 
A 1 29 MET 29 1684 1684 MET MET A . n 
A 1 30 VAL 30 1685 1685 VAL VAL A . n 
A 1 31 ASP 31 1686 1686 ASP ASP A . n 
A 1 32 GLY 32 1687 1687 GLY GLY A . n 
A 1 33 VAL 33 1688 1688 VAL VAL A . n 
A 1 34 GLY 34 1689 1689 GLY GLY A . n 
A 1 35 VAL 35 1690 1690 VAL VAL A . n 
A 1 36 CYS 36 1691 1691 CYS CYS A . n 
A 1 37 THR 37 1692 1692 THR THR A . n 
A 1 38 VAL 38 1693 1693 VAL VAL A . n 
A 1 39 CYS 39 1694 1694 CYS CYS A . n 
A 1 40 ALA 40 1695 1695 ALA ALA A . n 
A 1 41 LYS 41 1696 1696 LYS LYS A . n 
A 1 42 VAL 42 1697 1697 VAL VAL A . n 
A 1 43 CYS 43 1698 1698 CYS CYS A . n 
A 1 44 HIS 44 1699 1699 HIS HIS A . n 
A 1 45 LYS 45 1700 1700 LYS LYS A . n 
A 1 46 ASP 46 1701 1701 ASP ASP A . n 
A 1 47 HIS 47 1702 1702 HIS HIS A . n 
A 1 48 GLU 48 1703 1703 GLU GLU A . n 
A 1 49 ILE 49 1704 1704 ILE ILE A . n 
A 1 50 SER 50 1705 1705 SER SER A . n 
A 1 51 TYR 51 1706 1706 TYR TYR A . n 
A 1 52 ALA 52 1707 1707 ALA ALA A . n 
A 1 53 LYS 53 1708 1708 LYS LYS A . n 
A 1 54 TYR 54 1709 1709 TYR TYR A . n 
A 1 55 GLY 55 1710 1710 GLY GLY A . n 
A 1 56 SER 56 1711 1711 SER SER A . n 
A 1 57 PHE 57 1712 1712 PHE PHE A . n 
A 1 58 PHE 58 1713 1713 PHE PHE A . n 
A 1 59 CYS 59 1714 1714 CYS CYS A . n 
A 1 60 ASP 60 1715 1715 ASP ASP A . n 
A 1 61 CYS 61 1716 1716 CYS CYS A . n 
A 1 62 GLY 62 1717 1717 GLY GLY A . n 
A 1 63 ALA 63 1718 1718 ALA ALA A . n 
A 1 64 LYS 64 1719 1719 LYS LYS A . n 
A 1 65 GLU 65 1720 1720 GLU GLU A . n 
A 1 66 ASP 66 1721 1721 ASP ASP A . n 
A 1 67 GLY 67 1722 1722 GLY GLY A . n 
A 1 68 SER 68 1723 1723 SER SER A . n 
A 1 69 CYS 69 1724 1724 CYS CYS A . n 
A 1 70 LEU 70 1725 1725 LEU LEU A . n 
A 1 71 ALA 71 1726 1726 ALA ALA A . n 
A 1 72 LEU 72 1727 1727 LEU LEU A . n 
A 1 73 VAL 73 1728 ?    ?   ?   A . n 
A 1 74 LYS 74 1729 ?    ?   ?   A . n 
# 
_pdbx_contact_author.id                 3 
_pdbx_contact_author.email              shinhc81@kribb.re.kr 
_pdbx_contact_author.name_first         Ho-Chul 
_pdbx_contact_author.name_last          Shin 
_pdbx_contact_author.name_mi            ? 
_pdbx_contact_author.role               'principal investigator/group leader' 
_pdbx_contact_author.identifier_ORCID   0000-0001-7878-0367 
# 
loop_
_pdbx_nonpoly_scheme.asym_id 
_pdbx_nonpoly_scheme.entity_id 
_pdbx_nonpoly_scheme.mon_id 
_pdbx_nonpoly_scheme.ndb_seq_num 
_pdbx_nonpoly_scheme.pdb_seq_num 
_pdbx_nonpoly_scheme.auth_seq_num 
_pdbx_nonpoly_scheme.pdb_mon_id 
_pdbx_nonpoly_scheme.auth_mon_id 
_pdbx_nonpoly_scheme.pdb_strand_id 
_pdbx_nonpoly_scheme.pdb_ins_code 
B 2 ZN  1   1801 1   ZN  ZN  A . 
C 2 ZN  1   1802 2   ZN  ZN  A . 
D 2 ZN  1   1803 3   ZN  ZN  A . 
E 3 HOH 1   1901 76  HOH HOH A . 
E 3 HOH 2   1902 90  HOH HOH A . 
E 3 HOH 3   1903 98  HOH HOH A . 
E 3 HOH 4   1904 56  HOH HOH A . 
E 3 HOH 5   1905 73  HOH HOH A . 
E 3 HOH 6   1906 14  HOH HOH A . 
E 3 HOH 7   1907 21  HOH HOH A . 
E 3 HOH 8   1908 95  HOH HOH A . 
E 3 HOH 9   1909 23  HOH HOH A . 
E 3 HOH 10  1910 72  HOH HOH A . 
E 3 HOH 11  1911 24  HOH HOH A . 
E 3 HOH 12  1912 34  HOH HOH A . 
E 3 HOH 13  1913 79  HOH HOH A . 
E 3 HOH 14  1914 1   HOH HOH A . 
E 3 HOH 15  1915 61  HOH HOH A . 
E 3 HOH 16  1916 58  HOH HOH A . 
E 3 HOH 17  1917 83  HOH HOH A . 
E 3 HOH 18  1918 46  HOH HOH A . 
E 3 HOH 19  1919 11  HOH HOH A . 
E 3 HOH 20  1920 64  HOH HOH A . 
E 3 HOH 21  1921 42  HOH HOH A . 
E 3 HOH 22  1922 4   HOH HOH A . 
E 3 HOH 23  1923 39  HOH HOH A . 
E 3 HOH 24  1924 45  HOH HOH A . 
E 3 HOH 25  1925 74  HOH HOH A . 
E 3 HOH 26  1926 30  HOH HOH A . 
E 3 HOH 27  1927 102 HOH HOH A . 
E 3 HOH 28  1928 81  HOH HOH A . 
E 3 HOH 29  1929 25  HOH HOH A . 
E 3 HOH 30  1930 22  HOH HOH A . 
E 3 HOH 31  1931 26  HOH HOH A . 
E 3 HOH 32  1932 55  HOH HOH A . 
E 3 HOH 33  1933 35  HOH HOH A . 
E 3 HOH 34  1934 36  HOH HOH A . 
E 3 HOH 35  1935 19  HOH HOH A . 
E 3 HOH 36  1936 93  HOH HOH A . 
E 3 HOH 37  1937 31  HOH HOH A . 
E 3 HOH 38  1938 15  HOH HOH A . 
E 3 HOH 39  1939 9   HOH HOH A . 
E 3 HOH 40  1940 47  HOH HOH A . 
E 3 HOH 41  1941 27  HOH HOH A . 
E 3 HOH 42  1942 17  HOH HOH A . 
E 3 HOH 43  1943 66  HOH HOH A . 
E 3 HOH 44  1944 18  HOH HOH A . 
E 3 HOH 45  1945 20  HOH HOH A . 
E 3 HOH 46  1946 2   HOH HOH A . 
E 3 HOH 47  1947 101 HOH HOH A . 
E 3 HOH 48  1948 44  HOH HOH A . 
E 3 HOH 49  1949 85  HOH HOH A . 
E 3 HOH 50  1950 3   HOH HOH A . 
E 3 HOH 51  1951 29  HOH HOH A . 
E 3 HOH 52  1952 63  HOH HOH A . 
E 3 HOH 53  1953 12  HOH HOH A . 
E 3 HOH 54  1954 13  HOH HOH A . 
E 3 HOH 55  1955 8   HOH HOH A . 
E 3 HOH 56  1956 41  HOH HOH A . 
E 3 HOH 57  1957 40  HOH HOH A . 
E 3 HOH 58  1958 10  HOH HOH A . 
E 3 HOH 59  1959 69  HOH HOH A . 
E 3 HOH 60  1960 5   HOH HOH A . 
E 3 HOH 61  1961 6   HOH HOH A . 
E 3 HOH 62  1962 43  HOH HOH A . 
E 3 HOH 63  1963 71  HOH HOH A . 
E 3 HOH 64  1964 52  HOH HOH A . 
E 3 HOH 65  1965 37  HOH HOH A . 
E 3 HOH 66  1966 87  HOH HOH A . 
E 3 HOH 67  1967 78  HOH HOH A . 
E 3 HOH 68  1968 89  HOH HOH A . 
E 3 HOH 69  1969 48  HOH HOH A . 
E 3 HOH 70  1970 94  HOH HOH A . 
E 3 HOH 71  1971 77  HOH HOH A . 
E 3 HOH 72  1972 70  HOH HOH A . 
E 3 HOH 73  1973 38  HOH HOH A . 
E 3 HOH 74  1974 86  HOH HOH A . 
E 3 HOH 75  1975 49  HOH HOH A . 
E 3 HOH 76  1976 57  HOH HOH A . 
E 3 HOH 77  1977 33  HOH HOH A . 
E 3 HOH 78  1978 97  HOH HOH A . 
E 3 HOH 79  1979 99  HOH HOH A . 
E 3 HOH 80  1980 67  HOH HOH A . 
E 3 HOH 81  1981 7   HOH HOH A . 
E 3 HOH 82  1982 100 HOH HOH A . 
E 3 HOH 83  1983 59  HOH HOH A . 
E 3 HOH 84  1984 92  HOH HOH A . 
E 3 HOH 85  1985 53  HOH HOH A . 
E 3 HOH 86  1986 65  HOH HOH A . 
E 3 HOH 87  1987 96  HOH HOH A . 
E 3 HOH 88  1988 91  HOH HOH A . 
E 3 HOH 89  1989 82  HOH HOH A . 
E 3 HOH 90  1990 68  HOH HOH A . 
E 3 HOH 91  1991 51  HOH HOH A . 
E 3 HOH 92  1992 88  HOH HOH A . 
E 3 HOH 93  1993 80  HOH HOH A . 
E 3 HOH 94  1994 16  HOH HOH A . 
E 3 HOH 95  1995 62  HOH HOH A . 
E 3 HOH 96  1996 60  HOH HOH A . 
E 3 HOH 97  1997 75  HOH HOH A . 
E 3 HOH 98  1998 50  HOH HOH A . 
E 3 HOH 99  1999 54  HOH HOH A . 
E 3 HOH 100 2000 28  HOH HOH A . 
E 3 HOH 101 2001 32  HOH HOH A . 
E 3 HOH 102 2002 84  HOH HOH A . 
# 
_pdbx_struct_assembly.id                   1 
_pdbx_struct_assembly.details              author_defined_assembly 
_pdbx_struct_assembly.method_details       ? 
_pdbx_struct_assembly.oligomeric_details   monomeric 
_pdbx_struct_assembly.oligomeric_count     1 
# 
_pdbx_struct_assembly_gen.assembly_id       1 
_pdbx_struct_assembly_gen.oper_expression   1 
_pdbx_struct_assembly_gen.asym_id_list      A,B,C,D,E 
# 
_pdbx_struct_oper_list.id                   1 
_pdbx_struct_oper_list.type                 'identity operation' 
_pdbx_struct_oper_list.name                 1_555 
_pdbx_struct_oper_list.symmetry_operation   x,y,z 
_pdbx_struct_oper_list.matrix[1][1]         1.0000000000 
_pdbx_struct_oper_list.matrix[1][2]         0.0000000000 
_pdbx_struct_oper_list.matrix[1][3]         0.0000000000 
_pdbx_struct_oper_list.vector[1]            0.0000000000 
_pdbx_struct_oper_list.matrix[2][1]         0.0000000000 
_pdbx_struct_oper_list.matrix[2][2]         1.0000000000 
_pdbx_struct_oper_list.matrix[2][3]         0.0000000000 
_pdbx_struct_oper_list.vector[2]            0.0000000000 
_pdbx_struct_oper_list.matrix[3][1]         0.0000000000 
_pdbx_struct_oper_list.matrix[3][2]         0.0000000000 
_pdbx_struct_oper_list.matrix[3][3]         1.0000000000 
_pdbx_struct_oper_list.vector[3]            0.0000000000 
# 
loop_
_pdbx_struct_conn_angle.id 
_pdbx_struct_conn_angle.ptnr1_label_atom_id 
_pdbx_struct_conn_angle.ptnr1_label_alt_id 
_pdbx_struct_conn_angle.ptnr1_label_asym_id 
_pdbx_struct_conn_angle.ptnr1_label_comp_id 
_pdbx_struct_conn_angle.ptnr1_label_seq_id 
_pdbx_struct_conn_angle.ptnr1_auth_atom_id 
_pdbx_struct_conn_angle.ptnr1_auth_asym_id 
_pdbx_struct_conn_angle.ptnr1_auth_comp_id 
_pdbx_struct_conn_angle.ptnr1_auth_seq_id 
_pdbx_struct_conn_angle.ptnr1_PDB_ins_code 
_pdbx_struct_conn_angle.ptnr1_symmetry 
_pdbx_struct_conn_angle.ptnr2_label_atom_id 
_pdbx_struct_conn_angle.ptnr2_label_alt_id 
_pdbx_struct_conn_angle.ptnr2_label_asym_id 
_pdbx_struct_conn_angle.ptnr2_label_comp_id 
_pdbx_struct_conn_angle.ptnr2_label_seq_id 
_pdbx_struct_conn_angle.ptnr2_auth_atom_id 
_pdbx_struct_conn_angle.ptnr2_auth_asym_id 
_pdbx_struct_conn_angle.ptnr2_auth_comp_id 
_pdbx_struct_conn_angle.ptnr2_auth_seq_id 
_pdbx_struct_conn_angle.ptnr2_PDB_ins_code 
_pdbx_struct_conn_angle.ptnr2_symmetry 
_pdbx_struct_conn_angle.ptnr3_label_atom_id 
_pdbx_struct_conn_angle.ptnr3_label_alt_id 
_pdbx_struct_conn_angle.ptnr3_label_asym_id 
_pdbx_struct_conn_angle.ptnr3_label_comp_id 
_pdbx_struct_conn_angle.ptnr3_label_seq_id 
_pdbx_struct_conn_angle.ptnr3_auth_atom_id 
_pdbx_struct_conn_angle.ptnr3_auth_asym_id 
_pdbx_struct_conn_angle.ptnr3_auth_comp_id 
_pdbx_struct_conn_angle.ptnr3_auth_seq_id 
_pdbx_struct_conn_angle.ptnr3_PDB_ins_code 
_pdbx_struct_conn_angle.ptnr3_symmetry 
_pdbx_struct_conn_angle.value 
_pdbx_struct_conn_angle.value_esd 
1  SG  ? A CYS 7  ? A CYS 1662 ? 1_555 ZN ? C ZN . ? A ZN 1802 ? 1_555 SG  ? A CYS 36 ? A CYS 1691 ? 1_555 117.9 ? 
2  SG  ? A CYS 7  ? A CYS 1662 ? 1_555 ZN ? C ZN . ? A ZN 1802 ? 1_555 SG  ? A CYS 39 ? A CYS 1694 ? 1_555 103.2 ? 
3  SG  ? A CYS 36 ? A CYS 1691 ? 1_555 ZN ? C ZN . ? A ZN 1802 ? 1_555 SG  ? A CYS 39 ? A CYS 1694 ? 1_555 104.0 ? 
4  SG  ? A CYS 7  ? A CYS 1662 ? 1_555 ZN ? C ZN . ? A ZN 1802 ? 1_555 SG  ? A CYS 59 ? A CYS 1714 ? 1_555 106.6 ? 
5  SG  ? A CYS 36 ? A CYS 1691 ? 1_555 ZN ? C ZN . ? A ZN 1802 ? 1_555 SG  ? A CYS 59 ? A CYS 1714 ? 1_555 113.6 ? 
6  SG  ? A CYS 39 ? A CYS 1694 ? 1_555 ZN ? C ZN . ? A ZN 1802 ? 1_555 SG  ? A CYS 59 ? A CYS 1714 ? 1_555 111.0 ? 
7  SG  ? A CYS 24 ? A CYS 1679 ? 1_555 ZN ? D ZN . ? A ZN 1803 ? 1_555 SG  ? A CYS 27 ? A CYS 1682 ? 1_555 115.9 ? 
8  SG  ? A CYS 24 ? A CYS 1679 ? 1_555 ZN ? D ZN . ? A ZN 1803 ? 1_555 ND1 ? A HIS 44 ? A HIS 1699 ? 1_555 113.3 ? 
9  SG  ? A CYS 27 ? A CYS 1682 ? 1_555 ZN ? D ZN . ? A ZN 1803 ? 1_555 ND1 ? A HIS 44 ? A HIS 1699 ? 1_555 110.5 ? 
10 SG  ? A CYS 24 ? A CYS 1679 ? 1_555 ZN ? D ZN . ? A ZN 1803 ? 1_555 ND1 ? A HIS 47 ? A HIS 1702 ? 1_555 108.0 ? 
11 SG  ? A CYS 27 ? A CYS 1682 ? 1_555 ZN ? D ZN . ? A ZN 1803 ? 1_555 ND1 ? A HIS 47 ? A HIS 1702 ? 1_555 108.0 ? 
12 ND1 ? A HIS 44 ? A HIS 1699 ? 1_555 ZN ? D ZN . ? A ZN 1803 ? 1_555 ND1 ? A HIS 47 ? A HIS 1702 ? 1_555 99.7  ? 
13 SG  ? A CYS 39 ? A CYS 1694 ? 1_555 ZN ? B ZN . ? A ZN 1801 ? 1_555 SG  ? A CYS 43 ? A CYS 1698 ? 1_555 111.6 ? 
14 SG  ? A CYS 39 ? A CYS 1694 ? 1_555 ZN ? B ZN . ? A ZN 1801 ? 1_555 SG  ? A CYS 61 ? A CYS 1716 ? 1_555 110.7 ? 
15 SG  ? A CYS 43 ? A CYS 1698 ? 1_555 ZN ? B ZN . ? A ZN 1801 ? 1_555 SG  ? A CYS 61 ? A CYS 1716 ? 1_555 108.7 ? 
16 SG  ? A CYS 39 ? A CYS 1694 ? 1_555 ZN ? B ZN . ? A ZN 1801 ? 1_555 SG  ? A CYS 69 ? A CYS 1724 ? 1_555 102.5 ? 
17 SG  ? A CYS 43 ? A CYS 1698 ? 1_555 ZN ? B ZN . ? A ZN 1801 ? 1_555 SG  ? A CYS 69 ? A CYS 1724 ? 1_555 105.3 ? 
18 SG  ? A CYS 61 ? A CYS 1716 ? 1_555 ZN ? B ZN . ? A ZN 1801 ? 1_555 SG  ? A CYS 69 ? A CYS 1724 ? 1_555 117.8 ? 
# 
loop_
_pdbx_audit_revision_history.ordinal 
_pdbx_audit_revision_history.data_content_type 
_pdbx_audit_revision_history.major_revision 
_pdbx_audit_revision_history.minor_revision 
_pdbx_audit_revision_history.revision_date 
1 'Structure model' 1 0 2023-12-06 
2 'Structure model' 1 1 2023-12-13 
# 
_pdbx_audit_revision_details.ordinal             1 
_pdbx_audit_revision_details.revision_ordinal    1 
_pdbx_audit_revision_details.data_content_type   'Structure model' 
_pdbx_audit_revision_details.provider            repository 
_pdbx_audit_revision_details.type                'Initial release' 
_pdbx_audit_revision_details.description         ? 
_pdbx_audit_revision_details.details             ? 
# 
_pdbx_audit_revision_group.ordinal             1 
_pdbx_audit_revision_group.revision_ordinal    2 
_pdbx_audit_revision_group.data_content_type   'Structure model' 
_pdbx_audit_revision_group.group               'Database references' 
# 
loop_
_pdbx_audit_revision_category.ordinal 
_pdbx_audit_revision_category.revision_ordinal 
_pdbx_audit_revision_category.data_content_type 
_pdbx_audit_revision_category.category 
1 2 'Structure model' citation        
2 2 'Structure model' citation_author 
# 
loop_
_pdbx_audit_revision_item.ordinal 
_pdbx_audit_revision_item.revision_ordinal 
_pdbx_audit_revision_item.data_content_type 
_pdbx_audit_revision_item.item 
1  2 'Structure model' '_citation.country'                 
2  2 'Structure model' '_citation.journal_abbrev'          
3  2 'Structure model' '_citation.journal_id_CSD'          
4  2 'Structure model' '_citation.journal_id_ISSN'         
5  2 'Structure model' '_citation.journal_volume'          
6  2 'Structure model' '_citation.page_first'              
7  2 'Structure model' '_citation.page_last'               
8  2 'Structure model' '_citation.pdbx_database_id_PubMed' 
9  2 'Structure model' '_citation.title'                   
10 2 'Structure model' '_citation.year'                    
# 
loop_
_space_group_symop.id 
_space_group_symop.operation_xyz 
1 x,y,z           
2 x+1/2,-y+1/2,-z 
3 -x,y+1/2,-z+1/2 
4 -x+1/2,-y,z+1/2 
# 
loop_
_software.citation_id 
_software.classification 
_software.compiler_name 
_software.compiler_version 
_software.contact_author 
_software.contact_author_email 
_software.date 
_software.description 
_software.dependencies 
_software.hardware 
_software.language 
_software.location 
_software.mods 
_software.name 
_software.os 
_software.os_version 
_software.type 
_software.version 
_software.pdbx_ordinal 
? refinement       ? ? ? ? ? ? ? ? ? ? ? PHENIX ? ? ? 1.17.1_3660 1 
? 'data reduction' ? ? ? ? ? ? ? ? ? ? ? XDS    ? ? ? .           2 
? 'data scaling'   ? ? ? ? ? ? ? ? ? ? ? XDS    ? ? ? .           3 
? phasing          ? ? ? ? ? ? ? ? ? ? ? PHENIX ? ? ? .           4 
# 
_pdbx_entry_details.entry_id                 8J9R 
_pdbx_entry_details.has_ligand_of_interest   Y 
_pdbx_entry_details.compound_details         ? 
_pdbx_entry_details.source_details           ? 
_pdbx_entry_details.nonpolymer_details       ? 
_pdbx_entry_details.sequence_details         ? 
# 
loop_
_pdbx_validate_close_contact.id 
_pdbx_validate_close_contact.PDB_model_num 
_pdbx_validate_close_contact.auth_atom_id_1 
_pdbx_validate_close_contact.auth_asym_id_1 
_pdbx_validate_close_contact.auth_comp_id_1 
_pdbx_validate_close_contact.auth_seq_id_1 
_pdbx_validate_close_contact.PDB_ins_code_1 
_pdbx_validate_close_contact.label_alt_id_1 
_pdbx_validate_close_contact.auth_atom_id_2 
_pdbx_validate_close_contact.auth_asym_id_2 
_pdbx_validate_close_contact.auth_comp_id_2 
_pdbx_validate_close_contact.auth_seq_id_2 
_pdbx_validate_close_contact.PDB_ins_code_2 
_pdbx_validate_close_contact.label_alt_id_2 
_pdbx_validate_close_contact.dist 
1  1 O   A HOH 1927 ? ? O A HOH 1968 ? ? 1.87 
2  1 OD2 A ASP 1686 ? A O A HOH 1901 ? ? 1.88 
3  1 OG1 A THR 1692 ? B O A HOH 1902 ? ? 1.92 
4  1 OG  A SER 1723 ? ? O A HOH 1903 ? ? 1.99 
5  1 O   A HOH 1931 ? ? O A HOH 1956 ? ? 2.10 
6  1 O   A HOH 1926 ? ? O A HOH 1936 ? ? 2.11 
7  1 O   A HOH 1984 ? ? O A HOH 2002 ? ? 2.11 
8  1 O   A HOH 1908 ? ? O A HOH 1979 ? ? 2.14 
9  1 O   A HOH 1962 ? ? O A HOH 1999 ? ? 2.16 
10 1 O   A HOH 1970 ? ? O A HOH 1978 ? ? 2.18 
# 
loop_
_pdbx_validate_torsion.id 
_pdbx_validate_torsion.PDB_model_num 
_pdbx_validate_torsion.auth_comp_id 
_pdbx_validate_torsion.auth_asym_id 
_pdbx_validate_torsion.auth_seq_id 
_pdbx_validate_torsion.PDB_ins_code 
_pdbx_validate_torsion.label_alt_id 
_pdbx_validate_torsion.phi 
_pdbx_validate_torsion.psi 
1 1 GLN A 1668 ? ? 48.85   -143.71 
2 1 ASP A 1686 ? A 59.42   -118.39 
3 1 ASP A 1686 ? B 58.77   -116.91 
4 1 VAL A 1697 ? ? -100.73 -66.11  
5 1 ALA A 1707 ? ? -93.37  -75.58  
# 
loop_
_pdbx_unobs_or_zero_occ_residues.id 
_pdbx_unobs_or_zero_occ_residues.PDB_model_num 
_pdbx_unobs_or_zero_occ_residues.polymer_flag 
_pdbx_unobs_or_zero_occ_residues.occupancy_flag 
_pdbx_unobs_or_zero_occ_residues.auth_asym_id 
_pdbx_unobs_or_zero_occ_residues.auth_comp_id 
_pdbx_unobs_or_zero_occ_residues.auth_seq_id 
_pdbx_unobs_or_zero_occ_residues.PDB_ins_code 
_pdbx_unobs_or_zero_occ_residues.label_asym_id 
_pdbx_unobs_or_zero_occ_residues.label_comp_id 
_pdbx_unobs_or_zero_occ_residues.label_seq_id 
1 1 Y 1 A VAL 1728 ? A VAL 73 
2 1 Y 1 A LYS 1729 ? A LYS 74 
3 1 N 0 A ZN  1801 ? B ZN  ?  
4 1 N 0 A ZN  1802 ? C ZN  ?  
5 1 N 0 A ZN  1803 ? D ZN  ?  
# 
loop_
_chem_comp_atom.comp_id 
_chem_comp_atom.atom_id 
_chem_comp_atom.type_symbol 
_chem_comp_atom.pdbx_aromatic_flag 
_chem_comp_atom.pdbx_stereo_config 
_chem_comp_atom.pdbx_ordinal 
ALA N    N  N N 1   
ALA CA   C  N S 2   
ALA C    C  N N 3   
ALA O    O  N N 4   
ALA CB   C  N N 5   
ALA OXT  O  N N 6   
ALA H    H  N N 7   
ALA H2   H  N N 8   
ALA HA   H  N N 9   
ALA HB1  H  N N 10  
ALA HB2  H  N N 11  
ALA HB3  H  N N 12  
ALA HXT  H  N N 13  
ASN N    N  N N 14  
ASN CA   C  N S 15  
ASN C    C  N N 16  
ASN O    O  N N 17  
ASN CB   C  N N 18  
ASN CG   C  N N 19  
ASN OD1  O  N N 20  
ASN ND2  N  N N 21  
ASN OXT  O  N N 22  
ASN H    H  N N 23  
ASN H2   H  N N 24  
ASN HA   H  N N 25  
ASN HB2  H  N N 26  
ASN HB3  H  N N 27  
ASN HD21 H  N N 28  
ASN HD22 H  N N 29  
ASN HXT  H  N N 30  
ASP N    N  N N 31  
ASP CA   C  N S 32  
ASP C    C  N N 33  
ASP O    O  N N 34  
ASP CB   C  N N 35  
ASP CG   C  N N 36  
ASP OD1  O  N N 37  
ASP OD2  O  N N 38  
ASP OXT  O  N N 39  
ASP H    H  N N 40  
ASP H2   H  N N 41  
ASP HA   H  N N 42  
ASP HB2  H  N N 43  
ASP HB3  H  N N 44  
ASP HD2  H  N N 45  
ASP HXT  H  N N 46  
CYS N    N  N N 47  
CYS CA   C  N R 48  
CYS C    C  N N 49  
CYS O    O  N N 50  
CYS CB   C  N N 51  
CYS SG   S  N N 52  
CYS OXT  O  N N 53  
CYS H    H  N N 54  
CYS H2   H  N N 55  
CYS HA   H  N N 56  
CYS HB2  H  N N 57  
CYS HB3  H  N N 58  
CYS HG   H  N N 59  
CYS HXT  H  N N 60  
GLN N    N  N N 61  
GLN CA   C  N S 62  
GLN C    C  N N 63  
GLN O    O  N N 64  
GLN CB   C  N N 65  
GLN CG   C  N N 66  
GLN CD   C  N N 67  
GLN OE1  O  N N 68  
GLN NE2  N  N N 69  
GLN OXT  O  N N 70  
GLN H    H  N N 71  
GLN H2   H  N N 72  
GLN HA   H  N N 73  
GLN HB2  H  N N 74  
GLN HB3  H  N N 75  
GLN HG2  H  N N 76  
GLN HG3  H  N N 77  
GLN HE21 H  N N 78  
GLN HE22 H  N N 79  
GLN HXT  H  N N 80  
GLU N    N  N N 81  
GLU CA   C  N S 82  
GLU C    C  N N 83  
GLU O    O  N N 84  
GLU CB   C  N N 85  
GLU CG   C  N N 86  
GLU CD   C  N N 87  
GLU OE1  O  N N 88  
GLU OE2  O  N N 89  
GLU OXT  O  N N 90  
GLU H    H  N N 91  
GLU H2   H  N N 92  
GLU HA   H  N N 93  
GLU HB2  H  N N 94  
GLU HB3  H  N N 95  
GLU HG2  H  N N 96  
GLU HG3  H  N N 97  
GLU HE2  H  N N 98  
GLU HXT  H  N N 99  
GLY N    N  N N 100 
GLY CA   C  N N 101 
GLY C    C  N N 102 
GLY O    O  N N 103 
GLY OXT  O  N N 104 
GLY H    H  N N 105 
GLY H2   H  N N 106 
GLY HA2  H  N N 107 
GLY HA3  H  N N 108 
GLY HXT  H  N N 109 
HIS N    N  N N 110 
HIS CA   C  N S 111 
HIS C    C  N N 112 
HIS O    O  N N 113 
HIS CB   C  N N 114 
HIS CG   C  Y N 115 
HIS ND1  N  Y N 116 
HIS CD2  C  Y N 117 
HIS CE1  C  Y N 118 
HIS NE2  N  Y N 119 
HIS OXT  O  N N 120 
HIS H    H  N N 121 
HIS H2   H  N N 122 
HIS HA   H  N N 123 
HIS HB2  H  N N 124 
HIS HB3  H  N N 125 
HIS HD1  H  N N 126 
HIS HD2  H  N N 127 
HIS HE1  H  N N 128 
HIS HE2  H  N N 129 
HIS HXT  H  N N 130 
HOH O    O  N N 131 
HOH H1   H  N N 132 
HOH H2   H  N N 133 
ILE N    N  N N 134 
ILE CA   C  N S 135 
ILE C    C  N N 136 
ILE O    O  N N 137 
ILE CB   C  N S 138 
ILE CG1  C  N N 139 
ILE CG2  C  N N 140 
ILE CD1  C  N N 141 
ILE OXT  O  N N 142 
ILE H    H  N N 143 
ILE H2   H  N N 144 
ILE HA   H  N N 145 
ILE HB   H  N N 146 
ILE HG12 H  N N 147 
ILE HG13 H  N N 148 
ILE HG21 H  N N 149 
ILE HG22 H  N N 150 
ILE HG23 H  N N 151 
ILE HD11 H  N N 152 
ILE HD12 H  N N 153 
ILE HD13 H  N N 154 
ILE HXT  H  N N 155 
LEU N    N  N N 156 
LEU CA   C  N S 157 
LEU C    C  N N 158 
LEU O    O  N N 159 
LEU CB   C  N N 160 
LEU CG   C  N N 161 
LEU CD1  C  N N 162 
LEU CD2  C  N N 163 
LEU OXT  O  N N 164 
LEU H    H  N N 165 
LEU H2   H  N N 166 
LEU HA   H  N N 167 
LEU HB2  H  N N 168 
LEU HB3  H  N N 169 
LEU HG   H  N N 170 
LEU HD11 H  N N 171 
LEU HD12 H  N N 172 
LEU HD13 H  N N 173 
LEU HD21 H  N N 174 
LEU HD22 H  N N 175 
LEU HD23 H  N N 176 
LEU HXT  H  N N 177 
LYS N    N  N N 178 
LYS CA   C  N S 179 
LYS C    C  N N 180 
LYS O    O  N N 181 
LYS CB   C  N N 182 
LYS CG   C  N N 183 
LYS CD   C  N N 184 
LYS CE   C  N N 185 
LYS NZ   N  N N 186 
LYS OXT  O  N N 187 
LYS H    H  N N 188 
LYS H2   H  N N 189 
LYS HA   H  N N 190 
LYS HB2  H  N N 191 
LYS HB3  H  N N 192 
LYS HG2  H  N N 193 
LYS HG3  H  N N 194 
LYS HD2  H  N N 195 
LYS HD3  H  N N 196 
LYS HE2  H  N N 197 
LYS HE3  H  N N 198 
LYS HZ1  H  N N 199 
LYS HZ2  H  N N 200 
LYS HZ3  H  N N 201 
LYS HXT  H  N N 202 
MET N    N  N N 203 
MET CA   C  N S 204 
MET C    C  N N 205 
MET O    O  N N 206 
MET CB   C  N N 207 
MET CG   C  N N 208 
MET SD   S  N N 209 
MET CE   C  N N 210 
MET OXT  O  N N 211 
MET H    H  N N 212 
MET H2   H  N N 213 
MET HA   H  N N 214 
MET HB2  H  N N 215 
MET HB3  H  N N 216 
MET HG2  H  N N 217 
MET HG3  H  N N 218 
MET HE1  H  N N 219 
MET HE2  H  N N 220 
MET HE3  H  N N 221 
MET HXT  H  N N 222 
PHE N    N  N N 223 
PHE CA   C  N S 224 
PHE C    C  N N 225 
PHE O    O  N N 226 
PHE CB   C  N N 227 
PHE CG   C  Y N 228 
PHE CD1  C  Y N 229 
PHE CD2  C  Y N 230 
PHE CE1  C  Y N 231 
PHE CE2  C  Y N 232 
PHE CZ   C  Y N 233 
PHE OXT  O  N N 234 
PHE H    H  N N 235 
PHE H2   H  N N 236 
PHE HA   H  N N 237 
PHE HB2  H  N N 238 
PHE HB3  H  N N 239 
PHE HD1  H  N N 240 
PHE HD2  H  N N 241 
PHE HE1  H  N N 242 
PHE HE2  H  N N 243 
PHE HZ   H  N N 244 
PHE HXT  H  N N 245 
SER N    N  N N 246 
SER CA   C  N S 247 
SER C    C  N N 248 
SER O    O  N N 249 
SER CB   C  N N 250 
SER OG   O  N N 251 
SER OXT  O  N N 252 
SER H    H  N N 253 
SER H2   H  N N 254 
SER HA   H  N N 255 
SER HB2  H  N N 256 
SER HB3  H  N N 257 
SER HG   H  N N 258 
SER HXT  H  N N 259 
THR N    N  N N 260 
THR CA   C  N S 261 
THR C    C  N N 262 
THR O    O  N N 263 
THR CB   C  N R 264 
THR OG1  O  N N 265 
THR CG2  C  N N 266 
THR OXT  O  N N 267 
THR H    H  N N 268 
THR H2   H  N N 269 
THR HA   H  N N 270 
THR HB   H  N N 271 
THR HG1  H  N N 272 
THR HG21 H  N N 273 
THR HG22 H  N N 274 
THR HG23 H  N N 275 
THR HXT  H  N N 276 
TRP N    N  N N 277 
TRP CA   C  N S 278 
TRP C    C  N N 279 
TRP O    O  N N 280 
TRP CB   C  N N 281 
TRP CG   C  Y N 282 
TRP CD1  C  Y N 283 
TRP CD2  C  Y N 284 
TRP NE1  N  Y N 285 
TRP CE2  C  Y N 286 
TRP CE3  C  Y N 287 
TRP CZ2  C  Y N 288 
TRP CZ3  C  Y N 289 
TRP CH2  C  Y N 290 
TRP OXT  O  N N 291 
TRP H    H  N N 292 
TRP H2   H  N N 293 
TRP HA   H  N N 294 
TRP HB2  H  N N 295 
TRP HB3  H  N N 296 
TRP HD1  H  N N 297 
TRP HE1  H  N N 298 
TRP HE3  H  N N 299 
TRP HZ2  H  N N 300 
TRP HZ3  H  N N 301 
TRP HH2  H  N N 302 
TRP HXT  H  N N 303 
TYR N    N  N N 304 
TYR CA   C  N S 305 
TYR C    C  N N 306 
TYR O    O  N N 307 
TYR CB   C  N N 308 
TYR CG   C  Y N 309 
TYR CD1  C  Y N 310 
TYR CD2  C  Y N 311 
TYR CE1  C  Y N 312 
TYR CE2  C  Y N 313 
TYR CZ   C  Y N 314 
TYR OH   O  N N 315 
TYR OXT  O  N N 316 
TYR H    H  N N 317 
TYR H2   H  N N 318 
TYR HA   H  N N 319 
TYR HB2  H  N N 320 
TYR HB3  H  N N 321 
TYR HD1  H  N N 322 
TYR HD2  H  N N 323 
TYR HE1  H  N N 324 
TYR HE2  H  N N 325 
TYR HH   H  N N 326 
TYR HXT  H  N N 327 
VAL N    N  N N 328 
VAL CA   C  N S 329 
VAL C    C  N N 330 
VAL O    O  N N 331 
VAL CB   C  N N 332 
VAL CG1  C  N N 333 
VAL CG2  C  N N 334 
VAL OXT  O  N N 335 
VAL H    H  N N 336 
VAL H2   H  N N 337 
VAL HA   H  N N 338 
VAL HB   H  N N 339 
VAL HG11 H  N N 340 
VAL HG12 H  N N 341 
VAL HG13 H  N N 342 
VAL HG21 H  N N 343 
VAL HG22 H  N N 344 
VAL HG23 H  N N 345 
VAL HXT  H  N N 346 
ZN  ZN   ZN N N 347 
# 
loop_
_chem_comp_bond.comp_id 
_chem_comp_bond.atom_id_1 
_chem_comp_bond.atom_id_2 
_chem_comp_bond.value_order 
_chem_comp_bond.pdbx_aromatic_flag 
_chem_comp_bond.pdbx_stereo_config 
_chem_comp_bond.pdbx_ordinal 
ALA N   CA   sing N N 1   
ALA N   H    sing N N 2   
ALA N   H2   sing N N 3   
ALA CA  C    sing N N 4   
ALA CA  CB   sing N N 5   
ALA CA  HA   sing N N 6   
ALA C   O    doub N N 7   
ALA C   OXT  sing N N 8   
ALA CB  HB1  sing N N 9   
ALA CB  HB2  sing N N 10  
ALA CB  HB3  sing N N 11  
ALA OXT HXT  sing N N 12  
ASN N   CA   sing N N 13  
ASN N   H    sing N N 14  
ASN N   H2   sing N N 15  
ASN CA  C    sing N N 16  
ASN CA  CB   sing N N 17  
ASN CA  HA   sing N N 18  
ASN C   O    doub N N 19  
ASN C   OXT  sing N N 20  
ASN CB  CG   sing N N 21  
ASN CB  HB2  sing N N 22  
ASN CB  HB3  sing N N 23  
ASN CG  OD1  doub N N 24  
ASN CG  ND2  sing N N 25  
ASN ND2 HD21 sing N N 26  
ASN ND2 HD22 sing N N 27  
ASN OXT HXT  sing N N 28  
ASP N   CA   sing N N 29  
ASP N   H    sing N N 30  
ASP N   H2   sing N N 31  
ASP CA  C    sing N N 32  
ASP CA  CB   sing N N 33  
ASP CA  HA   sing N N 34  
ASP C   O    doub N N 35  
ASP C   OXT  sing N N 36  
ASP CB  CG   sing N N 37  
ASP CB  HB2  sing N N 38  
ASP CB  HB3  sing N N 39  
ASP CG  OD1  doub N N 40  
ASP CG  OD2  sing N N 41  
ASP OD2 HD2  sing N N 42  
ASP OXT HXT  sing N N 43  
CYS N   CA   sing N N 44  
CYS N   H    sing N N 45  
CYS N   H2   sing N N 46  
CYS CA  C    sing N N 47  
CYS CA  CB   sing N N 48  
CYS CA  HA   sing N N 49  
CYS C   O    doub N N 50  
CYS C   OXT  sing N N 51  
CYS CB  SG   sing N N 52  
CYS CB  HB2  sing N N 53  
CYS CB  HB3  sing N N 54  
CYS SG  HG   sing N N 55  
CYS OXT HXT  sing N N 56  
GLN N   CA   sing N N 57  
GLN N   H    sing N N 58  
GLN N   H2   sing N N 59  
GLN CA  C    sing N N 60  
GLN CA  CB   sing N N 61  
GLN CA  HA   sing N N 62  
GLN C   O    doub N N 63  
GLN C   OXT  sing N N 64  
GLN CB  CG   sing N N 65  
GLN CB  HB2  sing N N 66  
GLN CB  HB3  sing N N 67  
GLN CG  CD   sing N N 68  
GLN CG  HG2  sing N N 69  
GLN CG  HG3  sing N N 70  
GLN CD  OE1  doub N N 71  
GLN CD  NE2  sing N N 72  
GLN NE2 HE21 sing N N 73  
GLN NE2 HE22 sing N N 74  
GLN OXT HXT  sing N N 75  
GLU N   CA   sing N N 76  
GLU N   H    sing N N 77  
GLU N   H2   sing N N 78  
GLU CA  C    sing N N 79  
GLU CA  CB   sing N N 80  
GLU CA  HA   sing N N 81  
GLU C   O    doub N N 82  
GLU C   OXT  sing N N 83  
GLU CB  CG   sing N N 84  
GLU CB  HB2  sing N N 85  
GLU CB  HB3  sing N N 86  
GLU CG  CD   sing N N 87  
GLU CG  HG2  sing N N 88  
GLU CG  HG3  sing N N 89  
GLU CD  OE1  doub N N 90  
GLU CD  OE2  sing N N 91  
GLU OE2 HE2  sing N N 92  
GLU OXT HXT  sing N N 93  
GLY N   CA   sing N N 94  
GLY N   H    sing N N 95  
GLY N   H2   sing N N 96  
GLY CA  C    sing N N 97  
GLY CA  HA2  sing N N 98  
GLY CA  HA3  sing N N 99  
GLY C   O    doub N N 100 
GLY C   OXT  sing N N 101 
GLY OXT HXT  sing N N 102 
HIS N   CA   sing N N 103 
HIS N   H    sing N N 104 
HIS N   H2   sing N N 105 
HIS CA  C    sing N N 106 
HIS CA  CB   sing N N 107 
HIS CA  HA   sing N N 108 
HIS C   O    doub N N 109 
HIS C   OXT  sing N N 110 
HIS CB  CG   sing N N 111 
HIS CB  HB2  sing N N 112 
HIS CB  HB3  sing N N 113 
HIS CG  ND1  sing Y N 114 
HIS CG  CD2  doub Y N 115 
HIS ND1 CE1  doub Y N 116 
HIS ND1 HD1  sing N N 117 
HIS CD2 NE2  sing Y N 118 
HIS CD2 HD2  sing N N 119 
HIS CE1 NE2  sing Y N 120 
HIS CE1 HE1  sing N N 121 
HIS NE2 HE2  sing N N 122 
HIS OXT HXT  sing N N 123 
HOH O   H1   sing N N 124 
HOH O   H2   sing N N 125 
ILE N   CA   sing N N 126 
ILE N   H    sing N N 127 
ILE N   H2   sing N N 128 
ILE CA  C    sing N N 129 
ILE CA  CB   sing N N 130 
ILE CA  HA   sing N N 131 
ILE C   O    doub N N 132 
ILE C   OXT  sing N N 133 
ILE CB  CG1  sing N N 134 
ILE CB  CG2  sing N N 135 
ILE CB  HB   sing N N 136 
ILE CG1 CD1  sing N N 137 
ILE CG1 HG12 sing N N 138 
ILE CG1 HG13 sing N N 139 
ILE CG2 HG21 sing N N 140 
ILE CG2 HG22 sing N N 141 
ILE CG2 HG23 sing N N 142 
ILE CD1 HD11 sing N N 143 
ILE CD1 HD12 sing N N 144 
ILE CD1 HD13 sing N N 145 
ILE OXT HXT  sing N N 146 
LEU N   CA   sing N N 147 
LEU N   H    sing N N 148 
LEU N   H2   sing N N 149 
LEU CA  C    sing N N 150 
LEU CA  CB   sing N N 151 
LEU CA  HA   sing N N 152 
LEU C   O    doub N N 153 
LEU C   OXT  sing N N 154 
LEU CB  CG   sing N N 155 
LEU CB  HB2  sing N N 156 
LEU CB  HB3  sing N N 157 
LEU CG  CD1  sing N N 158 
LEU CG  CD2  sing N N 159 
LEU CG  HG   sing N N 160 
LEU CD1 HD11 sing N N 161 
LEU CD1 HD12 sing N N 162 
LEU CD1 HD13 sing N N 163 
LEU CD2 HD21 sing N N 164 
LEU CD2 HD22 sing N N 165 
LEU CD2 HD23 sing N N 166 
LEU OXT HXT  sing N N 167 
LYS N   CA   sing N N 168 
LYS N   H    sing N N 169 
LYS N   H2   sing N N 170 
LYS CA  C    sing N N 171 
LYS CA  CB   sing N N 172 
LYS CA  HA   sing N N 173 
LYS C   O    doub N N 174 
LYS C   OXT  sing N N 175 
LYS CB  CG   sing N N 176 
LYS CB  HB2  sing N N 177 
LYS CB  HB3  sing N N 178 
LYS CG  CD   sing N N 179 
LYS CG  HG2  sing N N 180 
LYS CG  HG3  sing N N 181 
LYS CD  CE   sing N N 182 
LYS CD  HD2  sing N N 183 
LYS CD  HD3  sing N N 184 
LYS CE  NZ   sing N N 185 
LYS CE  HE2  sing N N 186 
LYS CE  HE3  sing N N 187 
LYS NZ  HZ1  sing N N 188 
LYS NZ  HZ2  sing N N 189 
LYS NZ  HZ3  sing N N 190 
LYS OXT HXT  sing N N 191 
MET N   CA   sing N N 192 
MET N   H    sing N N 193 
MET N   H2   sing N N 194 
MET CA  C    sing N N 195 
MET CA  CB   sing N N 196 
MET CA  HA   sing N N 197 
MET C   O    doub N N 198 
MET C   OXT  sing N N 199 
MET CB  CG   sing N N 200 
MET CB  HB2  sing N N 201 
MET CB  HB3  sing N N 202 
MET CG  SD   sing N N 203 
MET CG  HG2  sing N N 204 
MET CG  HG3  sing N N 205 
MET SD  CE   sing N N 206 
MET CE  HE1  sing N N 207 
MET CE  HE2  sing N N 208 
MET CE  HE3  sing N N 209 
MET OXT HXT  sing N N 210 
PHE N   CA   sing N N 211 
PHE N   H    sing N N 212 
PHE N   H2   sing N N 213 
PHE CA  C    sing N N 214 
PHE CA  CB   sing N N 215 
PHE CA  HA   sing N N 216 
PHE C   O    doub N N 217 
PHE C   OXT  sing N N 218 
PHE CB  CG   sing N N 219 
PHE CB  HB2  sing N N 220 
PHE CB  HB3  sing N N 221 
PHE CG  CD1  doub Y N 222 
PHE CG  CD2  sing Y N 223 
PHE CD1 CE1  sing Y N 224 
PHE CD1 HD1  sing N N 225 
PHE CD2 CE2  doub Y N 226 
PHE CD2 HD2  sing N N 227 
PHE CE1 CZ   doub Y N 228 
PHE CE1 HE1  sing N N 229 
PHE CE2 CZ   sing Y N 230 
PHE CE2 HE2  sing N N 231 
PHE CZ  HZ   sing N N 232 
PHE OXT HXT  sing N N 233 
SER N   CA   sing N N 234 
SER N   H    sing N N 235 
SER N   H2   sing N N 236 
SER CA  C    sing N N 237 
SER CA  CB   sing N N 238 
SER CA  HA   sing N N 239 
SER C   O    doub N N 240 
SER C   OXT  sing N N 241 
SER CB  OG   sing N N 242 
SER CB  HB2  sing N N 243 
SER CB  HB3  sing N N 244 
SER OG  HG   sing N N 245 
SER OXT HXT  sing N N 246 
THR N   CA   sing N N 247 
THR N   H    sing N N 248 
THR N   H2   sing N N 249 
THR CA  C    sing N N 250 
THR CA  CB   sing N N 251 
THR CA  HA   sing N N 252 
THR C   O    doub N N 253 
THR C   OXT  sing N N 254 
THR CB  OG1  sing N N 255 
THR CB  CG2  sing N N 256 
THR CB  HB   sing N N 257 
THR OG1 HG1  sing N N 258 
THR CG2 HG21 sing N N 259 
THR CG2 HG22 sing N N 260 
THR CG2 HG23 sing N N 261 
THR OXT HXT  sing N N 262 
TRP N   CA   sing N N 263 
TRP N   H    sing N N 264 
TRP N   H2   sing N N 265 
TRP CA  C    sing N N 266 
TRP CA  CB   sing N N 267 
TRP CA  HA   sing N N 268 
TRP C   O    doub N N 269 
TRP C   OXT  sing N N 270 
TRP CB  CG   sing N N 271 
TRP CB  HB2  sing N N 272 
TRP CB  HB3  sing N N 273 
TRP CG  CD1  doub Y N 274 
TRP CG  CD2  sing Y N 275 
TRP CD1 NE1  sing Y N 276 
TRP CD1 HD1  sing N N 277 
TRP CD2 CE2  doub Y N 278 
TRP CD2 CE3  sing Y N 279 
TRP NE1 CE2  sing Y N 280 
TRP NE1 HE1  sing N N 281 
TRP CE2 CZ2  sing Y N 282 
TRP CE3 CZ3  doub Y N 283 
TRP CE3 HE3  sing N N 284 
TRP CZ2 CH2  doub Y N 285 
TRP CZ2 HZ2  sing N N 286 
TRP CZ3 CH2  sing Y N 287 
TRP CZ3 HZ3  sing N N 288 
TRP CH2 HH2  sing N N 289 
TRP OXT HXT  sing N N 290 
TYR N   CA   sing N N 291 
TYR N   H    sing N N 292 
TYR N   H2   sing N N 293 
TYR CA  C    sing N N 294 
TYR CA  CB   sing N N 295 
TYR CA  HA   sing N N 296 
TYR C   O    doub N N 297 
TYR C   OXT  sing N N 298 
TYR CB  CG   sing N N 299 
TYR CB  HB2  sing N N 300 
TYR CB  HB3  sing N N 301 
TYR CG  CD1  doub Y N 302 
TYR CG  CD2  sing Y N 303 
TYR CD1 CE1  sing Y N 304 
TYR CD1 HD1  sing N N 305 
TYR CD2 CE2  doub Y N 306 
TYR CD2 HD2  sing N N 307 
TYR CE1 CZ   doub Y N 308 
TYR CE1 HE1  sing N N 309 
TYR CE2 CZ   sing Y N 310 
TYR CE2 HE2  sing N N 311 
TYR CZ  OH   sing N N 312 
TYR OH  HH   sing N N 313 
TYR OXT HXT  sing N N 314 
VAL N   CA   sing N N 315 
VAL N   H    sing N N 316 
VAL N   H2   sing N N 317 
VAL CA  C    sing N N 318 
VAL CA  CB   sing N N 319 
VAL CA  HA   sing N N 320 
VAL C   O    doub N N 321 
VAL C   OXT  sing N N 322 
VAL CB  CG1  sing N N 323 
VAL CB  CG2  sing N N 324 
VAL CB  HB   sing N N 325 
VAL CG1 HG11 sing N N 326 
VAL CG1 HG12 sing N N 327 
VAL CG1 HG13 sing N N 328 
VAL CG2 HG21 sing N N 329 
VAL CG2 HG22 sing N N 330 
VAL CG2 HG23 sing N N 331 
VAL OXT HXT  sing N N 332 
# 
loop_
_pdbx_audit_support.funding_organization 
_pdbx_audit_support.country 
_pdbx_audit_support.grant_number 
_pdbx_audit_support.ordinal 
'Other government' 'Korea, Republic Of' CRC22021-700     1 
'Other government' 'Korea, Republic Of' KGM9952314       2 
'Other government' 'Korea, Republic Of' 2021M3A9G8025599 3 
# 
_pdbx_entity_instance_feature.ordinal        1 
_pdbx_entity_instance_feature.comp_id        ZN 
_pdbx_entity_instance_feature.asym_id        ? 
_pdbx_entity_instance_feature.seq_num        ? 
_pdbx_entity_instance_feature.auth_comp_id   ZN 
_pdbx_entity_instance_feature.auth_asym_id   ? 
_pdbx_entity_instance_feature.auth_seq_num   ? 
_pdbx_entity_instance_feature.feature_type   'SUBJECT OF INVESTIGATION' 
_pdbx_entity_instance_feature.details        ? 
# 
loop_
_pdbx_entity_nonpoly.entity_id 
_pdbx_entity_nonpoly.name 
_pdbx_entity_nonpoly.comp_id 
2 'ZINC ION' ZN  
3 water      HOH 
# 
_pdbx_initial_refinement_model.id               1 
_pdbx_initial_refinement_model.entity_id_list   ? 
_pdbx_initial_refinement_model.type             'in silico model' 
_pdbx_initial_refinement_model.source_name      AlphaFold 
_pdbx_initial_refinement_model.accession_code   ? 
_pdbx_initial_refinement_model.details          ? 
# 
_pdbx_struct_assembly_auth_evidence.id                     1 
_pdbx_struct_assembly_auth_evidence.assembly_id            1 
_pdbx_struct_assembly_auth_evidence.experimental_support   none 
_pdbx_struct_assembly_auth_evidence.details                ? 
# 
_space_group.name_H-M_alt     'P 21 21 21' 
_space_group.name_Hall        'P 2ac 2ab' 
_space_group.IT_number        19 
_space_group.crystal_system   orthorhombic 
_space_group.id               1 
# 
